data_8PTG
#
_entry.id   8PTG
#
_cell.length_a   1.00
_cell.length_b   1.00
_cell.length_c   1.00
_cell.angle_alpha   90.00
_cell.angle_beta   90.00
_cell.angle_gamma   90.00
#
_symmetry.space_group_name_H-M   'P 1'
#
loop_
_entity.id
_entity.type
_entity.pdbx_description
1 polymer 'Transcription termination factor Rho'
2 polymer 'rut RNA'
3 non-polymer "ADENOSINE-5'-DIPHOSPHATE"
4 non-polymer 'MAGNESIUM ION'
5 non-polymer 'BERYLLIUM TRIFLUORIDE ION'
#
loop_
_entity_poly.entity_id
_entity_poly.type
_entity_poly.pdbx_seq_one_letter_code
_entity_poly.pdbx_strand_id
1 'polypeptide(L)'
;MNLTELKNTPVSELITLGENMGLENLARMRKQDIIFAILKQHAKSGEDIFGDGVLEILQDGFGFLRSADSSYLAGPDDIY
VSPSQIRRFNLRTGDTISGKIRPPKEGERYFALLKVNEVNFDKPENARNKILFENLTPLHANSRLRMERGNGSTEDLTAR
VLDLASPIGRGQRGLIVAPPKAGKTMLLQNIAQSIAYNHPDCVLMVLLIDERPEEVTEMQRLVKGEVVASTFDEPASRHV
QVAEMVIEKAKRLVEHKKDVIILLDSITRLARAYNTVVPASGKVLTGGVDANALHRPKRFFGAARNVEEGGSLTIIATAL
IDTGSKMDEVIYEEFKGTGNMELHLSRKIAEKRVFPAIDYNRSGTRKEELLTTQEELQKMWILRKIIHPMGEIDAMEFLI
NKLAMTKTNDDFFEMMKRS
;
A,B,C,D,E,F
2 'polyribonucleotide'
;GGGAUAACCCCGCUCUUACACAUUCCAGCCCUGAAAAAGGGCAUCAAAUUAAACCACACCUAUGGUGUAUGUCAAAUUAA
ACCACACCUGGCGUGUGGC
;
R
#
loop_
_chem_comp.id
_chem_comp.type
_chem_comp.name
_chem_comp.formula
A RNA linking ADENOSINE-5'-MONOPHOSPHATE 'C10 H14 N5 O7 P'
ADP non-polymer ADENOSINE-5'-DIPHOSPHATE 'C10 H15 N5 O10 P2'
BEF non-polymer 'BERYLLIUM TRIFLUORIDE ION' 'Be F3 -1'
C RNA linking CYTIDINE-5'-MONOPHOSPHATE 'C9 H14 N3 O8 P'
G RNA linking GUANOSINE-5'-MONOPHOSPHATE 'C10 H14 N5 O8 P'
MG non-polymer 'MAGNESIUM ION' 'Mg 2'
U RNA linking URIDINE-5'-MONOPHOSPHATE 'C9 H13 N2 O9 P'
#
# COMPACT_ATOMS: atom_id res chain seq x y z
N MET A 1 -33.12 14.55 52.66
CA MET A 1 -33.19 13.51 51.65
C MET A 1 -33.02 14.11 50.25
N ASN A 2 -32.71 13.26 49.28
CA ASN A 2 -32.47 13.70 47.91
C ASN A 2 -33.20 12.77 46.95
N LEU A 3 -33.25 13.19 45.68
CA LEU A 3 -33.87 12.35 44.66
C LEU A 3 -33.12 11.03 44.49
N THR A 4 -31.79 11.07 44.54
CA THR A 4 -31.00 9.85 44.42
C THR A 4 -31.26 8.90 45.58
N GLU A 5 -31.60 9.45 46.76
CA GLU A 5 -31.94 8.59 47.89
C GLU A 5 -33.17 7.74 47.60
N LEU A 6 -34.15 8.32 46.90
CA LEU A 6 -35.32 7.55 46.47
C LEU A 6 -35.05 6.71 45.23
N LYS A 7 -34.05 7.09 44.43
CA LYS A 7 -33.77 6.35 43.19
C LYS A 7 -33.32 4.92 43.48
N ASN A 8 -32.44 4.74 44.47
CA ASN A 8 -31.93 3.43 44.82
C ASN A 8 -32.78 2.73 45.88
N THR A 9 -33.85 3.36 46.35
CA THR A 9 -34.72 2.74 47.33
C THR A 9 -35.42 1.53 46.69
N PRO A 10 -35.52 0.41 47.41
CA PRO A 10 -36.26 -0.74 46.88
C PRO A 10 -37.71 -0.39 46.58
N VAL A 11 -38.24 -1.01 45.52
CA VAL A 11 -39.57 -0.67 45.04
C VAL A 11 -40.62 -0.94 46.11
N SER A 12 -40.52 -2.08 46.81
CA SER A 12 -41.49 -2.41 47.84
C SER A 12 -41.47 -1.39 48.97
N GLU A 13 -40.28 -0.99 49.41
CA GLU A 13 -40.18 -0.03 50.51
C GLU A 13 -40.79 1.30 50.13
N LEU A 14 -40.46 1.81 48.95
CA LEU A 14 -40.98 3.12 48.54
C LEU A 14 -42.48 3.07 48.30
N ILE A 15 -42.98 1.97 47.72
CA ILE A 15 -44.42 1.90 47.47
C ILE A 15 -45.18 1.77 48.79
N THR A 16 -44.65 1.04 49.76
CA THR A 16 -45.28 0.95 51.06
C THR A 16 -45.27 2.31 51.77
N LEU A 17 -44.15 3.03 51.66
CA LEU A 17 -44.08 4.37 52.25
C LEU A 17 -45.12 5.28 51.63
N GLY A 18 -45.15 5.35 50.29
CA GLY A 18 -46.11 6.20 49.62
C GLY A 18 -47.54 5.83 49.93
N GLU A 19 -47.82 4.53 50.10
CA GLU A 19 -49.15 4.12 50.52
C GLU A 19 -49.47 4.63 51.92
N ASN A 20 -48.51 4.53 52.85
CA ASN A 20 -48.84 4.86 54.23
C ASN A 20 -48.97 6.36 54.47
N MET A 21 -48.06 7.18 53.91
CA MET A 21 -48.15 8.60 54.24
C MET A 21 -48.77 9.44 53.13
N GLY A 22 -48.84 8.93 51.91
CA GLY A 22 -49.37 9.67 50.79
C GLY A 22 -50.47 8.89 50.09
N LEU A 23 -50.65 9.20 48.80
CA LEU A 23 -51.68 8.53 48.01
C LEU A 23 -51.26 7.09 47.73
N GLU A 24 -52.21 6.17 47.90
CA GLU A 24 -51.94 4.76 47.65
C GLU A 24 -51.80 4.48 46.16
N ASN A 25 -50.93 3.54 45.82
CA ASN A 25 -50.70 3.13 44.45
C ASN A 25 -50.69 1.60 44.38
N LEU A 26 -51.10 1.07 43.23
CA LEU A 26 -51.17 -0.37 43.04
C LEU A 26 -49.83 -0.98 42.61
N ALA A 27 -48.81 -0.16 42.39
CA ALA A 27 -47.47 -0.61 42.01
C ALA A 27 -47.50 -1.45 40.73
N ARG A 28 -48.42 -1.10 39.83
CA ARG A 28 -48.50 -1.72 38.51
C ARG A 28 -47.83 -0.91 37.42
N MET A 29 -47.54 0.36 37.67
CA MET A 29 -46.94 1.28 36.71
C MET A 29 -45.48 1.52 37.08
N ARG A 30 -44.73 2.10 36.16
CA ARG A 30 -43.27 2.10 36.23
C ARG A 30 -42.77 2.79 37.50
N LYS A 31 -41.57 2.39 37.93
CA LYS A 31 -40.99 2.89 39.17
C LYS A 31 -40.69 4.39 39.08
N GLN A 32 -40.25 4.85 37.91
CA GLN A 32 -39.80 6.23 37.78
C GLN A 32 -40.92 7.22 38.10
N ASP A 33 -42.09 7.04 37.49
CA ASP A 33 -43.17 7.97 37.76
C ASP A 33 -43.80 7.74 39.13
N ILE A 34 -43.65 6.54 39.70
CA ILE A 34 -44.03 6.37 41.11
C ILE A 34 -43.16 7.25 42.00
N ILE A 35 -41.85 7.25 41.76
CA ILE A 35 -40.96 8.13 42.53
C ILE A 35 -41.31 9.58 42.27
N PHE A 36 -41.64 9.91 41.03
CA PHE A 36 -42.02 11.28 40.69
C PHE A 36 -43.27 11.71 41.46
N ALA A 37 -44.28 10.85 41.52
CA ALA A 37 -45.49 11.18 42.24
C ALA A 37 -45.24 11.26 43.75
N ILE A 38 -44.40 10.37 44.28
CA ILE A 38 -44.08 10.41 45.70
C ILE A 38 -43.38 11.72 46.04
N LEU A 39 -42.42 12.14 45.21
CA LEU A 39 -41.72 13.39 45.44
C LEU A 39 -42.67 14.58 45.33
N LYS A 40 -43.59 14.55 44.36
CA LYS A 40 -44.57 15.62 44.23
C LYS A 40 -45.45 15.71 45.47
N GLN A 41 -45.90 14.56 45.97
CA GLN A 41 -46.74 14.55 47.17
C GLN A 41 -45.97 15.07 48.38
N HIS A 42 -44.71 14.68 48.51
CA HIS A 42 -43.90 15.17 49.63
C HIS A 42 -43.67 16.68 49.53
N ALA A 43 -43.43 17.18 48.32
CA ALA A 43 -43.24 18.61 48.13
C ALA A 43 -44.53 19.39 48.39
N LYS A 44 -45.68 18.78 48.11
CA LYS A 44 -46.95 19.43 48.36
C LYS A 44 -47.23 19.63 49.85
N SER A 45 -46.48 18.98 50.72
CA SER A 45 -46.64 19.14 52.16
C SER A 45 -46.04 20.43 52.68
N GLY A 46 -45.32 21.19 51.85
CA GLY A 46 -44.73 22.43 52.25
C GLY A 46 -43.25 22.38 52.56
N GLU A 47 -42.62 21.22 52.42
CA GLU A 47 -41.19 21.09 52.66
C GLU A 47 -40.43 21.26 51.34
N ASP A 48 -39.12 21.13 51.41
CA ASP A 48 -38.23 21.34 50.25
C ASP A 48 -37.57 20.03 49.86
N ILE A 49 -37.56 19.74 48.56
CA ILE A 49 -36.94 18.53 48.02
C ILE A 49 -35.57 18.89 47.48
N PHE A 50 -34.62 17.97 47.66
CA PHE A 50 -33.24 18.18 47.24
C PHE A 50 -32.89 17.25 46.08
N GLY A 51 -31.87 17.65 45.33
CA GLY A 51 -31.41 16.86 44.20
C GLY A 51 -29.96 17.12 43.84
N ASP A 52 -29.25 16.06 43.46
CA ASP A 52 -27.86 16.13 43.05
C ASP A 52 -27.74 15.70 41.59
N GLY A 53 -26.65 16.09 40.96
CA GLY A 53 -26.40 15.67 39.59
C GLY A 53 -25.10 16.24 39.08
N VAL A 54 -24.81 15.94 37.81
CA VAL A 54 -23.64 16.47 37.11
C VAL A 54 -24.14 17.30 35.95
N LEU A 55 -23.69 18.55 35.88
CA LEU A 55 -24.24 19.51 34.93
C LEU A 55 -23.65 19.30 33.54
N GLU A 56 -24.52 19.31 32.52
CA GLU A 56 -24.12 19.34 31.13
C GLU A 56 -24.95 20.39 30.41
N ILE A 57 -24.28 21.30 29.72
CA ILE A 57 -24.95 22.40 29.04
C ILE A 57 -25.36 21.97 27.64
N LEU A 58 -26.54 22.42 27.22
CA LEU A 58 -27.03 22.14 25.87
C LEU A 58 -26.69 23.30 24.95
N GLN A 59 -27.22 23.27 23.73
CA GLN A 59 -26.91 24.31 22.74
C GLN A 59 -27.45 25.66 23.18
N ASP A 60 -28.68 25.71 23.68
CA ASP A 60 -29.26 26.96 24.12
C ASP A 60 -28.85 27.35 25.53
N GLY A 61 -28.14 26.47 26.25
CA GLY A 61 -27.56 26.83 27.52
C GLY A 61 -28.40 26.55 28.75
N PHE A 62 -29.59 25.96 28.59
CA PHE A 62 -30.41 25.68 29.77
C PHE A 62 -29.74 24.64 30.66
N GLY A 63 -29.17 23.60 30.07
CA GLY A 63 -28.42 22.62 30.83
C GLY A 63 -29.28 21.62 31.56
N PHE A 64 -28.69 20.48 31.94
CA PHE A 64 -29.39 19.43 32.67
C PHE A 64 -28.42 18.73 33.62
N LEU A 65 -28.97 18.18 34.68
CA LEU A 65 -28.20 17.48 35.70
C LEU A 65 -28.35 15.98 35.49
N ARG A 66 -27.39 15.39 34.78
CA ARG A 66 -27.39 13.95 34.55
C ARG A 66 -26.98 13.20 35.82
N SER A 67 -27.23 11.90 35.81
CA SER A 67 -26.95 11.04 36.95
C SER A 67 -25.92 9.98 36.57
N ALA A 68 -25.17 9.52 37.56
CA ALA A 68 -24.14 8.52 37.32
C ALA A 68 -24.73 7.15 37.03
N ASP A 69 -25.94 6.89 37.52
CA ASP A 69 -26.57 5.58 37.28
C ASP A 69 -26.85 5.37 35.80
N SER A 70 -27.28 6.42 35.10
CA SER A 70 -27.55 6.36 33.67
C SER A 70 -26.30 6.62 32.84
N SER A 71 -25.12 6.49 33.43
CA SER A 71 -23.85 6.72 32.73
C SER A 71 -23.79 8.12 32.12
N TYR A 72 -24.24 9.12 32.89
CA TYR A 72 -24.19 10.52 32.49
C TYR A 72 -24.89 10.75 31.16
N LEU A 73 -26.07 10.16 31.01
CA LEU A 73 -26.88 10.30 29.81
C LEU A 73 -28.23 10.90 30.16
N ALA A 74 -28.99 11.22 29.11
CA ALA A 74 -30.28 11.86 29.27
C ALA A 74 -31.28 10.85 29.83
N GLY A 75 -31.52 10.92 31.13
CA GLY A 75 -32.47 10.06 31.77
C GLY A 75 -33.80 10.75 31.98
N PRO A 76 -34.85 9.98 32.26
CA PRO A 76 -36.17 10.60 32.52
C PRO A 76 -36.17 11.53 33.71
N ASP A 77 -35.40 11.22 34.75
CA ASP A 77 -35.34 12.06 35.95
C ASP A 77 -34.11 12.98 35.89
N ASP A 78 -34.12 13.89 34.92
CA ASP A 78 -33.06 14.86 34.75
C ASP A 78 -33.49 16.18 35.36
N ILE A 79 -32.70 16.69 36.29
CA ILE A 79 -33.03 17.95 36.97
C ILE A 79 -32.72 19.10 36.02
N TYR A 80 -33.73 19.94 35.77
CA TYR A 80 -33.55 21.11 34.91
C TYR A 80 -33.05 22.28 35.74
N VAL A 81 -32.10 23.01 35.18
CA VAL A 81 -31.60 24.24 35.80
C VAL A 81 -31.85 25.39 34.84
N SER A 82 -32.13 26.55 35.40
CA SER A 82 -32.28 27.70 34.54
C SER A 82 -30.90 28.25 34.16
N PRO A 83 -30.78 28.84 32.98
CA PRO A 83 -29.48 29.46 32.62
C PRO A 83 -29.04 30.56 33.56
N SER A 84 -29.96 31.16 34.32
CA SER A 84 -29.60 32.22 35.26
C SER A 84 -28.54 31.74 36.24
N GLN A 85 -28.71 30.54 36.80
CA GLN A 85 -27.66 29.97 37.62
C GLN A 85 -26.44 29.57 36.81
N ILE A 86 -26.61 29.34 35.50
CA ILE A 86 -25.46 28.97 34.68
C ILE A 86 -24.46 30.11 34.59
N ARG A 87 -24.94 31.33 34.29
CA ARG A 87 -23.96 32.42 34.32
C ARG A 87 -23.85 33.09 35.69
N ARG A 88 -24.71 32.75 36.65
CA ARG A 88 -24.57 33.35 37.98
C ARG A 88 -23.37 32.76 38.72
N PHE A 89 -23.18 31.45 38.62
CA PHE A 89 -22.07 30.77 39.29
C PHE A 89 -20.95 30.41 38.34
N ASN A 90 -21.00 30.90 37.10
CA ASN A 90 -20.00 30.56 36.07
C ASN A 90 -19.88 29.05 35.90
N LEU A 91 -21.01 28.36 35.96
CA LEU A 91 -21.00 26.90 35.87
C LEU A 91 -20.72 26.46 34.44
N ARG A 92 -19.85 25.46 34.30
CA ARG A 92 -19.55 24.85 33.02
C ARG A 92 -19.96 23.39 33.04
N THR A 93 -19.86 22.74 31.89
CA THR A 93 -20.25 21.35 31.78
C THR A 93 -19.35 20.46 32.64
N GLY A 94 -19.93 19.41 33.20
CA GLY A 94 -19.21 18.51 34.07
C GLY A 94 -19.21 18.89 35.54
N ASP A 95 -19.72 20.06 35.89
CA ASP A 95 -19.80 20.44 37.29
C ASP A 95 -20.85 19.61 38.02
N THR A 96 -20.51 19.16 39.22
CA THR A 96 -21.45 18.43 40.05
C THR A 96 -22.16 19.40 40.99
N ILE A 97 -23.48 19.44 40.89
CA ILE A 97 -24.30 20.42 41.60
C ILE A 97 -25.35 19.68 42.42
N SER A 98 -25.48 20.09 43.69
CA SER A 98 -26.53 19.60 44.58
C SER A 98 -27.25 20.80 45.16
N GLY A 99 -28.57 20.72 45.22
CA GLY A 99 -29.34 21.85 45.73
C GLY A 99 -30.81 21.55 45.76
N LYS A 100 -31.57 22.53 46.25
CA LYS A 100 -33.01 22.41 46.37
C LYS A 100 -33.67 22.54 45.00
N ILE A 101 -34.52 21.56 44.66
CA ILE A 101 -35.21 21.55 43.39
C ILE A 101 -36.70 21.77 43.64
N ARG A 102 -37.46 21.90 42.56
CA ARG A 102 -38.89 22.12 42.65
C ARG A 102 -39.63 21.19 41.70
N PRO A 103 -40.87 20.83 42.05
CA PRO A 103 -41.67 20.06 41.10
C PRO A 103 -41.97 20.88 39.87
N PRO A 104 -42.23 20.23 38.74
CA PRO A 104 -42.55 20.98 37.52
C PRO A 104 -43.82 21.80 37.70
N LYS A 105 -43.81 23.01 37.13
CA LYS A 105 -44.91 23.95 37.25
C LYS A 105 -45.82 23.96 36.02
N GLU A 106 -45.25 24.11 34.82
CA GLU A 106 -46.01 24.08 33.59
C GLU A 106 -46.02 22.68 32.97
N GLY A 107 -45.92 21.65 33.78
CA GLY A 107 -45.82 20.29 33.27
C GLY A 107 -44.54 20.07 32.51
N GLU A 108 -43.42 20.53 33.08
CA GLU A 108 -42.12 20.42 32.42
C GLU A 108 -41.60 18.99 32.37
N ARG A 109 -42.33 18.03 32.94
CA ARG A 109 -42.03 16.60 32.91
C ARG A 109 -40.65 16.28 33.47
N TYR A 110 -40.00 17.26 34.10
CA TYR A 110 -38.76 17.07 34.83
C TYR A 110 -38.68 18.11 35.95
N PHE A 111 -37.94 17.77 36.99
CA PHE A 111 -37.78 18.69 38.11
C PHE A 111 -36.92 19.88 37.69
N ALA A 112 -37.11 21.00 38.38
CA ALA A 112 -36.37 22.22 38.11
C ALA A 112 -35.59 22.62 39.35
N LEU A 113 -34.33 23.01 39.14
CA LEU A 113 -33.45 23.45 40.22
C LEU A 113 -33.48 24.96 40.32
N LEU A 114 -33.91 25.47 41.47
CA LEU A 114 -33.99 26.91 41.69
C LEU A 114 -33.02 27.43 42.74
N LYS A 115 -32.56 26.58 43.65
CA LYS A 115 -31.59 26.98 44.67
C LYS A 115 -30.51 25.91 44.77
N VAL A 116 -29.26 26.34 44.71
CA VAL A 116 -28.12 25.44 44.83
C VAL A 116 -27.46 25.67 46.18
N ASN A 117 -26.87 24.61 46.73
CA ASN A 117 -26.13 24.73 47.97
C ASN A 117 -24.84 23.91 48.00
N GLU A 118 -24.47 23.25 46.90
CA GLU A 118 -23.21 22.50 46.87
C GLU A 118 -22.73 22.44 45.42
N VAL A 119 -21.58 23.05 45.15
CA VAL A 119 -20.98 23.03 43.82
C VAL A 119 -19.58 22.46 43.93
N ASN A 120 -19.35 21.33 43.29
CA ASN A 120 -18.04 20.66 43.32
C ASN A 120 -17.58 20.39 44.75
N PHE A 121 -18.51 19.96 45.59
CA PHE A 121 -18.24 19.58 46.97
C PHE A 121 -17.68 20.74 47.79
N ASP A 122 -18.09 21.96 47.47
CA ASP A 122 -17.71 23.14 48.24
C ASP A 122 -18.76 24.22 48.04
N LYS A 123 -18.69 25.24 48.89
CA LYS A 123 -19.70 26.29 48.87
C LYS A 123 -19.72 26.99 47.52
N PRO A 124 -20.89 27.33 46.99
CA PRO A 124 -20.95 27.99 45.68
C PRO A 124 -20.25 29.34 45.66
N GLU A 125 -20.02 29.95 46.82
CA GLU A 125 -19.35 31.25 46.87
C GLU A 125 -17.91 31.18 46.39
N ASN A 126 -17.31 29.99 46.38
CA ASN A 126 -15.93 29.82 45.91
C ASN A 126 -15.85 29.34 44.47
N ALA A 127 -16.98 29.30 43.75
CA ALA A 127 -17.04 28.68 42.44
C ALA A 127 -16.90 29.68 41.29
N ARG A 128 -16.73 30.97 41.55
CA ARG A 128 -16.56 31.92 40.46
C ARG A 128 -15.16 32.51 40.38
N ASN A 129 -14.41 32.50 41.48
CA ASN A 129 -13.04 33.02 41.48
C ASN A 129 -12.00 31.95 41.18
N LYS A 130 -12.42 30.72 40.90
CA LYS A 130 -11.48 29.66 40.61
C LYS A 130 -10.85 29.85 39.24
N ILE A 131 -9.63 29.35 39.09
CA ILE A 131 -8.89 29.46 37.84
C ILE A 131 -9.37 28.37 36.88
N LEU A 132 -9.50 28.71 35.61
CA LEU A 132 -9.94 27.75 34.62
C LEU A 132 -8.89 26.65 34.43
N PHE A 133 -9.34 25.50 33.95
CA PHE A 133 -8.44 24.36 33.78
C PHE A 133 -7.35 24.65 32.77
N GLU A 134 -7.70 25.30 31.66
CA GLU A 134 -6.71 25.58 30.62
C GLU A 134 -5.65 26.56 31.07
N ASN A 135 -5.94 27.39 32.08
CA ASN A 135 -5.01 28.41 32.55
C ASN A 135 -4.14 27.93 33.70
N LEU A 136 -4.32 26.70 34.17
CA LEU A 136 -3.47 26.17 35.22
C LEU A 136 -2.08 25.86 34.66
N THR A 137 -1.06 26.09 35.49
CA THR A 137 0.32 25.88 35.06
C THR A 137 0.71 24.43 35.33
N PRO A 138 0.97 23.63 34.30
CA PRO A 138 1.30 22.22 34.51
C PRO A 138 2.71 22.03 35.03
N LEU A 139 2.93 20.87 35.63
CA LEU A 139 4.24 20.50 36.17
C LEU A 139 4.47 19.02 35.90
N HIS A 140 5.74 18.63 36.01
CA HIS A 140 6.06 17.20 35.99
C HIS A 140 5.56 16.55 37.27
N ALA A 141 5.11 15.30 37.15
CA ALA A 141 4.60 14.59 38.31
C ALA A 141 5.69 14.45 39.37
N ASN A 142 5.33 14.75 40.62
CA ASN A 142 6.27 14.66 41.72
C ASN A 142 5.71 13.98 42.96
N SER A 143 4.41 13.69 43.02
CA SER A 143 3.81 12.98 44.12
C SER A 143 3.56 11.54 43.71
N ARG A 144 4.21 10.60 44.39
CA ARG A 144 4.20 9.21 43.97
C ARG A 144 2.94 8.50 44.45
N LEU A 145 2.30 7.76 43.53
CA LEU A 145 1.17 6.91 43.85
C LEU A 145 1.69 5.48 43.97
N ARG A 146 1.83 5.00 45.20
CA ARG A 146 2.37 3.68 45.43
C ARG A 146 1.28 2.62 45.25
N MET A 147 1.56 1.63 44.41
CA MET A 147 0.60 0.56 44.16
C MET A 147 0.81 -0.64 45.07
N GLU A 148 2.01 -0.85 45.57
CA GLU A 148 2.30 -2.02 46.38
C GLU A 148 1.56 -1.94 47.72
N ARG A 149 0.99 -3.07 48.13
CA ARG A 149 0.33 -3.21 49.41
C ARG A 149 1.17 -4.12 50.32
N GLY A 150 0.74 -4.20 51.57
CA GLY A 150 1.39 -5.07 52.54
C GLY A 150 0.81 -6.46 52.63
N ASN A 151 -0.15 -6.80 51.76
CA ASN A 151 -0.78 -8.12 51.84
C ASN A 151 0.21 -9.23 51.54
N GLY A 152 1.06 -9.04 50.54
CA GLY A 152 1.98 -10.09 50.15
C GLY A 152 1.34 -11.26 49.43
N SER A 153 0.19 -11.05 48.81
CA SER A 153 -0.53 -12.11 48.13
C SER A 153 -0.05 -12.21 46.69
N THR A 154 -0.72 -13.06 45.90
CA THR A 154 -0.28 -13.30 44.52
C THR A 154 -0.57 -12.10 43.62
N GLU A 155 -1.73 -11.47 43.78
CA GLU A 155 -2.08 -10.33 42.95
C GLU A 155 -1.25 -9.10 43.28
N ASP A 156 -0.63 -9.07 44.46
CA ASP A 156 0.26 -7.96 44.81
C ASP A 156 1.54 -7.97 44.00
N LEU A 157 1.86 -9.11 43.38
CA LEU A 157 3.07 -9.19 42.56
C LEU A 157 2.98 -8.26 41.36
N THR A 158 1.80 -8.12 40.77
CA THR A 158 1.63 -7.19 39.66
C THR A 158 1.90 -5.76 40.11
N ALA A 159 1.38 -5.37 41.26
CA ALA A 159 1.62 -4.02 41.76
C ALA A 159 3.08 -3.79 42.07
N ARG A 160 3.74 -4.79 42.67
CA ARG A 160 5.15 -4.64 42.99
C ARG A 160 6.00 -4.52 41.72
N VAL A 161 5.70 -5.33 40.70
CA VAL A 161 6.42 -5.23 39.44
C VAL A 161 6.17 -3.88 38.79
N LEU A 162 4.94 -3.37 38.89
CA LEU A 162 4.65 -2.05 38.36
C LEU A 162 5.47 -0.97 39.06
N ASP A 163 5.58 -1.08 40.39
CA ASP A 163 6.40 -0.12 41.14
C ASP A 163 7.85 -0.19 40.72
N LEU A 164 8.37 -1.41 40.54
CA LEU A 164 9.78 -1.55 40.16
C LEU A 164 10.04 -1.02 38.75
N ALA A 165 9.14 -1.29 37.81
CA ALA A 165 9.40 -0.97 36.42
C ALA A 165 9.14 0.51 36.11
N SER A 166 7.90 0.95 36.28
CA SER A 166 7.52 2.33 35.97
C SER A 166 6.71 2.91 37.12
N PRO A 167 7.33 3.69 38.00
CA PRO A 167 6.56 4.35 39.06
C PRO A 167 5.51 5.28 38.48
N ILE A 168 4.39 5.36 39.18
CA ILE A 168 3.24 6.16 38.76
C ILE A 168 3.08 7.30 39.75
N GLY A 169 2.97 8.54 39.23
CA GLY A 169 2.75 9.70 40.04
C GLY A 169 1.48 10.42 39.65
N ARG A 170 1.05 11.33 40.52
CA ARG A 170 -0.16 12.10 40.24
C ARG A 170 0.07 13.01 39.04
N GLY A 171 -0.89 13.02 38.13
CA GLY A 171 -0.76 13.77 36.90
C GLY A 171 -0.07 13.05 35.77
N GLN A 172 0.23 11.77 35.93
CA GLN A 172 0.91 11.02 34.90
C GLN A 172 0.01 10.77 33.70
N ARG A 173 0.57 10.91 32.50
CA ARG A 173 -0.08 10.47 31.28
C ARG A 173 0.45 9.07 30.98
N GLY A 174 -0.28 8.06 31.46
CA GLY A 174 0.15 6.68 31.34
C GLY A 174 -0.49 5.98 30.15
N LEU A 175 0.27 5.09 29.54
CA LEU A 175 -0.23 4.24 28.47
C LEU A 175 0.10 2.79 28.77
N ILE A 176 -0.86 1.91 28.52
CA ILE A 176 -0.66 0.47 28.62
C ILE A 176 -0.88 -0.09 27.21
N VAL A 177 0.18 -0.62 26.61
CA VAL A 177 0.16 -1.05 25.22
C VAL A 177 0.50 -2.53 25.17
N ALA A 178 -0.31 -3.29 24.42
CA ALA A 178 -0.15 -4.73 24.34
C ALA A 178 -1.04 -5.25 23.22
N PRO A 179 -0.75 -6.44 22.70
CA PRO A 179 -1.70 -7.12 21.84
C PRO A 179 -2.82 -7.74 22.66
N PRO A 180 -3.88 -8.23 22.03
CA PRO A 180 -4.96 -8.85 22.79
C PRO A 180 -4.48 -10.06 23.59
N LYS A 181 -5.15 -10.28 24.72
CA LYS A 181 -4.86 -11.41 25.61
C LYS A 181 -3.43 -11.34 26.16
N ALA A 182 -3.04 -10.16 26.62
CA ALA A 182 -1.73 -9.97 27.22
C ALA A 182 -1.77 -9.65 28.71
N GLY A 183 -2.89 -9.11 29.21
CA GLY A 183 -2.99 -8.81 30.62
C GLY A 183 -3.28 -7.35 30.91
N LYS A 184 -3.76 -6.62 29.91
CA LYS A 184 -4.01 -5.19 30.07
C LYS A 184 -5.14 -4.94 31.06
N THR A 185 -6.28 -5.60 30.86
CA THR A 185 -7.45 -5.32 31.68
C THR A 185 -7.23 -5.74 33.12
N MET A 186 -6.60 -6.89 33.34
CA MET A 186 -6.32 -7.32 34.71
C MET A 186 -5.32 -6.40 35.39
N LEU A 187 -4.34 -5.92 34.63
CA LEU A 187 -3.39 -4.96 35.19
C LEU A 187 -4.09 -3.66 35.58
N LEU A 188 -5.02 -3.19 34.74
CA LEU A 188 -5.80 -2.00 35.08
C LEU A 188 -6.65 -2.24 36.32
N GLN A 189 -7.23 -3.43 36.43
CA GLN A 189 -8.01 -3.77 37.62
C GLN A 189 -7.13 -3.71 38.87
N ASN A 190 -5.93 -4.28 38.79
CA ASN A 190 -5.02 -4.27 39.92
C ASN A 190 -4.62 -2.85 40.29
N ILE A 191 -4.39 -2.00 39.28
CA ILE A 191 -4.14 -0.58 39.53
C ILE A 191 -5.31 0.03 40.27
N ALA A 192 -6.53 -0.33 39.87
CA ALA A 192 -7.72 0.23 40.51
C ALA A 192 -7.80 -0.17 41.97
N GLN A 193 -7.56 -1.45 42.28
CA GLN A 193 -7.61 -1.86 43.68
C GLN A 193 -6.49 -1.19 44.48
N SER A 194 -5.29 -1.08 43.90
CA SER A 194 -4.20 -0.44 44.62
C SER A 194 -4.51 1.02 44.91
N ILE A 195 -5.11 1.72 43.96
CA ILE A 195 -5.47 3.12 44.18
C ILE A 195 -6.55 3.22 45.26
N ALA A 196 -7.57 2.37 45.18
CA ALA A 196 -8.65 2.42 46.16
C ALA A 196 -8.17 2.07 47.56
N TYR A 197 -7.14 1.25 47.66
CA TYR A 197 -6.63 0.84 48.97
C TYR A 197 -5.67 1.89 49.54
N ASN A 198 -4.64 2.24 48.78
CA ASN A 198 -3.59 3.11 49.32
C ASN A 198 -4.04 4.55 49.43
N HIS A 199 -4.77 5.05 48.44
CA HIS A 199 -5.11 6.47 48.33
C HIS A 199 -6.62 6.63 48.21
N PRO A 200 -7.35 6.53 49.33
CA PRO A 200 -8.80 6.72 49.28
C PRO A 200 -9.21 8.15 49.00
N ASP A 201 -8.30 9.12 49.17
CA ASP A 201 -8.67 10.52 48.98
C ASP A 201 -8.82 10.88 47.51
N CYS A 202 -8.09 10.21 46.63
CA CYS A 202 -8.17 10.50 45.21
C CYS A 202 -9.53 10.08 44.66
N VAL A 203 -10.07 10.91 43.76
CA VAL A 203 -11.35 10.62 43.11
C VAL A 203 -11.06 9.68 41.96
N LEU A 204 -11.39 8.40 42.12
CA LEU A 204 -11.08 7.38 41.14
C LEU A 204 -12.31 7.12 40.27
N MET A 205 -12.17 7.32 38.96
CA MET A 205 -13.22 7.02 38.00
C MET A 205 -12.66 6.05 36.97
N VAL A 206 -13.37 4.95 36.74
CA VAL A 206 -12.97 3.92 35.80
C VAL A 206 -13.87 4.03 34.58
N LEU A 207 -13.28 4.25 33.42
CA LEU A 207 -14.01 4.43 32.17
C LEU A 207 -13.70 3.25 31.26
N LEU A 208 -14.75 2.55 30.83
CA LEU A 208 -14.62 1.41 29.93
C LEU A 208 -15.40 1.72 28.67
N ILE A 209 -14.73 1.67 27.52
CA ILE A 209 -15.32 2.02 26.23
C ILE A 209 -15.16 0.82 25.30
N ASP A 210 -16.28 0.33 24.77
CA ASP A 210 -16.31 -0.78 23.82
C ASP A 210 -15.58 -2.00 24.39
N GLU A 211 -16.05 -2.45 25.55
CA GLU A 211 -15.46 -3.58 26.24
C GLU A 211 -16.50 -4.66 26.46
N ARG A 212 -16.04 -5.86 26.77
CA ARG A 212 -16.94 -6.97 27.01
C ARG A 212 -17.78 -6.69 28.25
N PRO A 213 -19.09 -6.94 28.21
CA PRO A 213 -19.94 -6.62 29.36
C PRO A 213 -19.58 -7.36 30.63
N GLU A 214 -19.07 -8.59 30.52
CA GLU A 214 -18.65 -9.31 31.71
C GLU A 214 -17.53 -8.58 32.43
N GLU A 215 -16.60 -8.00 31.68
CA GLU A 215 -15.57 -7.16 32.28
C GLU A 215 -16.17 -5.94 32.96
N VAL A 216 -17.24 -5.39 32.40
CA VAL A 216 -17.92 -4.26 33.03
C VAL A 216 -18.47 -4.65 34.38
N THR A 217 -19.17 -5.79 34.45
CA THR A 217 -19.72 -6.25 35.72
C THR A 217 -18.61 -6.56 36.71
N GLU A 218 -17.53 -7.20 36.24
CA GLU A 218 -16.41 -7.50 37.13
C GLU A 218 -15.80 -6.22 37.71
N MET A 219 -15.61 -5.20 36.87
CA MET A 219 -15.10 -3.92 37.36
C MET A 219 -16.05 -3.32 38.38
N GLN A 220 -17.35 -3.36 38.09
CA GLN A 220 -18.33 -2.80 39.02
C GLN A 220 -18.39 -3.58 40.33
N ARG A 221 -17.91 -4.82 40.37
CA ARG A 221 -18.07 -5.64 41.56
C ARG A 221 -16.83 -5.73 42.43
N LEU A 222 -15.64 -5.42 41.92
CA LEU A 222 -14.42 -5.49 42.72
C LEU A 222 -13.67 -4.17 42.76
N VAL A 223 -14.38 -3.04 42.68
CA VAL A 223 -13.77 -1.73 42.76
C VAL A 223 -14.48 -0.93 43.84
N LYS A 224 -13.71 -0.08 44.53
CA LYS A 224 -14.25 0.83 45.54
C LYS A 224 -14.24 2.22 44.93
N GLY A 225 -15.31 2.54 44.21
CA GLY A 225 -15.39 3.81 43.52
C GLY A 225 -16.59 3.83 42.60
N GLU A 226 -16.52 4.69 41.59
CA GLU A 226 -17.58 4.81 40.60
C GLU A 226 -17.05 4.35 39.24
N VAL A 227 -17.86 3.56 38.55
CA VAL A 227 -17.49 2.98 37.26
C VAL A 227 -18.56 3.36 36.25
N VAL A 228 -18.15 3.99 35.16
CA VAL A 228 -19.04 4.35 34.06
C VAL A 228 -18.50 3.66 32.81
N ALA A 229 -19.35 2.86 32.18
CA ALA A 229 -18.91 1.99 31.09
C ALA A 229 -19.93 1.99 29.97
N SER A 230 -19.46 1.58 28.79
CA SER A 230 -20.33 1.44 27.63
C SER A 230 -19.76 0.31 26.77
N THR A 231 -20.44 -0.84 26.78
CA THR A 231 -19.96 -2.00 26.06
C THR A 231 -20.10 -1.80 24.56
N PHE A 232 -19.62 -2.77 23.78
CA PHE A 232 -19.68 -2.65 22.33
C PHE A 232 -21.10 -2.74 21.79
N ASP A 233 -22.07 -3.13 22.63
CA ASP A 233 -23.46 -3.14 22.19
C ASP A 233 -23.93 -1.73 21.85
N GLU A 234 -23.54 -0.75 22.66
CA GLU A 234 -23.96 0.62 22.44
C GLU A 234 -23.30 1.21 21.19
N PRO A 235 -23.93 2.18 20.55
CA PRO A 235 -23.32 2.82 19.39
C PRO A 235 -22.17 3.74 19.80
N ALA A 236 -21.43 4.20 18.79
CA ALA A 236 -20.28 5.07 19.06
C ALA A 236 -20.71 6.38 19.67
N SER A 237 -21.93 6.85 19.38
CA SER A 237 -22.41 8.11 19.94
C SER A 237 -22.47 8.03 21.46
N ARG A 238 -22.97 6.92 22.01
CA ARG A 238 -22.99 6.77 23.46
C ARG A 238 -21.58 6.81 24.03
N HIS A 239 -20.63 6.18 23.34
CA HIS A 239 -19.24 6.18 23.81
C HIS A 239 -18.70 7.60 23.86
N VAL A 240 -18.93 8.38 22.82
CA VAL A 240 -18.35 9.73 22.79
C VAL A 240 -19.01 10.63 23.82
N GLN A 241 -20.34 10.53 23.99
CA GLN A 241 -20.99 11.35 25.02
C GLN A 241 -20.48 10.97 26.41
N VAL A 242 -20.35 9.68 26.69
CA VAL A 242 -19.86 9.25 27.99
C VAL A 242 -18.44 9.74 28.23
N ALA A 243 -17.57 9.63 27.21
CA ALA A 243 -16.20 10.06 27.37
C ALA A 243 -16.10 11.56 27.62
N GLU A 244 -16.88 12.35 26.86
CA GLU A 244 -16.87 13.79 27.08
C GLU A 244 -17.37 14.15 28.47
N MET A 245 -18.45 13.51 28.91
CA MET A 245 -18.96 13.81 30.25
C MET A 245 -17.93 13.48 31.32
N VAL A 246 -17.26 12.34 31.18
CA VAL A 246 -16.25 11.95 32.18
C VAL A 246 -15.09 12.94 32.19
N ILE A 247 -14.61 13.32 31.01
CA ILE A 247 -13.44 14.19 30.96
C ILE A 247 -13.77 15.58 31.49
N GLU A 248 -14.97 16.09 31.19
CA GLU A 248 -15.34 17.40 31.72
C GLU A 248 -15.55 17.34 33.23
N LYS A 249 -16.11 16.25 33.74
CA LYS A 249 -16.22 16.11 35.19
C LYS A 249 -14.86 16.09 35.84
N ALA A 250 -13.90 15.38 35.24
CA ALA A 250 -12.55 15.34 35.80
C ALA A 250 -11.90 16.72 35.78
N LYS A 251 -12.07 17.46 34.68
CA LYS A 251 -11.50 18.81 34.61
C LYS A 251 -12.11 19.72 35.67
N ARG A 252 -13.43 19.66 35.84
CA ARG A 252 -14.08 20.48 36.85
C ARG A 252 -13.60 20.12 38.24
N LEU A 253 -13.42 18.83 38.52
CA LEU A 253 -12.91 18.42 39.82
C LEU A 253 -11.49 18.92 40.03
N VAL A 254 -10.66 18.88 38.99
CA VAL A 254 -9.30 19.39 39.10
C VAL A 254 -9.32 20.88 39.39
N GLU A 255 -10.27 21.61 38.80
CA GLU A 255 -10.33 23.06 38.98
C GLU A 255 -10.53 23.44 40.44
N HIS A 256 -11.00 22.51 41.28
CA HIS A 256 -11.18 22.75 42.70
C HIS A 256 -10.07 22.11 43.53
N LYS A 257 -8.89 21.90 42.94
CA LYS A 257 -7.72 21.37 43.61
C LYS A 257 -8.00 19.99 44.22
N LYS A 258 -8.34 19.05 43.34
CA LYS A 258 -8.62 17.67 43.73
C LYS A 258 -7.84 16.72 42.85
N ASP A 259 -7.31 15.66 43.46
CA ASP A 259 -6.60 14.62 42.72
C ASP A 259 -7.62 13.63 42.17
N VAL A 260 -7.70 13.52 40.85
CA VAL A 260 -8.65 12.63 40.20
C VAL A 260 -7.88 11.71 39.25
N ILE A 261 -8.21 10.43 39.30
CA ILE A 261 -7.57 9.40 38.50
C ILE A 261 -8.60 8.79 37.56
N ILE A 262 -8.27 8.74 36.28
CA ILE A 262 -9.13 8.14 35.27
C ILE A 262 -8.40 6.94 34.69
N LEU A 263 -8.99 5.75 34.87
CA LEU A 263 -8.46 4.52 34.31
C LEU A 263 -9.30 4.19 33.08
N LEU A 264 -8.74 4.46 31.90
CA LEU A 264 -9.44 4.29 30.64
C LEU A 264 -9.01 2.98 30.00
N ASP A 265 -9.98 2.14 29.67
CA ASP A 265 -9.72 0.85 29.05
C ASP A 265 -9.99 0.96 27.56
N SER A 266 -9.00 0.57 26.76
CA SER A 266 -9.10 0.54 25.30
C SER A 266 -9.41 1.94 24.75
N ILE A 267 -8.42 2.83 24.93
CA ILE A 267 -8.50 4.15 24.32
C ILE A 267 -8.56 4.04 22.80
N THR A 268 -8.03 2.94 22.24
CA THR A 268 -8.08 2.73 20.81
C THR A 268 -9.52 2.68 20.30
N ARG A 269 -10.38 1.95 21.01
CA ARG A 269 -11.78 1.90 20.62
C ARG A 269 -12.49 3.22 20.88
N LEU A 270 -12.01 4.00 21.86
CA LEU A 270 -12.52 5.36 22.02
C LEU A 270 -12.22 6.21 20.78
N ALA A 271 -10.99 6.10 20.26
CA ALA A 271 -10.66 6.79 19.03
C ALA A 271 -11.51 6.29 17.86
N ARG A 272 -11.76 4.98 17.82
CA ARG A 272 -12.62 4.42 16.78
C ARG A 272 -14.02 5.03 16.85
N ALA A 273 -14.57 5.13 18.05
CA ALA A 273 -15.89 5.74 18.21
C ALA A 273 -15.88 7.21 17.80
N TYR A 274 -14.81 7.93 18.16
CA TYR A 274 -14.67 9.31 17.74
C TYR A 274 -14.72 9.42 16.22
N ASN A 275 -13.95 8.57 15.53
CA ASN A 275 -13.92 8.59 14.07
C ASN A 275 -15.28 8.24 13.49
N THR A 276 -15.96 7.25 14.07
CA THR A 276 -17.26 6.83 13.54
C THR A 276 -18.30 7.93 13.68
N VAL A 277 -18.32 8.62 14.82
CA VAL A 277 -19.40 9.57 15.10
C VAL A 277 -19.24 10.90 14.39
N VAL A 278 -18.10 11.14 13.74
CA VAL A 278 -17.81 12.43 13.10
C VAL A 278 -18.75 12.65 11.92
N PRO A 279 -19.10 13.89 11.59
CA PRO A 279 -19.90 14.15 10.39
C PRO A 279 -19.21 13.74 9.09
N ALA A 280 -17.89 13.53 9.11
CA ALA A 280 -17.13 13.10 7.92
C ALA A 280 -17.27 14.13 6.79
N SER A 281 -16.69 15.30 7.04
CA SER A 281 -16.78 16.42 6.10
C SER A 281 -16.32 16.02 4.70
N GLY A 282 -15.32 15.15 4.61
CA GLY A 282 -14.87 14.68 3.31
C GLY A 282 -13.37 14.45 3.20
N LYS A 283 -12.60 15.05 4.09
CA LYS A 283 -11.15 14.87 4.09
C LYS A 283 -10.83 13.59 4.83
N VAL A 284 -10.86 12.48 4.11
CA VAL A 284 -10.57 11.16 4.67
C VAL A 284 -9.09 10.87 4.46
N LEU A 285 -8.36 10.67 5.54
CA LEU A 285 -6.93 10.40 5.47
C LEU A 285 -6.71 8.89 5.35
N THR A 286 -5.47 8.45 5.54
CA THR A 286 -5.16 7.03 5.47
C THR A 286 -6.01 6.25 6.46
N GLY A 287 -6.60 5.16 5.99
CA GLY A 287 -7.59 4.45 6.78
C GLY A 287 -8.96 5.08 6.63
N GLY A 288 -9.74 4.98 7.70
CA GLY A 288 -11.07 5.57 7.75
C GLY A 288 -11.18 6.86 8.53
N VAL A 289 -10.07 7.47 8.92
CA VAL A 289 -10.13 8.65 9.77
C VAL A 289 -10.52 9.87 8.93
N ASP A 290 -11.05 10.88 9.61
CA ASP A 290 -11.37 12.15 8.99
C ASP A 290 -10.48 13.25 9.58
N ALA A 291 -10.43 14.39 8.89
CA ALA A 291 -9.59 15.49 9.35
C ALA A 291 -10.05 16.01 10.70
N ASN A 292 -11.36 16.23 10.85
CA ASN A 292 -11.88 16.74 12.12
C ASN A 292 -11.97 15.66 13.18
N ALA A 293 -12.10 14.40 12.79
CA ALA A 293 -12.20 13.30 13.74
C ALA A 293 -10.86 12.88 14.32
N LEU A 294 -9.75 13.29 13.71
CA LEU A 294 -8.45 12.77 14.09
C LEU A 294 -8.01 13.30 15.46
N HIS A 295 -8.16 14.61 15.68
CA HIS A 295 -7.45 15.29 16.75
C HIS A 295 -8.15 15.24 18.10
N ARG A 296 -9.41 14.79 18.14
CA ARG A 296 -10.15 14.77 19.41
C ARG A 296 -9.51 13.89 20.48
N PRO A 297 -9.12 12.63 20.22
CA PRO A 297 -8.67 11.77 21.34
C PRO A 297 -7.42 12.27 22.07
N LYS A 298 -6.49 12.92 21.38
CA LYS A 298 -5.29 13.37 22.08
C LYS A 298 -5.55 14.58 22.96
N ARG A 299 -6.63 15.33 22.75
CA ARG A 299 -7.01 16.29 23.79
C ARG A 299 -7.59 15.58 25.01
N PHE A 300 -8.28 14.46 24.80
CA PHE A 300 -8.74 13.66 25.95
C PHE A 300 -7.56 13.13 26.73
N PHE A 301 -6.56 12.60 26.02
CA PHE A 301 -5.41 12.02 26.72
C PHE A 301 -4.52 13.09 27.33
N GLY A 302 -4.37 14.23 26.66
CA GLY A 302 -3.49 15.28 27.14
C GLY A 302 -4.04 16.12 28.26
N ALA A 303 -5.31 15.90 28.63
CA ALA A 303 -5.86 16.63 29.77
C ALA A 303 -5.20 16.23 31.08
N ALA A 304 -4.52 15.09 31.13
CA ALA A 304 -3.86 14.66 32.34
C ALA A 304 -2.61 15.48 32.58
N ARG A 305 -2.52 16.10 33.75
CA ARG A 305 -1.37 16.94 34.08
C ARG A 305 -1.32 17.14 35.58
N ASN A 306 -0.11 17.46 36.07
CA ASN A 306 0.06 17.87 37.45
C ASN A 306 0.07 19.39 37.53
N VAL A 307 -0.75 19.93 38.41
CA VAL A 307 -1.00 21.37 38.47
C VAL A 307 -0.24 21.95 39.64
N GLU A 308 0.48 23.04 39.40
CA GLU A 308 1.22 23.70 40.47
C GLU A 308 0.29 24.27 41.52
N GLU A 309 -0.85 24.82 41.10
CA GLU A 309 -1.77 25.43 42.06
C GLU A 309 -2.29 24.41 43.06
N GLY A 310 -2.63 23.22 42.59
CA GLY A 310 -3.13 22.17 43.47
C GLY A 310 -3.97 21.19 42.70
N GLY A 311 -3.95 19.95 43.19
CA GLY A 311 -4.68 18.88 42.54
C GLY A 311 -3.97 18.36 41.31
N SER A 312 -4.55 17.32 40.73
CA SER A 312 -3.96 16.69 39.55
C SER A 312 -4.95 15.81 38.83
N LEU A 313 -4.69 15.52 37.56
CA LEU A 313 -5.48 14.60 36.77
C LEU A 313 -4.55 13.51 36.23
N THR A 314 -4.78 12.27 36.65
CA THR A 314 -3.90 11.15 36.31
C THR A 314 -4.66 10.17 35.43
N ILE A 315 -4.34 10.14 34.15
CA ILE A 315 -5.02 9.28 33.20
C ILE A 315 -4.10 8.11 32.87
N ILE A 316 -4.56 6.89 33.16
CA ILE A 316 -3.87 5.67 32.76
C ILE A 316 -4.77 4.95 31.77
N ALA A 317 -4.29 4.83 30.53
CA ALA A 317 -5.09 4.29 29.45
C ALA A 317 -4.46 3.04 28.88
N THR A 318 -5.30 2.11 28.44
CA THR A 318 -4.86 0.90 27.77
C THR A 318 -5.03 1.08 26.27
N ALA A 319 -4.00 0.73 25.51
CA ALA A 319 -4.00 0.89 24.06
C ALA A 319 -3.67 -0.43 23.40
N LEU A 320 -4.15 -0.60 22.17
CA LEU A 320 -4.02 -1.84 21.43
C LEU A 320 -2.97 -1.70 20.33
N ILE A 321 -2.13 -2.73 20.20
CA ILE A 321 -1.17 -2.82 19.11
C ILE A 321 -1.42 -4.12 18.36
N ASP A 322 -0.69 -4.29 17.24
CA ASP A 322 -0.79 -5.45 16.36
C ASP A 322 -2.19 -5.66 15.81
N THR A 323 -2.94 -4.57 15.61
CA THR A 323 -4.28 -4.67 15.06
C THR A 323 -4.24 -4.92 13.55
N GLY A 324 -3.11 -4.62 12.91
CA GLY A 324 -3.02 -4.85 11.48
C GLY A 324 -3.95 -4.00 10.66
N SER A 325 -4.34 -2.84 11.16
CA SER A 325 -5.19 -1.92 10.43
C SER A 325 -4.60 -0.52 10.52
N LYS A 326 -4.72 0.23 9.42
CA LYS A 326 -4.25 1.61 9.40
C LYS A 326 -5.24 2.49 10.15
N MET A 327 -6.38 1.93 10.51
CA MET A 327 -7.35 2.64 11.35
C MET A 327 -6.73 2.98 12.70
N ASP A 328 -6.20 1.97 13.40
CA ASP A 328 -5.64 2.20 14.73
C ASP A 328 -4.15 2.50 14.72
N GLU A 329 -3.46 2.25 13.61
CA GLU A 329 -2.04 2.59 13.51
C GLU A 329 -1.80 3.99 12.96
N VAL A 330 -2.80 4.87 13.04
CA VAL A 330 -2.60 6.29 12.80
C VAL A 330 -2.84 7.12 14.05
N ILE A 331 -3.54 6.58 15.04
CA ILE A 331 -3.88 7.31 16.24
C ILE A 331 -3.06 6.90 17.45
N TYR A 332 -2.51 5.67 17.49
CA TYR A 332 -1.71 5.26 18.63
C TYR A 332 -0.42 6.07 18.71
N GLU A 333 0.11 6.50 17.57
CA GLU A 333 1.40 7.19 17.55
C GLU A 333 1.34 8.51 18.32
N GLU A 334 0.24 9.24 18.22
CA GLU A 334 0.12 10.49 18.96
C GLU A 334 0.20 10.25 20.46
N PHE A 335 -0.52 9.23 20.95
CA PHE A 335 -0.46 8.91 22.36
C PHE A 335 0.91 8.38 22.75
N LYS A 336 1.61 7.72 21.81
CA LYS A 336 2.95 7.24 22.09
C LYS A 336 3.90 8.39 22.37
N GLY A 337 3.78 9.47 21.60
CA GLY A 337 4.61 10.65 21.77
C GLY A 337 4.09 11.67 22.75
N THR A 338 2.98 11.39 23.42
CA THR A 338 2.38 12.31 24.38
C THR A 338 2.38 11.80 25.81
N GLY A 339 2.33 10.48 26.01
CA GLY A 339 2.24 9.96 27.36
C GLY A 339 3.51 10.18 28.15
N ASN A 340 3.33 10.40 29.46
CA ASN A 340 4.46 10.53 30.36
C ASN A 340 5.05 9.19 30.75
N MET A 341 4.31 8.09 30.60
CA MET A 341 4.86 6.78 30.88
C MET A 341 4.22 5.76 29.96
N GLU A 342 4.97 4.71 29.66
CA GLU A 342 4.52 3.64 28.79
C GLU A 342 4.80 2.30 29.46
N LEU A 343 3.86 1.36 29.33
CA LEU A 343 4.03 0.02 29.85
C LEU A 343 3.64 -0.95 28.75
N HIS A 344 4.64 -1.68 28.24
CA HIS A 344 4.44 -2.63 27.15
C HIS A 344 4.28 -4.03 27.72
N LEU A 345 3.22 -4.71 27.30
CA LEU A 345 3.01 -6.11 27.65
C LEU A 345 3.23 -6.96 26.40
N SER A 346 4.03 -8.01 26.54
CA SER A 346 4.39 -8.86 25.42
C SER A 346 3.49 -10.09 25.39
N ARG A 347 2.96 -10.40 24.20
CA ARG A 347 2.05 -11.54 24.06
C ARG A 347 2.77 -12.85 24.35
N LYS A 348 4.03 -12.98 23.93
CA LYS A 348 4.73 -14.24 24.10
C LYS A 348 5.01 -14.54 25.57
N ILE A 349 5.19 -13.50 26.40
CA ILE A 349 5.36 -13.74 27.83
C ILE A 349 4.07 -14.25 28.44
N ALA A 350 2.93 -13.72 28.00
CA ALA A 350 1.65 -14.21 28.48
C ALA A 350 1.34 -15.61 27.97
N GLU A 351 1.86 -15.96 26.79
CA GLU A 351 1.65 -17.31 26.28
C GLU A 351 2.33 -18.36 27.15
N LYS A 352 3.46 -18.01 27.76
CA LYS A 352 4.07 -18.86 28.78
C LYS A 352 3.33 -18.77 30.11
N ARG A 353 2.36 -17.87 30.21
CA ARG A 353 1.53 -17.71 31.40
C ARG A 353 2.37 -17.33 32.63
N VAL A 354 3.21 -16.32 32.45
CA VAL A 354 3.92 -15.67 33.54
C VAL A 354 3.36 -14.27 33.68
N PHE A 355 2.71 -13.99 34.81
CA PHE A 355 1.99 -12.75 34.96
C PHE A 355 2.51 -11.96 36.17
N PRO A 356 2.61 -10.63 36.08
CA PRO A 356 2.26 -9.77 34.94
C PRO A 356 3.29 -9.90 33.83
N ALA A 357 2.85 -9.87 32.57
CA ALA A 357 3.76 -10.06 31.43
C ALA A 357 4.07 -8.72 30.75
N ILE A 358 4.78 -7.83 31.46
CA ILE A 358 5.13 -6.55 30.86
C ILE A 358 6.53 -6.66 30.24
N ASP A 359 6.82 -5.78 29.28
CA ASP A 359 8.12 -5.76 28.63
C ASP A 359 9.02 -4.81 29.40
N TYR A 360 9.87 -5.38 30.28
CA TYR A 360 10.62 -4.56 31.22
C TYR A 360 11.56 -3.60 30.51
N ASN A 361 12.22 -4.05 29.44
CA ASN A 361 13.16 -3.19 28.74
C ASN A 361 12.48 -1.97 28.14
N ARG A 362 11.29 -2.15 27.57
CA ARG A 362 10.58 -1.09 26.89
C ARG A 362 9.60 -0.35 27.81
N SER A 363 9.55 -0.71 29.08
CA SER A 363 8.62 -0.11 30.03
C SER A 363 9.38 0.83 30.96
N GLY A 364 8.89 2.06 31.08
CA GLY A 364 9.50 3.03 31.97
C GLY A 364 8.68 4.30 32.00
N THR A 365 9.03 5.17 32.93
CA THR A 365 8.37 6.46 33.09
C THR A 365 9.38 7.58 32.93
N ARG A 366 8.90 8.72 32.44
CA ARG A 366 9.75 9.87 32.22
C ARG A 366 9.94 10.66 33.50
N LYS A 367 11.16 11.19 33.68
CA LYS A 367 11.51 11.99 34.86
C LYS A 367 11.24 11.22 36.14
N GLU A 368 11.66 9.95 36.16
CA GLU A 368 11.43 9.09 37.32
C GLU A 368 12.23 9.55 38.54
N GLU A 369 13.20 10.44 38.38
CA GLU A 369 13.95 10.93 39.52
C GLU A 369 13.08 11.74 40.47
N LEU A 370 12.05 12.40 39.95
CA LEU A 370 11.18 13.20 40.80
C LEU A 370 10.26 12.32 41.65
N LEU A 371 9.74 11.24 41.06
CA LEU A 371 8.77 10.40 41.76
C LEU A 371 9.40 9.48 42.79
N THR A 372 10.71 9.25 42.72
CA THR A 372 11.36 8.24 43.54
C THR A 372 12.44 8.86 44.42
N THR A 373 12.61 8.29 45.60
CA THR A 373 13.75 8.62 46.45
C THR A 373 15.03 8.21 45.75
N GLN A 374 16.09 9.04 45.89
CA GLN A 374 17.25 8.87 45.02
C GLN A 374 17.93 7.52 45.23
N GLU A 375 18.01 7.05 46.47
CA GLU A 375 18.57 5.71 46.70
C GLU A 375 17.67 4.64 46.07
N GLU A 376 16.35 4.80 46.19
CA GLU A 376 15.46 3.91 45.48
C GLU A 376 15.67 4.00 43.98
N LEU A 377 15.92 5.21 43.48
CA LEU A 377 16.13 5.39 42.05
C LEU A 377 17.37 4.63 41.58
N GLN A 378 18.48 4.71 42.32
CA GLN A 378 19.66 4.01 41.84
C GLN A 378 19.52 2.51 42.04
N LYS A 379 18.77 2.07 43.06
CA LYS A 379 18.49 0.64 43.19
C LYS A 379 17.70 0.12 41.99
N MET A 380 16.66 0.85 41.58
CA MET A 380 15.92 0.46 40.38
C MET A 380 16.81 0.51 39.15
N TRP A 381 17.74 1.46 39.09
CA TRP A 381 18.62 1.56 37.93
C TRP A 381 19.56 0.35 37.85
N ILE A 382 20.14 -0.06 38.98
CA ILE A 382 21.02 -1.24 38.93
C ILE A 382 20.20 -2.49 38.65
N LEU A 383 18.97 -2.57 39.16
CA LEU A 383 18.12 -3.70 38.81
C LEU A 383 17.83 -3.74 37.31
N ARG A 384 17.59 -2.58 36.71
CA ARG A 384 17.37 -2.51 35.27
C ARG A 384 18.62 -2.92 34.51
N LYS A 385 19.79 -2.52 35.01
CA LYS A 385 21.05 -2.95 34.39
C LYS A 385 21.19 -4.46 34.43
N ILE A 386 20.81 -5.07 35.54
CA ILE A 386 20.86 -6.53 35.64
C ILE A 386 19.86 -7.15 34.67
N ILE A 387 18.66 -6.58 34.57
CA ILE A 387 17.61 -7.17 33.76
C ILE A 387 17.94 -7.08 32.27
N HIS A 388 18.56 -5.99 31.85
CA HIS A 388 18.70 -5.69 30.42
C HIS A 388 19.30 -6.82 29.58
N PRO A 389 20.39 -7.48 29.98
CA PRO A 389 20.91 -8.57 29.13
C PRO A 389 19.94 -9.71 28.94
N MET A 390 19.12 -10.01 29.94
CA MET A 390 18.23 -11.17 29.87
C MET A 390 17.13 -10.96 28.83
N GLY A 391 16.70 -12.05 28.22
CA GLY A 391 15.53 -12.01 27.37
C GLY A 391 14.26 -11.78 28.17
N GLU A 392 13.24 -11.27 27.49
CA GLU A 392 12.05 -10.80 28.19
C GLU A 392 11.38 -11.91 28.99
N ILE A 393 11.23 -13.09 28.39
CA ILE A 393 10.63 -14.21 29.12
C ILE A 393 11.53 -14.63 30.27
N ASP A 394 12.84 -14.75 30.01
CA ASP A 394 13.78 -15.12 31.07
C ASP A 394 13.87 -14.03 32.13
N ALA A 395 13.85 -12.76 31.71
CA ALA A 395 13.87 -11.66 32.67
C ALA A 395 12.65 -11.71 33.57
N MET A 396 11.47 -11.96 33.00
CA MET A 396 10.27 -12.07 33.83
C MET A 396 10.32 -13.27 34.76
N GLU A 397 10.79 -14.42 34.27
CA GLU A 397 10.88 -15.57 35.16
C GLU A 397 11.81 -15.27 36.34
N PHE A 398 12.97 -14.67 36.05
CA PHE A 398 13.91 -14.33 37.12
C PHE A 398 13.31 -13.31 38.09
N LEU A 399 12.64 -12.29 37.56
CA LEU A 399 12.07 -11.26 38.43
C LEU A 399 10.95 -11.83 39.30
N ILE A 400 10.03 -12.59 38.69
CA ILE A 400 8.89 -13.10 39.43
C ILE A 400 9.33 -14.10 40.49
N ASN A 401 10.22 -15.02 40.14
CA ASN A 401 10.71 -15.97 41.13
C ASN A 401 11.74 -15.36 42.06
N LYS A 402 12.17 -14.12 41.82
CA LYS A 402 13.14 -13.46 42.68
C LYS A 402 12.50 -12.64 43.79
N LEU A 403 11.29 -12.10 43.55
CA LEU A 403 10.59 -11.30 44.55
C LEU A 403 9.39 -12.01 45.13
N ALA A 404 9.21 -13.30 44.83
CA ALA A 404 8.05 -14.03 45.35
C ALA A 404 8.09 -14.14 46.86
N MET A 405 9.25 -14.48 47.43
CA MET A 405 9.34 -14.68 48.87
C MET A 405 9.35 -13.36 49.64
N THR A 406 9.88 -12.29 49.06
CA THR A 406 9.92 -11.01 49.75
C THR A 406 8.52 -10.45 49.92
N LYS A 407 8.19 -10.02 51.13
CA LYS A 407 6.87 -9.47 51.41
C LYS A 407 6.72 -8.06 50.86
N THR A 408 7.77 -7.25 50.94
CA THR A 408 7.72 -5.85 50.56
C THR A 408 8.89 -5.54 49.64
N ASN A 409 8.72 -4.49 48.83
CA ASN A 409 9.73 -4.16 47.82
C ASN A 409 11.07 -3.81 48.46
N ASP A 410 11.05 -3.15 49.62
CA ASP A 410 12.30 -2.79 50.27
C ASP A 410 13.08 -4.03 50.70
N ASP A 411 12.37 -5.08 51.12
CA ASP A 411 13.04 -6.34 51.43
C ASP A 411 13.71 -6.92 50.20
N PHE A 412 13.02 -6.88 49.05
CA PHE A 412 13.63 -7.36 47.82
C PHE A 412 14.85 -6.55 47.44
N PHE A 413 14.78 -5.23 47.61
CA PHE A 413 15.93 -4.39 47.28
C PHE A 413 17.10 -4.69 48.19
N GLU A 414 16.85 -4.85 49.50
CA GLU A 414 17.95 -5.10 50.41
C GLU A 414 18.54 -6.49 50.21
N MET A 415 17.73 -7.46 49.76
CA MET A 415 18.29 -8.79 49.53
C MET A 415 18.98 -8.88 48.17
N MET A 416 18.62 -8.00 47.23
CA MET A 416 19.48 -7.76 46.07
C MET A 416 20.83 -7.19 46.50
N LYS A 417 20.81 -6.12 47.30
CA LYS A 417 22.06 -5.45 47.65
C LYS A 417 22.94 -6.30 48.55
N ARG A 418 22.34 -7.22 49.30
CA ARG A 418 23.11 -8.12 50.16
C ARG A 418 23.70 -9.30 49.40
N SER A 419 23.27 -9.53 48.16
CA SER A 419 23.78 -10.66 47.38
C SER A 419 23.98 -10.27 45.92
N MET B 1 -53.53 -32.20 13.57
CA MET B 1 -52.14 -32.43 13.23
C MET B 1 -51.42 -31.11 12.93
N ASN B 2 -50.15 -31.03 13.31
CA ASN B 2 -49.35 -29.86 12.99
C ASN B 2 -49.02 -29.84 11.50
N LEU B 3 -48.80 -28.64 10.96
CA LEU B 3 -48.52 -28.50 9.54
C LEU B 3 -47.22 -29.20 9.15
N THR B 4 -46.22 -29.14 10.03
CA THR B 4 -44.95 -29.81 9.75
C THR B 4 -45.11 -31.32 9.65
N GLU B 5 -46.01 -31.90 10.45
CA GLU B 5 -46.24 -33.34 10.38
C GLU B 5 -46.78 -33.74 9.02
N LEU B 6 -47.66 -32.92 8.44
CA LEU B 6 -48.10 -33.19 7.08
C LEU B 6 -47.02 -32.85 6.06
N LYS B 7 -46.10 -31.93 6.42
CA LYS B 7 -45.06 -31.52 5.49
C LYS B 7 -44.03 -32.62 5.28
N ASN B 8 -43.55 -33.24 6.37
CA ASN B 8 -42.40 -34.13 6.28
C ASN B 8 -42.76 -35.56 5.90
N THR B 9 -44.04 -35.89 5.74
CA THR B 9 -44.39 -37.23 5.31
C THR B 9 -44.19 -37.39 3.81
N PRO B 10 -43.91 -38.60 3.35
CA PRO B 10 -43.82 -38.84 1.91
C PRO B 10 -45.15 -38.58 1.22
N VAL B 11 -45.08 -38.39 -0.10
CA VAL B 11 -46.27 -38.03 -0.86
C VAL B 11 -47.33 -39.12 -0.77
N SER B 12 -46.91 -40.39 -0.74
CA SER B 12 -47.86 -41.50 -0.78
C SER B 12 -48.79 -41.48 0.43
N GLU B 13 -48.25 -41.23 1.62
CA GLU B 13 -49.07 -41.28 2.82
C GLU B 13 -50.20 -40.27 2.77
N LEU B 14 -49.88 -39.00 2.47
CA LEU B 14 -50.93 -37.98 2.50
C LEU B 14 -51.83 -38.06 1.28
N ILE B 15 -51.34 -38.56 0.13
CA ILE B 15 -52.25 -38.70 -0.99
C ILE B 15 -53.24 -39.82 -0.73
N THR B 16 -52.80 -40.92 -0.09
CA THR B 16 -53.75 -41.96 0.31
C THR B 16 -54.73 -41.44 1.36
N LEU B 17 -54.24 -40.62 2.30
CA LEU B 17 -55.13 -40.01 3.27
C LEU B 17 -56.20 -39.18 2.57
N GLY B 18 -55.79 -38.28 1.69
CA GLY B 18 -56.75 -37.45 0.98
C GLY B 18 -57.69 -38.26 0.11
N GLU B 19 -57.20 -39.37 -0.43
CA GLU B 19 -58.07 -40.27 -1.19
C GLU B 19 -59.15 -40.86 -0.30
N ASN B 20 -58.82 -41.23 0.92
CA ASN B 20 -59.82 -41.89 1.76
C ASN B 20 -60.77 -40.92 2.47
N MET B 21 -60.27 -39.84 3.10
CA MET B 21 -61.19 -39.01 3.87
C MET B 21 -61.55 -37.74 3.10
N GLY B 22 -60.67 -37.26 2.25
CA GLY B 22 -60.92 -36.06 1.47
C GLY B 22 -61.46 -36.34 0.09
N LEU B 23 -61.47 -35.28 -0.72
CA LEU B 23 -61.88 -35.39 -2.11
C LEU B 23 -60.82 -36.12 -2.92
N GLU B 24 -61.26 -36.69 -4.05
CA GLU B 24 -60.35 -37.42 -4.92
C GLU B 24 -59.34 -36.48 -5.55
N ASN B 25 -58.10 -36.94 -5.67
CA ASN B 25 -57.03 -36.17 -6.27
C ASN B 25 -56.13 -37.09 -7.09
N LEU B 26 -55.69 -36.62 -8.24
CA LEU B 26 -54.81 -37.38 -9.12
C LEU B 26 -53.34 -37.12 -8.86
N ALA B 27 -53.00 -36.23 -7.93
CA ALA B 27 -51.62 -35.89 -7.59
C ALA B 27 -50.83 -35.46 -8.82
N ARG B 28 -51.31 -34.38 -9.45
CA ARG B 28 -50.69 -33.85 -10.65
C ARG B 28 -50.14 -32.44 -10.45
N MET B 29 -50.09 -31.96 -9.20
CA MET B 29 -49.64 -30.61 -8.89
C MET B 29 -48.72 -30.66 -7.67
N ARG B 30 -48.27 -29.49 -7.23
CA ARG B 30 -47.31 -29.39 -6.14
C ARG B 30 -47.94 -29.86 -4.83
N LYS B 31 -47.06 -30.29 -3.91
CA LYS B 31 -47.50 -30.79 -2.61
C LYS B 31 -48.19 -29.71 -1.78
N GLN B 32 -47.89 -28.43 -2.04
CA GLN B 32 -48.50 -27.36 -1.26
C GLN B 32 -50.02 -27.36 -1.42
N ASP B 33 -50.51 -27.56 -2.65
CA ASP B 33 -51.95 -27.62 -2.87
C ASP B 33 -52.56 -28.83 -2.17
N ILE B 34 -51.85 -29.96 -2.16
CA ILE B 34 -52.34 -31.14 -1.44
C ILE B 34 -52.48 -30.83 0.04
N ILE B 35 -51.47 -30.18 0.62
CA ILE B 35 -51.54 -29.81 2.04
C ILE B 35 -52.70 -28.86 2.29
N PHE B 36 -52.87 -27.87 1.42
CA PHE B 36 -53.96 -26.91 1.57
C PHE B 36 -55.31 -27.63 1.55
N ALA B 37 -55.51 -28.52 0.58
CA ALA B 37 -56.77 -29.23 0.46
C ALA B 37 -57.02 -30.13 1.66
N ILE B 38 -55.99 -30.85 2.10
CA ILE B 38 -56.16 -31.75 3.25
C ILE B 38 -56.52 -30.95 4.50
N LEU B 39 -55.81 -29.84 4.74
CA LEU B 39 -56.08 -29.04 5.92
C LEU B 39 -57.47 -28.42 5.86
N LYS B 40 -57.89 -27.93 4.68
CA LYS B 40 -59.23 -27.37 4.56
C LYS B 40 -60.30 -28.43 4.81
N GLN B 41 -60.13 -29.62 4.23
CA GLN B 41 -61.11 -30.68 4.44
C GLN B 41 -61.17 -31.10 5.91
N HIS B 42 -60.01 -31.17 6.57
CA HIS B 42 -60.00 -31.66 7.95
C HIS B 42 -60.49 -30.57 8.90
N ALA B 43 -60.37 -29.30 8.51
CA ALA B 43 -60.93 -28.20 9.28
C ALA B 43 -62.40 -27.97 8.98
N LYS B 44 -62.92 -28.55 7.90
CA LYS B 44 -64.34 -28.44 7.61
C LYS B 44 -65.21 -29.10 8.67
N SER B 45 -64.63 -29.93 9.53
CA SER B 45 -65.38 -30.62 10.57
C SER B 45 -65.53 -29.78 11.84
N GLY B 46 -65.01 -28.55 11.86
CA GLY B 46 -65.19 -27.68 13.00
C GLY B 46 -64.20 -27.88 14.13
N GLU B 47 -63.18 -28.71 13.93
CA GLU B 47 -62.18 -28.98 14.96
C GLU B 47 -61.15 -27.85 14.99
N ASP B 48 -60.05 -28.07 15.70
CA ASP B 48 -58.96 -27.10 15.82
C ASP B 48 -57.67 -27.72 15.29
N ILE B 49 -57.06 -27.05 14.31
CA ILE B 49 -55.84 -27.54 13.68
C ILE B 49 -54.67 -26.71 14.20
N PHE B 50 -53.49 -27.34 14.26
CA PHE B 50 -52.33 -26.76 14.91
C PHE B 50 -51.20 -26.50 13.92
N GLY B 51 -50.25 -25.67 14.34
CA GLY B 51 -49.07 -25.39 13.55
C GLY B 51 -48.03 -24.69 14.39
N ASP B 52 -46.77 -24.80 13.96
CA ASP B 52 -45.65 -24.26 14.72
C ASP B 52 -44.64 -23.63 13.77
N GLY B 53 -43.83 -22.74 14.34
CA GLY B 53 -42.81 -22.06 13.56
C GLY B 53 -41.97 -21.16 14.43
N VAL B 54 -41.11 -20.38 13.78
CA VAL B 54 -40.26 -19.41 14.46
C VAL B 54 -40.66 -18.03 13.97
N LEU B 55 -41.00 -17.15 14.90
CA LEU B 55 -41.60 -15.87 14.55
C LEU B 55 -40.57 -14.91 13.99
N GLU B 56 -40.92 -14.25 12.90
CA GLU B 56 -40.17 -13.11 12.37
C GLU B 56 -41.14 -11.95 12.18
N ILE B 57 -40.79 -10.79 12.71
CA ILE B 57 -41.67 -9.62 12.70
C ILE B 57 -41.17 -8.67 11.63
N LEU B 58 -42.04 -8.36 10.67
CA LEU B 58 -41.71 -7.40 9.62
C LEU B 58 -41.95 -5.98 10.11
N GLN B 59 -41.52 -5.01 9.29
CA GLN B 59 -41.68 -3.61 9.65
C GLN B 59 -43.14 -3.17 9.68
N ASP B 60 -44.02 -3.89 8.96
CA ASP B 60 -45.42 -3.52 8.93
C ASP B 60 -46.06 -3.64 10.32
N GLY B 61 -45.70 -4.70 11.05
CA GLY B 61 -46.24 -4.90 12.38
C GLY B 61 -46.64 -6.34 12.64
N PHE B 62 -47.12 -7.03 11.61
CA PHE B 62 -47.51 -8.42 11.75
C PHE B 62 -46.27 -9.31 11.62
N GLY B 63 -46.46 -10.62 11.81
CA GLY B 63 -45.35 -11.54 11.82
C GLY B 63 -45.67 -12.81 11.07
N PHE B 64 -44.60 -13.53 10.73
CA PHE B 64 -44.70 -14.78 10.00
C PHE B 64 -43.91 -15.87 10.74
N LEU B 65 -44.51 -17.05 10.83
CA LEU B 65 -43.87 -18.19 11.50
C LEU B 65 -43.09 -18.98 10.46
N ARG B 66 -41.82 -18.58 10.27
CA ARG B 66 -40.97 -19.26 9.32
C ARG B 66 -40.66 -20.68 9.78
N SER B 67 -40.33 -21.53 8.81
CA SER B 67 -40.00 -22.93 9.07
C SER B 67 -38.50 -23.14 8.89
N ALA B 68 -38.00 -24.21 9.51
CA ALA B 68 -36.58 -24.51 9.47
C ALA B 68 -36.13 -25.09 8.14
N ASP B 69 -37.07 -25.62 7.33
CA ASP B 69 -36.70 -26.23 6.05
C ASP B 69 -36.13 -25.20 5.08
N SER B 70 -36.69 -23.99 5.06
CA SER B 70 -36.22 -22.91 4.21
C SER B 70 -35.19 -22.03 4.90
N SER B 71 -34.51 -22.55 5.93
CA SER B 71 -33.52 -21.80 6.69
C SER B 71 -34.12 -20.52 7.28
N TYR B 72 -35.36 -20.63 7.78
CA TYR B 72 -36.06 -19.51 8.40
C TYR B 72 -36.18 -18.33 7.44
N LEU B 73 -36.54 -18.63 6.20
CA LEU B 73 -36.78 -17.62 5.19
C LEU B 73 -38.21 -17.73 4.69
N ALA B 74 -38.62 -16.74 3.91
CA ALA B 74 -39.99 -16.71 3.38
C ALA B 74 -40.23 -17.93 2.50
N GLY B 75 -41.37 -18.58 2.71
CA GLY B 75 -41.71 -19.77 1.98
C GLY B 75 -43.15 -19.78 1.52
N PRO B 76 -43.62 -20.94 1.05
CA PRO B 76 -45.01 -21.02 0.58
C PRO B 76 -46.02 -21.21 1.69
N ASP B 77 -45.63 -21.72 2.85
CA ASP B 77 -46.53 -21.95 3.98
C ASP B 77 -45.91 -21.32 5.22
N ASP B 78 -46.18 -20.03 5.40
CA ASP B 78 -45.73 -19.28 6.57
C ASP B 78 -46.95 -18.79 7.33
N ILE B 79 -47.14 -19.29 8.54
CA ILE B 79 -48.31 -18.95 9.33
C ILE B 79 -48.29 -17.46 9.66
N TYR B 80 -49.42 -16.79 9.42
CA TYR B 80 -49.53 -15.36 9.67
C TYR B 80 -49.99 -15.12 11.10
N VAL B 81 -49.35 -14.18 11.78
CA VAL B 81 -49.76 -13.75 13.11
C VAL B 81 -49.96 -12.24 13.09
N SER B 82 -51.05 -11.79 13.69
CA SER B 82 -51.45 -10.39 13.68
C SER B 82 -50.69 -9.62 14.75
N PRO B 83 -50.56 -8.30 14.57
CA PRO B 83 -49.91 -7.48 15.61
C PRO B 83 -50.62 -7.52 16.94
N SER B 84 -51.91 -7.84 16.97
CA SER B 84 -52.64 -7.93 18.23
C SER B 84 -52.03 -9.00 19.13
N GLN B 85 -51.75 -10.17 18.57
CA GLN B 85 -51.10 -11.22 19.37
C GLN B 85 -49.68 -10.83 19.75
N ILE B 86 -48.98 -10.13 18.86
CA ILE B 86 -47.62 -9.69 19.17
C ILE B 86 -47.61 -8.79 20.39
N ARG B 87 -48.51 -7.80 20.42
CA ARG B 87 -48.60 -6.92 21.58
C ARG B 87 -49.22 -7.62 22.78
N ARG B 88 -50.00 -8.68 22.58
CA ARG B 88 -50.59 -9.39 23.69
C ARG B 88 -49.55 -10.21 24.45
N PHE B 89 -48.70 -10.94 23.73
CA PHE B 89 -47.71 -11.80 24.34
C PHE B 89 -46.31 -11.19 24.38
N ASN B 90 -46.17 -9.92 23.99
CA ASN B 90 -44.87 -9.26 23.94
C ASN B 90 -43.86 -10.05 23.12
N LEU B 91 -44.33 -10.63 22.02
CA LEU B 91 -43.49 -11.47 21.19
C LEU B 91 -42.46 -10.62 20.44
N ARG B 92 -41.27 -11.18 20.28
CA ARG B 92 -40.21 -10.58 19.50
C ARG B 92 -39.77 -11.56 18.43
N THR B 93 -39.01 -11.05 17.45
CA THR B 93 -38.55 -11.89 16.35
C THR B 93 -37.64 -13.00 16.87
N GLY B 94 -37.76 -14.18 16.27
CA GLY B 94 -37.02 -15.34 16.71
C GLY B 94 -37.74 -16.22 17.69
N ASP B 95 -38.90 -15.80 18.20
CA ASP B 95 -39.64 -16.62 19.15
C ASP B 95 -40.22 -17.85 18.46
N THR B 96 -40.13 -18.99 19.14
CA THR B 96 -40.70 -20.23 18.65
C THR B 96 -42.13 -20.35 19.16
N ILE B 97 -43.09 -20.35 18.24
CA ILE B 97 -44.51 -20.30 18.57
C ILE B 97 -45.20 -21.52 17.98
N SER B 98 -45.94 -22.23 18.82
CA SER B 98 -46.79 -23.34 18.39
C SER B 98 -48.19 -23.09 18.92
N GLY B 99 -49.19 -23.26 18.06
CA GLY B 99 -50.56 -22.98 18.49
C GLY B 99 -51.54 -23.24 17.37
N LYS B 100 -52.79 -22.91 17.65
CA LYS B 100 -53.86 -23.12 16.70
C LYS B 100 -53.70 -22.22 15.47
N ILE B 101 -53.94 -22.80 14.30
CA ILE B 101 -53.93 -22.07 13.04
C ILE B 101 -55.25 -22.33 12.32
N ARG B 102 -55.47 -21.58 11.26
CA ARG B 102 -56.70 -21.73 10.48
C ARG B 102 -56.39 -21.63 8.99
N PRO B 103 -57.18 -22.29 8.15
CA PRO B 103 -57.00 -22.15 6.72
C PRO B 103 -57.26 -20.71 6.29
N PRO B 104 -56.59 -20.25 5.23
CA PRO B 104 -56.79 -18.87 4.80
C PRO B 104 -58.18 -18.66 4.22
N LYS B 105 -58.82 -17.57 4.61
CA LYS B 105 -60.14 -17.22 4.13
C LYS B 105 -60.01 -16.32 2.90
N GLU B 106 -61.12 -15.72 2.48
CA GLU B 106 -61.07 -14.76 1.38
C GLU B 106 -60.22 -13.56 1.76
N GLY B 107 -59.34 -13.16 0.84
CA GLY B 107 -58.35 -12.13 1.11
C GLY B 107 -57.10 -12.66 1.76
N GLU B 108 -57.25 -13.63 2.67
CA GLU B 108 -56.10 -14.28 3.27
C GLU B 108 -55.35 -15.11 2.23
N ARG B 109 -54.03 -15.03 2.27
CA ARG B 109 -53.18 -15.70 1.30
C ARG B 109 -52.20 -16.69 1.92
N TYR B 110 -51.86 -16.56 3.20
CA TYR B 110 -51.20 -17.61 3.95
C TYR B 110 -52.08 -18.03 5.12
N PHE B 111 -51.69 -19.12 5.77
CA PHE B 111 -52.41 -19.59 6.94
C PHE B 111 -52.31 -18.56 8.06
N ALA B 112 -53.37 -18.45 8.85
CA ALA B 112 -53.43 -17.52 9.96
C ALA B 112 -53.48 -18.27 11.28
N LEU B 113 -52.94 -17.64 12.31
CA LEU B 113 -52.88 -18.22 13.65
C LEU B 113 -53.83 -17.47 14.57
N LEU B 114 -54.67 -18.23 15.28
CA LEU B 114 -55.68 -17.64 16.16
C LEU B 114 -55.28 -17.72 17.64
N LYS B 115 -54.93 -18.90 18.13
CA LYS B 115 -54.60 -19.09 19.53
C LYS B 115 -53.29 -19.85 19.64
N VAL B 116 -52.40 -19.39 20.50
CA VAL B 116 -51.14 -20.06 20.77
C VAL B 116 -51.28 -20.85 22.05
N ASN B 117 -50.48 -21.91 22.17
CA ASN B 117 -50.40 -22.66 23.42
C ASN B 117 -48.99 -22.99 23.84
N GLU B 118 -47.97 -22.69 23.02
CA GLU B 118 -46.59 -22.85 23.42
C GLU B 118 -45.76 -21.74 22.81
N VAL B 119 -44.98 -21.05 23.64
CA VAL B 119 -44.00 -20.09 23.16
C VAL B 119 -42.65 -20.43 23.80
N ASN B 120 -41.64 -20.62 22.96
CA ASN B 120 -40.32 -21.04 23.41
C ASN B 120 -40.40 -22.26 24.31
N PHE B 121 -41.27 -23.21 23.94
CA PHE B 121 -41.48 -24.44 24.70
C PHE B 121 -41.87 -24.14 26.14
N ASP B 122 -42.80 -23.20 26.31
CA ASP B 122 -43.24 -22.79 27.64
C ASP B 122 -44.67 -22.28 27.56
N LYS B 123 -45.29 -22.17 28.73
CA LYS B 123 -46.65 -21.64 28.80
C LYS B 123 -46.64 -20.18 28.33
N PRO B 124 -47.58 -19.79 27.46
CA PRO B 124 -47.52 -18.45 26.87
C PRO B 124 -47.53 -17.33 27.88
N GLU B 125 -48.30 -17.44 28.96
CA GLU B 125 -48.39 -16.37 29.95
C GLU B 125 -47.07 -16.14 30.68
N ASN B 126 -46.15 -17.11 30.63
CA ASN B 126 -44.83 -16.91 31.22
C ASN B 126 -43.97 -15.96 30.40
N ALA B 127 -44.31 -15.75 29.12
CA ALA B 127 -43.50 -14.90 28.26
C ALA B 127 -43.77 -13.42 28.45
N ARG B 128 -44.90 -13.07 29.08
CA ARG B 128 -45.24 -11.66 29.22
C ARG B 128 -44.32 -10.96 30.23
N ASN B 129 -43.98 -11.66 31.31
CA ASN B 129 -43.19 -11.08 32.40
C ASN B 129 -41.82 -11.75 32.42
N LYS B 130 -40.88 -11.18 31.64
CA LYS B 130 -39.51 -11.67 31.63
C LYS B 130 -38.59 -10.52 31.24
N ILE B 131 -37.31 -10.69 31.57
CA ILE B 131 -36.31 -9.66 31.33
C ILE B 131 -35.76 -9.84 29.92
N LEU B 132 -35.62 -8.73 29.21
CA LEU B 132 -35.11 -8.78 27.85
C LEU B 132 -33.64 -9.19 27.84
N PHE B 133 -33.19 -9.64 26.67
CA PHE B 133 -31.83 -10.17 26.55
C PHE B 133 -30.79 -9.09 26.82
N GLU B 134 -31.01 -7.88 26.31
CA GLU B 134 -30.04 -6.81 26.49
C GLU B 134 -29.98 -6.30 27.92
N ASN B 135 -30.98 -6.60 28.75
CA ASN B 135 -30.99 -6.18 30.15
C ASN B 135 -30.47 -7.24 31.09
N LEU B 136 -30.04 -8.39 30.58
CA LEU B 136 -29.48 -9.43 31.44
C LEU B 136 -28.08 -9.05 31.89
N THR B 137 -27.75 -9.35 33.13
CA THR B 137 -26.43 -9.04 33.66
C THR B 137 -25.46 -10.15 33.32
N PRO B 138 -24.42 -9.90 32.53
CA PRO B 138 -23.51 -10.96 32.11
C PRO B 138 -22.34 -11.14 33.06
N LEU B 139 -21.86 -12.38 33.12
CA LEU B 139 -20.69 -12.75 33.90
C LEU B 139 -19.70 -13.48 33.00
N HIS B 140 -18.58 -13.87 33.59
CA HIS B 140 -17.68 -14.78 32.91
C HIS B 140 -18.24 -16.19 32.99
N ALA B 141 -17.74 -17.06 32.12
CA ALA B 141 -18.21 -18.44 32.09
C ALA B 141 -17.82 -19.16 33.38
N ASN B 142 -18.79 -19.84 33.98
CA ASN B 142 -18.58 -20.62 35.19
C ASN B 142 -18.74 -22.11 34.96
N SER B 143 -19.83 -22.51 34.31
CA SER B 143 -20.05 -23.92 34.03
C SER B 143 -19.13 -24.37 32.89
N ARG B 144 -18.52 -25.53 33.07
CA ARG B 144 -17.57 -26.08 32.10
C ARG B 144 -18.27 -27.10 31.22
N LEU B 145 -18.11 -26.97 29.91
CA LEU B 145 -18.63 -27.93 28.94
C LEU B 145 -17.49 -28.88 28.59
N ARG B 146 -17.51 -30.07 29.18
CA ARG B 146 -16.46 -31.06 28.95
C ARG B 146 -16.68 -31.73 27.60
N MET B 147 -15.68 -31.65 26.73
CA MET B 147 -15.75 -32.31 25.44
C MET B 147 -15.23 -33.73 25.46
N GLU B 148 -14.38 -34.07 26.43
CA GLU B 148 -13.76 -35.39 26.47
C GLU B 148 -14.80 -36.46 26.73
N ARG B 149 -14.64 -37.60 26.05
CA ARG B 149 -15.50 -38.76 26.22
C ARG B 149 -14.70 -39.92 26.79
N GLY B 150 -15.41 -40.88 27.35
CA GLY B 150 -14.79 -42.09 27.86
C GLY B 150 -14.63 -43.19 26.83
N ASN B 151 -14.95 -42.91 25.56
CA ASN B 151 -14.88 -43.94 24.53
C ASN B 151 -13.45 -44.42 24.31
N GLY B 152 -12.49 -43.49 24.31
CA GLY B 152 -11.12 -43.83 24.02
C GLY B 152 -10.82 -44.00 22.55
N SER B 153 -11.72 -43.58 21.67
CA SER B 153 -11.54 -43.72 20.23
C SER B 153 -10.58 -42.64 19.71
N THR B 154 -10.33 -42.67 18.40
CA THR B 154 -9.35 -41.76 17.81
C THR B 154 -9.86 -40.33 17.77
N GLU B 155 -11.13 -40.13 17.37
CA GLU B 155 -11.67 -38.77 17.32
C GLU B 155 -11.85 -38.16 18.71
N ASP B 156 -11.86 -38.99 19.76
CA ASP B 156 -11.90 -38.46 21.12
C ASP B 156 -10.60 -37.78 21.50
N LEU B 157 -9.50 -38.06 20.76
CA LEU B 157 -8.24 -37.38 21.03
C LEU B 157 -8.36 -35.89 20.79
N THR B 158 -9.12 -35.49 19.76
CA THR B 158 -9.35 -34.07 19.51
C THR B 158 -10.04 -33.41 20.69
N ALA B 159 -11.06 -34.07 21.24
CA ALA B 159 -11.77 -33.52 22.39
C ALA B 159 -10.86 -33.45 23.62
N ARG B 160 -10.02 -34.46 23.81
CA ARG B 160 -9.11 -34.45 24.95
C ARG B 160 -8.10 -33.31 24.83
N VAL B 161 -7.54 -33.10 23.64
CA VAL B 161 -6.61 -31.99 23.45
C VAL B 161 -7.35 -30.67 23.61
N LEU B 162 -8.61 -30.59 23.20
CA LEU B 162 -9.40 -29.39 23.42
C LEU B 162 -9.54 -29.08 24.90
N ASP B 163 -9.86 -30.10 25.70
CA ASP B 163 -9.98 -29.88 27.14
C ASP B 163 -8.65 -29.51 27.76
N LEU B 164 -7.54 -30.04 27.22
CA LEU B 164 -6.23 -29.70 27.77
C LEU B 164 -5.81 -28.28 27.42
N ALA B 165 -6.14 -27.81 26.22
CA ALA B 165 -5.62 -26.53 25.73
C ALA B 165 -6.55 -25.37 26.10
N SER B 166 -7.79 -25.41 25.62
CA SER B 166 -8.73 -24.31 25.82
C SER B 166 -10.06 -24.88 26.29
N PRO B 167 -10.33 -24.86 27.59
CA PRO B 167 -11.62 -25.34 28.10
C PRO B 167 -12.78 -24.51 27.54
N ILE B 168 -13.90 -25.18 27.32
CA ILE B 168 -15.12 -24.55 26.83
C ILE B 168 -16.02 -24.27 28.01
N GLY B 169 -16.49 -23.04 28.14
CA GLY B 169 -17.43 -22.70 29.18
C GLY B 169 -18.77 -22.29 28.62
N ARG B 170 -19.82 -22.37 29.45
CA ARG B 170 -21.15 -21.95 29.00
C ARG B 170 -21.19 -20.44 28.86
N GLY B 171 -21.50 -19.97 27.67
CA GLY B 171 -21.51 -18.55 27.41
C GLY B 171 -20.13 -18.01 27.09
N GLN B 172 -19.51 -18.55 26.04
CA GLN B 172 -18.16 -18.18 25.65
C GLN B 172 -18.15 -17.65 24.22
N ARG B 173 -17.26 -16.71 23.97
CA ARG B 173 -17.01 -16.19 22.63
C ARG B 173 -15.73 -16.86 22.13
N GLY B 174 -15.89 -18.02 21.52
CA GLY B 174 -14.76 -18.81 21.08
C GLY B 174 -14.41 -18.57 19.62
N LEU B 175 -13.14 -18.75 19.30
CA LEU B 175 -12.65 -18.63 17.93
C LEU B 175 -11.77 -19.83 17.61
N ILE B 176 -12.03 -20.46 16.47
CA ILE B 176 -11.17 -21.50 15.93
C ILE B 176 -10.51 -20.96 14.68
N VAL B 177 -9.31 -20.40 14.83
CA VAL B 177 -8.64 -19.64 13.78
C VAL B 177 -7.54 -20.50 13.19
N ALA B 178 -7.49 -20.55 11.86
CA ALA B 178 -6.53 -21.38 11.15
C ALA B 178 -6.56 -20.99 9.67
N PRO B 179 -5.50 -21.27 8.93
CA PRO B 179 -5.54 -21.16 7.47
C PRO B 179 -6.39 -22.27 6.89
N PRO B 180 -6.70 -22.22 5.59
CA PRO B 180 -7.50 -23.29 4.98
C PRO B 180 -6.80 -24.63 5.08
N LYS B 181 -7.60 -25.70 5.13
CA LYS B 181 -7.18 -27.09 5.18
C LYS B 181 -6.46 -27.46 6.46
N ALA B 182 -6.62 -26.68 7.53
CA ALA B 182 -5.96 -26.98 8.79
C ALA B 182 -6.81 -27.84 9.72
N GLY B 183 -8.09 -28.02 9.43
CA GLY B 183 -8.94 -28.86 10.24
C GLY B 183 -9.96 -28.13 11.09
N LYS B 184 -10.45 -26.97 10.67
CA LYS B 184 -11.43 -26.23 11.46
C LYS B 184 -12.79 -26.91 11.44
N THR B 185 -13.23 -27.34 10.26
CA THR B 185 -14.57 -27.92 10.15
C THR B 185 -14.67 -29.26 10.87
N MET B 186 -13.64 -30.11 10.75
CA MET B 186 -13.65 -31.37 11.47
C MET B 186 -13.62 -31.14 12.97
N LEU B 187 -12.89 -30.13 13.42
CA LEU B 187 -12.87 -29.78 14.84
C LEU B 187 -14.25 -29.32 15.29
N LEU B 188 -14.94 -28.53 14.47
CA LEU B 188 -16.29 -28.11 14.83
C LEU B 188 -17.24 -29.28 14.88
N GLN B 189 -17.09 -30.24 13.96
CA GLN B 189 -17.91 -31.45 14.01
C GLN B 189 -17.65 -32.24 15.28
N ASN B 190 -16.38 -32.35 15.69
CA ASN B 190 -16.05 -33.04 16.93
C ASN B 190 -16.66 -32.33 18.12
N ILE B 191 -16.61 -31.00 18.14
CA ILE B 191 -17.22 -30.24 19.22
C ILE B 191 -18.72 -30.48 19.26
N ALA B 192 -19.37 -30.50 18.09
CA ALA B 192 -20.81 -30.74 18.04
C ALA B 192 -21.15 -32.13 18.57
N GLN B 193 -20.38 -33.14 18.20
CA GLN B 193 -20.64 -34.49 18.71
C GLN B 193 -20.44 -34.56 20.21
N SER B 194 -19.38 -33.93 20.73
CA SER B 194 -19.14 -33.92 22.16
C SER B 194 -20.27 -33.21 22.90
N ILE B 195 -20.77 -32.10 22.34
CA ILE B 195 -21.89 -31.39 22.94
C ILE B 195 -23.13 -32.27 22.96
N ALA B 196 -23.40 -32.95 21.85
CA ALA B 196 -24.59 -33.79 21.76
C ALA B 196 -24.53 -34.94 22.75
N TYR B 197 -23.35 -35.51 22.96
CA TYR B 197 -23.24 -36.64 23.88
C TYR B 197 -23.23 -36.16 25.33
N ASN B 198 -22.22 -35.36 25.70
CA ASN B 198 -22.02 -35.00 27.10
C ASN B 198 -23.18 -34.16 27.64
N HIS B 199 -23.67 -33.21 26.85
CA HIS B 199 -24.66 -32.24 27.32
C HIS B 199 -25.87 -32.25 26.38
N PRO B 200 -26.75 -33.24 26.52
CA PRO B 200 -27.97 -33.27 25.71
C PRO B 200 -29.01 -32.25 26.13
N ASP B 201 -28.86 -31.64 27.31
CA ASP B 201 -29.86 -30.68 27.77
C ASP B 201 -29.74 -29.34 27.04
N CYS B 202 -28.53 -28.95 26.66
CA CYS B 202 -28.33 -27.68 25.99
C CYS B 202 -28.90 -27.73 24.57
N VAL B 203 -29.30 -26.57 24.07
CA VAL B 203 -29.83 -26.43 22.72
C VAL B 203 -28.67 -26.14 21.78
N LEU B 204 -28.45 -27.02 20.82
CA LEU B 204 -27.33 -26.91 19.89
C LEU B 204 -27.85 -26.52 18.52
N MET B 205 -27.35 -25.41 17.99
CA MET B 205 -27.69 -24.94 16.65
C MET B 205 -26.40 -24.75 15.88
N VAL B 206 -26.35 -25.30 14.67
CA VAL B 206 -25.16 -25.25 13.83
C VAL B 206 -25.45 -24.34 12.65
N LEU B 207 -24.65 -23.29 12.50
CA LEU B 207 -24.81 -22.32 11.44
C LEU B 207 -23.63 -22.44 10.48
N LEU B 208 -23.91 -22.74 9.22
CA LEU B 208 -22.89 -22.91 8.19
C LEU B 208 -23.13 -21.85 7.12
N ILE B 209 -22.28 -20.83 7.10
CA ILE B 209 -22.41 -19.71 6.19
C ILE B 209 -21.28 -19.77 5.18
N ASP B 210 -21.63 -19.81 3.89
CA ASP B 210 -20.66 -19.77 2.81
C ASP B 210 -19.64 -20.91 2.90
N GLU B 211 -20.16 -22.13 2.96
CA GLU B 211 -19.34 -23.33 3.07
C GLU B 211 -19.69 -24.31 1.97
N ARG B 212 -18.88 -25.36 1.86
CA ARG B 212 -19.09 -26.37 0.85
C ARG B 212 -20.40 -27.11 1.12
N PRO B 213 -21.20 -27.38 0.08
CA PRO B 213 -22.47 -28.09 0.30
C PRO B 213 -22.30 -29.51 0.85
N GLU B 214 -21.22 -30.20 0.48
CA GLU B 214 -21.01 -31.55 1.01
C GLU B 214 -20.77 -31.51 2.51
N GLU B 215 -20.09 -30.47 3.00
CA GLU B 215 -19.94 -30.29 4.43
C GLU B 215 -21.29 -30.07 5.10
N VAL B 216 -22.19 -29.34 4.42
CA VAL B 216 -23.54 -29.15 4.94
C VAL B 216 -24.26 -30.49 5.07
N THR B 217 -24.17 -31.33 4.03
CA THR B 217 -24.82 -32.63 4.07
C THR B 217 -24.25 -33.50 5.19
N GLU B 218 -22.93 -33.47 5.35
CA GLU B 218 -22.31 -34.23 6.43
C GLU B 218 -22.78 -33.73 7.78
N MET B 219 -22.93 -32.41 7.93
CA MET B 219 -23.46 -31.85 9.17
C MET B 219 -24.86 -32.39 9.45
N GLN B 220 -25.74 -32.35 8.46
CA GLN B 220 -27.11 -32.82 8.70
C GLN B 220 -27.14 -34.30 9.06
N ARG B 221 -26.33 -35.11 8.37
CA ARG B 221 -26.34 -36.55 8.61
C ARG B 221 -25.45 -36.97 9.77
N LEU B 222 -24.75 -36.05 10.41
CA LEU B 222 -23.78 -36.40 11.44
C LEU B 222 -24.18 -35.96 12.84
N VAL B 223 -24.68 -34.75 13.02
CA VAL B 223 -24.95 -34.20 14.34
C VAL B 223 -26.46 -34.16 14.57
N LYS B 224 -26.86 -34.55 15.79
CA LYS B 224 -28.24 -34.43 16.21
C LYS B 224 -28.48 -33.02 16.76
N GLY B 225 -29.62 -32.45 16.40
CA GLY B 225 -29.91 -31.08 16.76
C GLY B 225 -30.48 -30.31 15.59
N GLU B 226 -30.13 -29.04 15.47
CA GLU B 226 -30.63 -28.19 14.40
C GLU B 226 -29.46 -27.70 13.56
N VAL B 227 -29.53 -27.91 12.25
CA VAL B 227 -28.51 -27.47 11.32
C VAL B 227 -29.17 -26.57 10.29
N VAL B 228 -28.72 -25.31 10.23
CA VAL B 228 -29.20 -24.34 9.27
C VAL B 228 -27.99 -23.81 8.52
N ALA B 229 -28.02 -23.87 7.19
CA ALA B 229 -26.84 -23.62 6.39
C ALA B 229 -27.18 -22.74 5.20
N SER B 230 -26.14 -22.11 4.66
CA SER B 230 -26.24 -21.27 3.46
C SER B 230 -24.92 -21.40 2.71
N THR B 231 -24.90 -22.25 1.69
CA THR B 231 -23.68 -22.52 0.95
C THR B 231 -23.29 -21.32 0.09
N PHE B 232 -22.16 -21.44 -0.61
CA PHE B 232 -21.71 -20.33 -1.45
C PHE B 232 -22.57 -20.13 -2.68
N ASP B 233 -23.49 -21.04 -2.98
CA ASP B 233 -24.42 -20.82 -4.08
C ASP B 233 -25.30 -19.60 -3.81
N GLU B 234 -25.76 -19.46 -2.57
CA GLU B 234 -26.64 -18.35 -2.22
C GLU B 234 -25.87 -17.04 -2.17
N PRO B 235 -26.55 -15.91 -2.38
CA PRO B 235 -25.88 -14.61 -2.27
C PRO B 235 -25.74 -14.19 -0.81
N ALA B 236 -25.00 -13.09 -0.62
CA ALA B 236 -24.69 -12.63 0.73
C ALA B 236 -25.94 -12.20 1.49
N SER B 237 -26.96 -11.70 0.77
CA SER B 237 -28.18 -11.28 1.43
C SER B 237 -28.84 -12.43 2.17
N ARG B 238 -28.93 -13.59 1.51
CA ARG B 238 -29.49 -14.76 2.19
C ARG B 238 -28.67 -15.13 3.42
N HIS B 239 -27.34 -15.02 3.31
CA HIS B 239 -26.47 -15.30 4.45
C HIS B 239 -26.83 -14.39 5.62
N VAL B 240 -27.00 -13.10 5.37
CA VAL B 240 -27.24 -12.19 6.49
C VAL B 240 -28.63 -12.41 7.09
N GLN B 241 -29.65 -12.67 6.26
CA GLN B 241 -30.96 -12.95 6.85
C GLN B 241 -30.93 -14.21 7.70
N VAL B 242 -30.25 -15.26 7.21
CA VAL B 242 -30.16 -16.49 7.98
C VAL B 242 -29.44 -16.23 9.31
N ALA B 243 -28.35 -15.46 9.26
CA ALA B 243 -27.60 -15.17 10.48
C ALA B 243 -28.44 -14.40 11.49
N GLU B 244 -29.16 -13.37 11.03
CA GLU B 244 -30.01 -12.62 11.95
C GLU B 244 -31.09 -13.50 12.55
N MET B 245 -31.73 -14.34 11.73
CA MET B 245 -32.78 -15.19 12.27
C MET B 245 -32.24 -16.14 13.32
N VAL B 246 -31.06 -16.73 13.05
CA VAL B 246 -30.47 -17.67 14.00
C VAL B 246 -30.12 -16.97 15.31
N ILE B 247 -29.50 -15.79 15.22
CA ILE B 247 -29.07 -15.10 16.44
C ILE B 247 -30.28 -14.64 17.24
N GLU B 248 -31.34 -14.20 16.56
CA GLU B 248 -32.55 -13.79 17.29
C GLU B 248 -33.21 -14.98 17.97
N LYS B 249 -33.25 -16.13 17.30
CA LYS B 249 -33.80 -17.32 17.93
C LYS B 249 -32.98 -17.71 19.16
N ALA B 250 -31.65 -17.62 19.06
CA ALA B 250 -30.81 -17.93 20.20
C ALA B 250 -31.05 -16.97 21.35
N LYS B 251 -31.18 -15.68 21.06
CA LYS B 251 -31.45 -14.71 22.12
C LYS B 251 -32.78 -14.99 22.80
N ARG B 252 -33.81 -15.28 22.01
CA ARG B 252 -35.12 -15.56 22.60
C ARG B 252 -35.09 -16.81 23.45
N LEU B 253 -34.36 -17.84 23.01
CA LEU B 253 -34.24 -19.05 23.82
C LEU B 253 -33.48 -18.77 25.12
N VAL B 254 -32.45 -17.92 25.05
CA VAL B 254 -31.69 -17.58 26.24
C VAL B 254 -32.56 -16.81 27.23
N GLU B 255 -33.45 -15.95 26.72
CA GLU B 255 -34.31 -15.18 27.61
C GLU B 255 -35.19 -16.05 28.49
N HIS B 256 -35.42 -17.31 28.10
CA HIS B 256 -36.18 -18.25 28.90
C HIS B 256 -35.29 -19.16 29.74
N LYS B 257 -34.08 -18.70 30.07
CA LYS B 257 -33.15 -19.43 30.91
C LYS B 257 -32.81 -20.81 30.33
N LYS B 258 -32.21 -20.78 29.14
CA LYS B 258 -31.78 -21.99 28.46
C LYS B 258 -30.35 -21.82 27.99
N ASP B 259 -29.58 -22.91 28.04
CA ASP B 259 -28.21 -22.92 27.57
C ASP B 259 -28.21 -23.29 26.09
N VAL B 260 -27.93 -22.30 25.24
CA VAL B 260 -27.90 -22.54 23.80
C VAL B 260 -26.47 -22.38 23.31
N ILE B 261 -26.12 -23.16 22.29
CA ILE B 261 -24.79 -23.17 21.71
C ILE B 261 -24.92 -23.00 20.20
N ILE B 262 -24.14 -22.08 19.64
CA ILE B 262 -24.12 -21.81 18.22
C ILE B 262 -22.73 -22.13 17.70
N LEU B 263 -22.65 -23.09 16.79
CA LEU B 263 -21.40 -23.46 16.15
C LEU B 263 -21.40 -22.83 14.77
N LEU B 264 -20.63 -21.74 14.62
CA LEU B 264 -20.61 -20.97 13.38
C LEU B 264 -19.37 -21.34 12.58
N ASP B 265 -19.59 -21.73 11.33
CA ASP B 265 -18.49 -22.09 10.44
C ASP B 265 -18.09 -20.86 9.63
N SER B 266 -16.83 -20.44 9.80
CA SER B 266 -16.24 -19.35 9.03
C SER B 266 -17.03 -18.05 9.22
N ILE B 267 -16.93 -17.53 10.46
CA ILE B 267 -17.42 -16.19 10.74
C ILE B 267 -16.76 -15.15 9.85
N THR B 268 -15.59 -15.47 9.29
CA THR B 268 -14.97 -14.58 8.32
C THR B 268 -15.88 -14.38 7.11
N ARG B 269 -16.48 -15.47 6.61
CA ARG B 269 -17.40 -15.35 5.49
C ARG B 269 -18.65 -14.58 5.87
N LEU B 270 -19.13 -14.74 7.11
CA LEU B 270 -20.26 -13.94 7.56
C LEU B 270 -19.91 -12.45 7.57
N ALA B 271 -18.71 -12.11 8.04
CA ALA B 271 -18.27 -10.72 8.01
C ALA B 271 -18.16 -10.21 6.58
N ARG B 272 -17.66 -11.05 5.66
CA ARG B 272 -17.58 -10.65 4.26
C ARG B 272 -18.96 -10.41 3.67
N ALA B 273 -19.92 -11.26 4.02
CA ALA B 273 -21.29 -11.06 3.54
C ALA B 273 -21.88 -9.76 4.08
N TYR B 274 -21.62 -9.47 5.36
CA TYR B 274 -22.07 -8.21 5.94
C TYR B 274 -21.45 -7.02 5.22
N ASN B 275 -20.16 -7.12 4.90
CA ASN B 275 -19.49 -6.06 4.15
C ASN B 275 -20.11 -5.89 2.77
N THR B 276 -20.46 -6.99 2.13
CA THR B 276 -21.10 -6.92 0.81
C THR B 276 -22.46 -6.24 0.90
N VAL B 277 -23.24 -6.56 1.93
CA VAL B 277 -24.61 -6.09 2.04
C VAL B 277 -24.63 -4.66 2.60
N VAL B 278 -23.48 -4.20 3.06
CA VAL B 278 -23.34 -2.91 3.76
C VAL B 278 -23.80 -1.79 2.84
N PRO B 279 -24.32 -0.68 3.36
CA PRO B 279 -24.85 0.38 2.49
C PRO B 279 -23.83 1.41 2.04
N ALA B 280 -22.53 1.11 2.14
CA ALA B 280 -21.47 1.94 1.54
C ALA B 280 -21.48 3.36 2.12
N SER B 281 -21.15 3.47 3.40
CA SER B 281 -21.09 4.77 4.07
C SER B 281 -20.14 5.74 3.36
N GLY B 282 -18.94 5.27 3.04
CA GLY B 282 -17.99 6.12 2.35
C GLY B 282 -16.56 5.99 2.87
N LYS B 283 -16.41 5.68 4.16
CA LYS B 283 -15.11 5.47 4.76
C LYS B 283 -14.78 3.99 4.71
N VAL B 284 -13.72 3.63 4.00
CA VAL B 284 -13.33 2.25 3.78
C VAL B 284 -11.99 2.00 4.46
N LEU B 285 -11.91 0.94 5.25
CA LEU B 285 -10.70 0.61 5.99
C LEU B 285 -9.72 -0.11 5.08
N THR B 286 -8.64 -0.62 5.68
CA THR B 286 -7.65 -1.40 4.93
C THR B 286 -8.26 -2.74 4.52
N GLY B 287 -8.07 -3.10 3.26
CA GLY B 287 -8.58 -4.36 2.74
C GLY B 287 -9.95 -4.28 2.10
N GLY B 288 -10.59 -3.12 2.12
CA GLY B 288 -11.89 -2.98 1.50
C GLY B 288 -13.05 -3.25 2.45
N VAL B 289 -12.94 -2.73 3.67
CA VAL B 289 -13.96 -2.92 4.70
C VAL B 289 -14.50 -1.54 5.09
N ASP B 290 -15.82 -1.41 5.08
CA ASP B 290 -16.44 -0.16 5.49
C ASP B 290 -16.33 0.04 6.99
N ALA B 291 -16.46 1.30 7.42
CA ALA B 291 -16.39 1.62 8.84
C ALA B 291 -17.52 0.94 9.61
N ASN B 292 -18.73 0.97 9.06
CA ASN B 292 -19.89 0.36 9.69
C ASN B 292 -20.07 -1.11 9.29
N ALA B 293 -19.15 -1.66 8.50
CA ALA B 293 -19.30 -3.03 8.05
C ALA B 293 -19.12 -4.02 9.19
N LEU B 294 -18.20 -3.76 10.11
CA LEU B 294 -17.88 -4.69 11.19
C LEU B 294 -18.75 -4.51 12.43
N HIS B 295 -19.65 -3.52 12.44
CA HIS B 295 -20.51 -3.34 13.61
C HIS B 295 -21.52 -4.47 13.71
N ARG B 296 -22.18 -4.80 12.60
CA ARG B 296 -23.19 -5.87 12.64
C ARG B 296 -22.62 -7.23 13.02
N PRO B 297 -21.48 -7.69 12.49
CA PRO B 297 -20.94 -8.97 12.98
C PRO B 297 -20.68 -8.98 14.47
N LYS B 298 -20.24 -7.85 15.04
CA LYS B 298 -20.00 -7.79 16.47
C LYS B 298 -21.25 -8.13 17.26
N ARG B 299 -22.38 -7.53 16.90
CA ARG B 299 -23.63 -7.86 17.56
C ARG B 299 -23.94 -9.34 17.45
N PHE B 300 -23.53 -9.98 16.35
CA PHE B 300 -23.65 -11.43 16.26
C PHE B 300 -22.68 -12.12 17.20
N PHE B 301 -21.41 -11.71 17.17
CA PHE B 301 -20.42 -12.40 17.98
C PHE B 301 -20.50 -11.99 19.45
N GLY B 302 -20.76 -10.71 19.71
CA GLY B 302 -20.82 -10.23 21.07
C GLY B 302 -22.08 -10.63 21.81
N ALA B 303 -23.05 -11.23 21.11
CA ALA B 303 -24.26 -11.69 21.78
C ALA B 303 -23.98 -12.85 22.72
N ALA B 304 -22.86 -13.56 22.54
CA ALA B 304 -22.54 -14.68 23.42
C ALA B 304 -22.15 -14.19 24.80
N ARG B 305 -22.82 -14.71 25.82
CA ARG B 305 -22.55 -14.27 27.19
C ARG B 305 -23.15 -15.29 28.15
N ASN B 306 -22.64 -15.28 29.38
CA ASN B 306 -23.18 -16.06 30.48
C ASN B 306 -23.85 -15.11 31.45
N VAL B 307 -25.14 -15.32 31.70
CA VAL B 307 -25.94 -14.37 32.46
C VAL B 307 -26.20 -14.94 33.85
N GLU B 308 -26.50 -14.03 34.78
CA GLU B 308 -26.75 -14.41 36.17
C GLU B 308 -28.12 -15.02 36.35
N GLU B 309 -29.12 -14.53 35.61
CA GLU B 309 -30.50 -14.98 35.82
C GLU B 309 -30.66 -16.47 35.53
N GLY B 310 -29.85 -17.01 34.64
CA GLY B 310 -29.93 -18.41 34.27
C GLY B 310 -29.84 -18.53 32.76
N GLY B 311 -29.23 -19.62 32.31
CA GLY B 311 -29.03 -19.83 30.89
C GLY B 311 -27.79 -19.12 30.40
N SER B 312 -27.42 -19.43 29.15
CA SER B 312 -26.24 -18.85 28.56
C SER B 312 -26.31 -19.02 27.05
N LEU B 313 -25.49 -18.24 26.35
CA LEU B 313 -25.38 -18.32 24.90
C LEU B 313 -23.89 -18.49 24.57
N THR B 314 -23.51 -19.71 24.24
CA THR B 314 -22.15 -20.00 23.80
C THR B 314 -22.08 -19.88 22.29
N ILE B 315 -21.01 -19.27 21.79
CA ILE B 315 -20.78 -19.16 20.36
C ILE B 315 -19.35 -19.60 20.08
N ILE B 316 -19.20 -20.65 19.28
CA ILE B 316 -17.89 -21.13 18.84
C ILE B 316 -17.84 -20.96 17.34
N ALA B 317 -17.00 -20.04 16.86
CA ALA B 317 -16.96 -19.68 15.47
C ALA B 317 -15.57 -19.92 14.90
N THR B 318 -15.51 -20.38 13.66
CA THR B 318 -14.22 -20.57 13.00
C THR B 318 -13.88 -19.33 12.19
N ALA B 319 -12.58 -19.10 12.02
CA ALA B 319 -12.08 -17.91 11.35
C ALA B 319 -10.92 -18.27 10.44
N LEU B 320 -10.69 -17.42 9.44
CA LEU B 320 -9.66 -17.65 8.44
C LEU B 320 -8.56 -16.61 8.57
N ILE B 321 -7.31 -17.06 8.44
CA ILE B 321 -6.14 -16.19 8.42
C ILE B 321 -5.20 -16.66 7.31
N ASP B 322 -4.16 -15.86 7.06
CA ASP B 322 -3.12 -16.19 6.09
C ASP B 322 -3.71 -16.44 4.71
N THR B 323 -4.72 -15.66 4.35
CA THR B 323 -5.36 -15.78 3.05
C THR B 323 -4.83 -14.81 2.02
N GLY B 324 -3.81 -14.03 2.36
CA GLY B 324 -3.20 -13.10 1.42
C GLY B 324 -3.96 -11.82 1.21
N SER B 325 -5.10 -11.62 1.88
CA SER B 325 -5.87 -10.40 1.79
C SER B 325 -6.00 -9.78 3.18
N LYS B 326 -5.81 -8.47 3.25
CA LYS B 326 -5.85 -7.77 4.54
C LYS B 326 -7.22 -7.83 5.18
N MET B 327 -8.27 -8.07 4.38
CA MET B 327 -9.63 -8.15 4.92
C MET B 327 -9.71 -9.17 6.05
N ASP B 328 -9.26 -10.40 5.78
CA ASP B 328 -9.34 -11.46 6.78
C ASP B 328 -8.44 -11.18 7.97
N GLU B 329 -7.28 -10.57 7.74
CA GLU B 329 -6.39 -10.23 8.85
C GLU B 329 -7.03 -9.24 9.80
N VAL B 330 -7.61 -8.16 9.27
CA VAL B 330 -8.26 -7.19 10.14
C VAL B 330 -9.50 -7.80 10.79
N ILE B 331 -10.23 -8.65 10.08
CA ILE B 331 -11.41 -9.28 10.67
C ILE B 331 -11.02 -10.15 11.85
N TYR B 332 -9.98 -10.98 11.67
CA TYR B 332 -9.51 -11.83 12.77
C TYR B 332 -8.99 -11.00 13.93
N GLU B 333 -8.23 -9.94 13.63
CA GLU B 333 -7.69 -9.10 14.69
C GLU B 333 -8.82 -8.49 15.51
N GLU B 334 -9.82 -7.94 14.83
CA GLU B 334 -10.90 -7.25 15.53
C GLU B 334 -11.77 -8.22 16.30
N PHE B 335 -11.98 -9.44 15.76
CA PHE B 335 -12.77 -10.43 16.49
C PHE B 335 -12.01 -10.98 17.68
N LYS B 336 -10.69 -11.13 17.56
CA LYS B 336 -9.89 -11.48 18.73
C LYS B 336 -9.93 -10.40 19.78
N GLY B 337 -10.10 -9.14 19.36
CA GLY B 337 -10.29 -8.07 20.32
C GLY B 337 -11.49 -8.30 21.21
N THR B 338 -12.59 -8.78 20.63
CA THR B 338 -13.82 -9.02 21.37
C THR B 338 -14.02 -10.48 21.75
N GLY B 339 -13.06 -11.34 21.46
CA GLY B 339 -13.22 -12.76 21.69
C GLY B 339 -13.09 -13.14 23.15
N ASN B 340 -13.28 -14.42 23.42
CA ASN B 340 -13.18 -14.95 24.77
C ASN B 340 -12.37 -16.23 24.89
N MET B 341 -12.23 -17.02 23.83
CA MET B 341 -11.29 -18.14 23.87
C MET B 341 -10.67 -18.25 22.49
N GLU B 342 -9.38 -18.60 22.47
CA GLU B 342 -8.62 -18.74 21.25
C GLU B 342 -8.34 -20.21 20.98
N LEU B 343 -8.31 -20.58 19.71
CA LEU B 343 -7.82 -21.91 19.33
C LEU B 343 -7.16 -21.80 17.96
N HIS B 344 -5.85 -21.78 17.94
CA HIS B 344 -5.09 -21.61 16.71
C HIS B 344 -4.67 -22.96 16.18
N LEU B 345 -5.01 -23.24 14.92
CA LEU B 345 -4.53 -24.42 14.22
C LEU B 345 -3.53 -23.98 13.16
N SER B 346 -2.37 -24.63 13.12
CA SER B 346 -1.30 -24.25 12.23
C SER B 346 -1.24 -25.17 11.02
N ARG B 347 -0.85 -24.61 9.88
CA ARG B 347 -0.76 -25.38 8.65
C ARG B 347 0.36 -26.40 8.70
N LYS B 348 1.45 -26.09 9.42
CA LYS B 348 2.60 -26.99 9.42
C LYS B 348 2.26 -28.35 10.00
N ILE B 349 1.51 -28.38 11.10
CA ILE B 349 1.11 -29.67 11.66
C ILE B 349 0.13 -30.37 10.74
N ALA B 350 -0.74 -29.61 10.07
CA ALA B 350 -1.71 -30.23 9.15
C ALA B 350 -1.00 -30.92 8.00
N GLU B 351 0.02 -30.28 7.43
CA GLU B 351 0.79 -30.91 6.35
C GLU B 351 1.60 -32.10 6.84
N LYS B 352 1.90 -32.16 8.14
CA LYS B 352 2.51 -33.34 8.73
C LYS B 352 1.52 -34.50 8.86
N ARG B 353 0.23 -34.26 8.58
CA ARG B 353 -0.82 -35.27 8.76
C ARG B 353 -0.92 -35.70 10.21
N VAL B 354 -0.69 -34.76 11.13
CA VAL B 354 -0.87 -34.96 12.56
C VAL B 354 -2.10 -34.18 12.98
N PHE B 355 -3.10 -34.87 13.51
CA PHE B 355 -4.36 -34.24 13.85
C PHE B 355 -4.75 -34.57 15.29
N PRO B 356 -5.29 -33.59 16.02
CA PRO B 356 -5.62 -32.22 15.60
C PRO B 356 -4.39 -31.35 15.49
N ALA B 357 -4.38 -30.44 14.52
CA ALA B 357 -3.21 -29.61 14.24
C ALA B 357 -3.26 -28.28 14.99
N ILE B 358 -3.44 -28.35 16.31
CA ILE B 358 -3.58 -27.13 17.10
C ILE B 358 -2.21 -26.54 17.38
N ASP B 359 -2.18 -25.24 17.64
CA ASP B 359 -1.00 -24.51 18.07
C ASP B 359 -1.13 -24.33 19.58
N TYR B 360 -0.55 -25.26 20.34
CA TYR B 360 -0.80 -25.32 21.77
C TYR B 360 -0.33 -24.05 22.48
N ASN B 361 0.81 -23.51 22.05
CA ASN B 361 1.34 -22.32 22.72
C ASN B 361 0.42 -21.11 22.52
N ARG B 362 -0.15 -20.96 21.33
CA ARG B 362 -0.98 -19.81 21.01
C ARG B 362 -2.47 -20.07 21.24
N SER B 363 -2.84 -21.22 21.78
CA SER B 363 -4.23 -21.56 22.04
C SER B 363 -4.49 -21.54 23.53
N GLY B 364 -5.54 -20.83 23.94
CA GLY B 364 -5.92 -20.78 25.33
C GLY B 364 -7.19 -19.98 25.52
N THR B 365 -7.81 -20.18 26.67
CA THR B 365 -9.04 -19.49 27.03
C THR B 365 -8.75 -18.46 28.11
N ARG B 366 -9.70 -17.55 28.30
CA ARG B 366 -9.58 -16.47 29.26
C ARG B 366 -10.27 -16.85 30.56
N LYS B 367 -9.63 -16.50 31.68
CA LYS B 367 -10.17 -16.78 33.01
C LYS B 367 -10.48 -18.27 33.17
N GLU B 368 -9.49 -19.10 32.80
CA GLU B 368 -9.67 -20.55 32.90
C GLU B 368 -9.80 -21.02 34.34
N GLU B 369 -9.35 -20.22 35.31
CA GLU B 369 -9.48 -20.62 36.71
C GLU B 369 -10.92 -20.76 37.15
N LEU B 370 -11.85 -20.08 36.48
CA LEU B 370 -13.26 -20.20 36.82
C LEU B 370 -13.86 -21.51 36.30
N LEU B 371 -13.39 -21.98 35.15
CA LEU B 371 -13.91 -23.19 34.54
C LEU B 371 -13.15 -24.44 34.94
N THR B 372 -12.07 -24.32 35.70
CA THR B 372 -11.17 -25.43 35.95
C THR B 372 -10.98 -25.63 37.45
N THR B 373 -10.86 -26.89 37.84
CA THR B 373 -10.60 -27.24 39.23
C THR B 373 -9.17 -26.86 39.60
N GLN B 374 -8.96 -26.61 40.89
CA GLN B 374 -7.66 -26.15 41.39
C GLN B 374 -6.54 -27.08 40.94
N GLU B 375 -6.60 -28.35 41.36
CA GLU B 375 -5.54 -29.29 41.00
C GLU B 375 -5.48 -29.50 39.49
N GLU B 376 -6.64 -29.48 38.83
CA GLU B 376 -6.66 -29.56 37.37
C GLU B 376 -5.94 -28.36 36.77
N LEU B 377 -6.14 -27.17 37.34
CA LEU B 377 -5.46 -25.99 36.83
C LEU B 377 -3.94 -26.10 37.00
N GLN B 378 -3.48 -26.60 38.16
CA GLN B 378 -2.04 -26.77 38.34
C GLN B 378 -1.47 -27.81 37.37
N LYS B 379 -2.21 -28.90 37.13
CA LYS B 379 -1.73 -29.90 36.19
C LYS B 379 -1.65 -29.33 34.77
N MET B 380 -2.65 -28.53 34.38
CA MET B 380 -2.57 -27.86 33.09
C MET B 380 -1.40 -26.89 33.07
N TRP B 381 -1.10 -26.25 34.20
CA TRP B 381 0.03 -25.33 34.25
C TRP B 381 1.33 -26.06 33.96
N ILE B 382 1.55 -27.19 34.64
CA ILE B 382 2.80 -27.92 34.46
C ILE B 382 2.88 -28.51 33.06
N LEU B 383 1.75 -28.97 32.51
CA LEU B 383 1.76 -29.47 31.14
C LEU B 383 2.12 -28.36 30.15
N ARG B 384 1.56 -27.17 30.35
CA ARG B 384 1.88 -26.05 29.46
C ARG B 384 3.34 -25.66 29.58
N LYS B 385 3.88 -25.67 30.80
CA LYS B 385 5.30 -25.37 30.98
C LYS B 385 6.19 -26.40 30.30
N ILE B 386 5.79 -27.67 30.37
CA ILE B 386 6.54 -28.73 29.69
C ILE B 386 6.49 -28.54 28.18
N ILE B 387 5.31 -28.21 27.65
CA ILE B 387 5.13 -28.16 26.20
C ILE B 387 5.68 -26.89 25.57
N HIS B 388 5.79 -25.80 26.33
CA HIS B 388 6.20 -24.51 25.75
C HIS B 388 7.53 -24.55 25.02
N PRO B 389 8.61 -25.13 25.57
CA PRO B 389 9.91 -25.02 24.86
C PRO B 389 9.94 -25.64 23.48
N MET B 390 9.23 -26.74 23.25
CA MET B 390 9.36 -27.43 21.97
C MET B 390 8.55 -26.74 20.88
N GLY B 391 8.92 -27.01 19.63
CA GLY B 391 8.20 -26.45 18.51
C GLY B 391 6.82 -27.08 18.35
N GLU B 392 5.98 -26.39 17.57
CA GLU B 392 4.56 -26.73 17.53
C GLU B 392 4.34 -28.14 17.00
N ILE B 393 5.03 -28.50 15.90
CA ILE B 393 4.86 -29.85 15.34
C ILE B 393 5.34 -30.89 16.34
N ASP B 394 6.53 -30.67 16.91
CA ASP B 394 7.06 -31.61 17.89
C ASP B 394 6.19 -31.64 19.13
N ALA B 395 5.72 -30.48 19.58
CA ALA B 395 4.88 -30.42 20.78
C ALA B 395 3.59 -31.22 20.58
N MET B 396 2.95 -31.06 19.42
CA MET B 396 1.71 -31.80 19.19
C MET B 396 1.95 -33.28 18.95
N GLU B 397 3.04 -33.65 18.28
CA GLU B 397 3.35 -35.08 18.17
C GLU B 397 3.57 -35.70 19.54
N PHE B 398 4.31 -35.01 20.40
CA PHE B 398 4.55 -35.50 21.75
C PHE B 398 3.24 -35.61 22.53
N LEU B 399 2.40 -34.58 22.43
CA LEU B 399 1.12 -34.61 23.16
C LEU B 399 0.23 -35.74 22.67
N ILE B 400 0.13 -35.92 21.35
CA ILE B 400 -0.70 -36.98 20.80
C ILE B 400 -0.20 -38.34 21.23
N ASN B 401 1.11 -38.55 21.20
CA ASN B 401 1.67 -39.82 21.63
C ASN B 401 1.42 -40.05 23.12
N LYS B 402 1.49 -38.99 23.93
CA LYS B 402 1.37 -39.16 25.38
C LYS B 402 -0.03 -39.58 25.79
N LEU B 403 -1.06 -39.00 25.18
CA LEU B 403 -2.43 -39.34 25.54
C LEU B 403 -3.05 -40.35 24.58
N ALA B 404 -2.23 -41.05 23.80
CA ALA B 404 -2.75 -42.05 22.89
C ALA B 404 -3.18 -43.31 23.64
N MET B 405 -2.37 -43.76 24.61
CA MET B 405 -2.67 -45.00 25.32
C MET B 405 -3.45 -44.78 26.61
N THR B 406 -3.80 -43.55 26.95
CA THR B 406 -4.64 -43.26 28.10
C THR B 406 -6.07 -43.02 27.64
N LYS B 407 -7.03 -43.51 28.43
CA LYS B 407 -8.43 -43.37 28.07
C LYS B 407 -9.09 -42.12 28.65
N THR B 408 -8.44 -41.47 29.62
CA THR B 408 -9.03 -40.33 30.30
C THR B 408 -7.93 -39.34 30.64
N ASN B 409 -8.24 -38.04 30.51
CA ASN B 409 -7.25 -37.01 30.82
C ASN B 409 -6.72 -37.13 32.25
N ASP B 410 -7.56 -37.59 33.18
CA ASP B 410 -7.08 -37.80 34.54
C ASP B 410 -6.00 -38.87 34.58
N ASP B 411 -6.18 -39.95 33.82
CA ASP B 411 -5.16 -40.99 33.76
C ASP B 411 -3.86 -40.45 33.18
N PHE B 412 -3.96 -39.66 32.11
CA PHE B 412 -2.76 -39.07 31.51
C PHE B 412 -2.05 -38.15 32.48
N PHE B 413 -2.81 -37.31 33.19
CA PHE B 413 -2.21 -36.40 34.16
C PHE B 413 -1.52 -37.16 35.29
N GLU B 414 -2.18 -38.19 35.82
CA GLU B 414 -1.60 -38.92 36.93
C GLU B 414 -0.40 -39.75 36.50
N MET B 415 -0.38 -40.22 35.25
CA MET B 415 0.79 -40.96 34.79
C MET B 415 1.95 -40.02 34.48
N MET B 416 1.67 -38.80 34.03
CA MET B 416 2.73 -37.81 33.89
C MET B 416 3.29 -37.42 35.25
N LYS B 417 2.42 -37.28 36.24
CA LYS B 417 2.88 -36.99 37.60
C LYS B 417 3.72 -38.15 38.14
N ARG B 418 3.30 -39.38 37.86
CA ARG B 418 4.06 -40.55 38.31
C ARG B 418 5.45 -40.58 37.69
N SER B 419 5.54 -40.28 36.40
CA SER B 419 6.83 -40.29 35.71
C SER B 419 7.24 -38.88 35.29
N MET C 1 -29.20 -37.76 -42.23
CA MET C 1 -28.04 -36.90 -42.02
C MET C 1 -28.35 -35.81 -40.99
N ASN C 2 -27.32 -35.03 -40.66
CA ASN C 2 -27.46 -33.91 -39.73
C ASN C 2 -26.90 -32.64 -40.37
N LEU C 3 -27.38 -31.49 -39.89
CA LEU C 3 -26.83 -30.22 -40.34
C LEU C 3 -25.35 -30.12 -39.97
N THR C 4 -24.99 -30.53 -38.76
CA THR C 4 -23.58 -30.53 -38.38
C THR C 4 -22.78 -31.50 -39.24
N GLU C 5 -23.35 -32.67 -39.53
CA GLU C 5 -22.67 -33.63 -40.40
C GLU C 5 -22.47 -33.07 -41.80
N LEU C 6 -23.43 -32.29 -42.28
CA LEU C 6 -23.32 -31.68 -43.60
C LEU C 6 -22.45 -30.43 -43.61
N LYS C 7 -22.17 -29.86 -42.43
CA LYS C 7 -21.40 -28.62 -42.35
C LYS C 7 -19.90 -28.86 -42.29
N ASN C 8 -19.46 -29.93 -41.64
CA ASN C 8 -18.02 -30.19 -41.51
C ASN C 8 -17.45 -30.93 -42.71
N THR C 9 -18.26 -31.26 -43.71
CA THR C 9 -17.75 -31.90 -44.92
C THR C 9 -16.91 -30.90 -45.73
N PRO C 10 -15.97 -31.40 -46.52
CA PRO C 10 -15.18 -30.50 -47.37
C PRO C 10 -16.04 -29.80 -48.41
N VAL C 11 -15.55 -28.64 -48.88
CA VAL C 11 -16.33 -27.81 -49.78
C VAL C 11 -16.62 -28.54 -51.08
N SER C 12 -15.67 -29.34 -51.57
CA SER C 12 -15.84 -30.04 -52.84
C SER C 12 -17.01 -31.01 -52.78
N GLU C 13 -17.10 -31.78 -51.69
CA GLU C 13 -18.17 -32.78 -51.58
C GLU C 13 -19.54 -32.12 -51.55
N LEU C 14 -19.68 -31.06 -50.74
CA LEU C 14 -20.97 -30.40 -50.64
C LEU C 14 -21.34 -29.67 -51.93
N ILE C 15 -20.35 -29.08 -52.61
CA ILE C 15 -20.65 -28.39 -53.86
C ILE C 15 -21.06 -29.40 -54.93
N THR C 16 -20.42 -30.58 -54.95
CA THR C 16 -20.82 -31.61 -55.90
C THR C 16 -22.23 -32.12 -55.58
N LEU C 17 -22.54 -32.30 -54.29
CA LEU C 17 -23.87 -32.74 -53.91
C LEU C 17 -24.92 -31.72 -54.31
N GLY C 18 -24.66 -30.43 -54.08
CA GLY C 18 -25.60 -29.40 -54.48
C GLY C 18 -25.76 -29.30 -55.99
N GLU C 19 -24.67 -29.51 -56.72
CA GLU C 19 -24.75 -29.42 -58.18
C GLU C 19 -25.53 -30.59 -58.76
N ASN C 20 -25.28 -31.82 -58.28
CA ASN C 20 -25.97 -32.97 -58.84
C ASN C 20 -27.42 -33.05 -58.39
N MET C 21 -27.67 -32.84 -57.09
CA MET C 21 -29.03 -33.01 -56.57
C MET C 21 -29.93 -31.83 -56.92
N GLY C 22 -29.37 -30.63 -56.99
CA GLY C 22 -30.14 -29.45 -57.26
C GLY C 22 -29.50 -28.52 -58.27
N LEU C 23 -29.84 -27.23 -58.21
CA LEU C 23 -29.32 -26.26 -59.17
C LEU C 23 -27.81 -26.09 -59.02
N GLU C 24 -27.14 -25.93 -60.15
CA GLU C 24 -25.69 -25.82 -60.16
C GLU C 24 -25.23 -24.53 -59.50
N ASN C 25 -24.17 -24.64 -58.70
CA ASN C 25 -23.64 -23.51 -57.94
C ASN C 25 -22.33 -23.04 -58.56
N LEU C 26 -22.13 -21.73 -58.58
CA LEU C 26 -20.92 -21.15 -59.15
C LEU C 26 -19.70 -21.34 -58.27
N ALA C 27 -19.88 -21.79 -57.02
CA ALA C 27 -18.77 -21.99 -56.07
C ALA C 27 -17.95 -20.72 -55.88
N ARG C 28 -18.62 -19.57 -55.93
CA ARG C 28 -17.94 -18.28 -55.73
C ARG C 28 -18.24 -17.66 -54.38
N MET C 29 -19.46 -17.83 -53.86
CA MET C 29 -19.84 -17.25 -52.58
C MET C 29 -19.27 -18.10 -51.44
N ARG C 30 -19.66 -17.77 -50.21
CA ARG C 30 -19.17 -18.49 -49.06
C ARG C 30 -19.85 -19.85 -48.94
N LYS C 31 -19.25 -20.71 -48.12
CA LYS C 31 -19.80 -22.05 -47.92
C LYS C 31 -21.15 -22.02 -47.20
N GLN C 32 -21.37 -20.99 -46.37
CA GLN C 32 -22.62 -20.91 -45.62
C GLN C 32 -23.82 -20.77 -46.55
N ASP C 33 -23.69 -19.96 -47.60
CA ASP C 33 -24.78 -19.81 -48.56
C ASP C 33 -25.06 -21.12 -49.29
N ILE C 34 -24.01 -21.86 -49.62
CA ILE C 34 -24.18 -23.17 -50.25
C ILE C 34 -24.92 -24.12 -49.31
N ILE C 35 -24.55 -24.10 -48.03
CA ILE C 35 -25.23 -24.95 -47.04
C ILE C 35 -26.70 -24.58 -46.95
N PHE C 36 -27.00 -23.28 -46.91
CA PHE C 36 -28.38 -22.82 -46.82
C PHE C 36 -29.18 -23.28 -48.04
N ALA C 37 -28.59 -23.13 -49.23
CA ALA C 37 -29.28 -23.53 -50.46
C ALA C 37 -29.51 -25.04 -50.49
N ILE C 38 -28.51 -25.81 -50.07
CA ILE C 38 -28.64 -27.27 -50.06
C ILE C 38 -29.75 -27.69 -49.10
N LEU C 39 -29.79 -27.09 -47.91
CA LEU C 39 -30.83 -27.44 -46.95
C LEU C 39 -32.21 -27.05 -47.46
N LYS C 40 -32.33 -25.87 -48.07
CA LYS C 40 -33.62 -25.44 -48.60
C LYS C 40 -34.09 -26.38 -49.70
N GLN C 41 -33.19 -26.78 -50.60
CA GLN C 41 -33.57 -27.69 -51.67
C GLN C 41 -33.92 -29.07 -51.12
N HIS C 42 -33.19 -29.53 -50.10
CA HIS C 42 -33.47 -30.83 -49.51
C HIS C 42 -34.82 -30.85 -48.82
N ALA C 43 -35.17 -29.75 -48.14
CA ALA C 43 -36.47 -29.68 -47.46
C ALA C 43 -37.62 -29.46 -48.43
N LYS C 44 -37.37 -28.74 -49.52
CA LYS C 44 -38.44 -28.48 -50.49
C LYS C 44 -38.92 -29.75 -51.19
N SER C 45 -38.08 -30.79 -51.24
CA SER C 45 -38.49 -32.04 -51.87
C SER C 45 -39.57 -32.77 -51.10
N GLY C 46 -39.81 -32.40 -49.84
CA GLY C 46 -40.87 -32.99 -49.05
C GLY C 46 -40.41 -33.83 -47.88
N GLU C 47 -39.10 -33.95 -47.65
CA GLU C 47 -38.57 -34.74 -46.55
C GLU C 47 -37.97 -33.81 -45.49
N ASP C 48 -37.50 -34.41 -44.41
CA ASP C 48 -37.05 -33.68 -43.23
C ASP C 48 -35.54 -33.51 -43.23
N ILE C 49 -35.09 -32.48 -42.51
CA ILE C 49 -33.68 -32.20 -42.31
C ILE C 49 -33.43 -32.09 -40.81
N PHE C 50 -32.29 -32.58 -40.37
CA PHE C 50 -31.98 -32.67 -38.94
C PHE C 50 -30.94 -31.63 -38.54
N GLY C 51 -30.88 -31.37 -37.24
CA GLY C 51 -29.93 -30.43 -36.71
C GLY C 51 -29.81 -30.59 -35.20
N ASP C 52 -28.64 -30.26 -34.68
CA ASP C 52 -28.35 -30.41 -33.26
C ASP C 52 -27.58 -29.21 -32.77
N GLY C 53 -27.51 -29.07 -31.45
CA GLY C 53 -26.78 -27.97 -30.84
C GLY C 53 -26.91 -27.99 -29.34
N VAL C 54 -26.40 -26.95 -28.71
CA VAL C 54 -26.47 -26.75 -27.27
C VAL C 54 -27.32 -25.52 -27.02
N LEU C 55 -28.39 -25.68 -26.23
CA LEU C 55 -29.35 -24.61 -26.07
C LEU C 55 -28.81 -23.51 -25.17
N GLU C 56 -28.98 -22.26 -25.62
CA GLU C 56 -28.75 -21.09 -24.78
C GLU C 56 -30.00 -20.23 -24.84
N ILE C 57 -30.56 -19.91 -23.68
CA ILE C 57 -31.82 -19.19 -23.59
C ILE C 57 -31.52 -17.70 -23.43
N LEU C 58 -32.12 -16.89 -24.29
CA LEU C 58 -31.90 -15.45 -24.26
C LEU C 58 -32.78 -14.80 -23.20
N GLN C 59 -32.72 -13.47 -23.13
CA GLN C 59 -33.44 -12.75 -22.09
C GLN C 59 -34.94 -12.79 -22.33
N ASP C 60 -35.37 -12.65 -23.58
CA ASP C 60 -36.81 -12.59 -23.87
C ASP C 60 -37.50 -13.89 -23.52
N GLY C 61 -36.87 -15.02 -23.84
CA GLY C 61 -37.46 -16.31 -23.54
C GLY C 61 -37.19 -17.34 -24.62
N PHE C 62 -36.89 -16.88 -25.83
CA PHE C 62 -36.51 -17.78 -26.90
C PHE C 62 -35.05 -18.19 -26.75
N GLY C 63 -34.66 -19.25 -27.46
CA GLY C 63 -33.33 -19.81 -27.34
C GLY C 63 -32.70 -20.07 -28.69
N PHE C 64 -31.40 -20.35 -28.65
CA PHE C 64 -30.64 -20.69 -29.84
C PHE C 64 -29.75 -21.89 -29.57
N LEU C 65 -29.63 -22.76 -30.57
CA LEU C 65 -28.81 -23.96 -30.46
C LEU C 65 -27.42 -23.65 -30.99
N ARG C 66 -26.53 -23.22 -30.09
CA ARG C 66 -25.17 -22.90 -30.48
C ARG C 66 -24.40 -24.17 -30.84
N SER C 67 -23.32 -23.98 -31.58
CA SER C 67 -22.49 -25.08 -32.06
C SER C 67 -21.10 -24.97 -31.44
N ALA C 68 -20.45 -26.13 -31.28
CA ALA C 68 -19.14 -26.17 -30.64
C ALA C 68 -18.05 -25.57 -31.52
N ASP C 69 -18.31 -25.41 -32.82
CA ASP C 69 -17.29 -24.84 -33.70
C ASP C 69 -16.98 -23.39 -33.35
N SER C 70 -18.01 -22.63 -32.96
CA SER C 70 -17.85 -21.24 -32.56
C SER C 70 -17.74 -21.08 -31.05
N SER C 71 -17.29 -22.13 -30.36
CA SER C 71 -17.14 -22.13 -28.91
C SER C 71 -18.45 -21.76 -28.21
N TYR C 72 -19.56 -22.31 -28.72
CA TYR C 72 -20.88 -22.10 -28.13
C TYR C 72 -21.22 -20.62 -28.03
N LEU C 73 -20.91 -19.86 -29.07
CA LEU C 73 -21.21 -18.44 -29.15
C LEU C 73 -22.21 -18.19 -30.27
N ALA C 74 -22.54 -16.91 -30.46
CA ALA C 74 -23.54 -16.54 -31.45
C ALA C 74 -22.97 -16.67 -32.86
N GLY C 75 -23.03 -17.86 -33.42
CA GLY C 75 -22.52 -18.09 -34.76
C GLY C 75 -23.52 -17.69 -35.82
N PRO C 76 -23.14 -17.90 -37.08
CA PRO C 76 -24.03 -17.57 -38.19
C PRO C 76 -25.12 -18.61 -38.42
N ASP C 77 -24.95 -19.82 -37.91
CA ASP C 77 -25.92 -20.90 -38.09
C ASP C 77 -26.36 -21.37 -36.71
N ASP C 78 -27.40 -20.73 -36.19
CA ASP C 78 -27.96 -21.06 -34.88
C ASP C 78 -29.44 -21.40 -35.06
N ILE C 79 -29.82 -22.60 -34.63
CA ILE C 79 -31.20 -23.03 -34.75
C ILE C 79 -32.05 -22.31 -33.71
N TYR C 80 -33.14 -21.71 -34.16
CA TYR C 80 -34.03 -20.98 -33.26
C TYR C 80 -34.94 -21.96 -32.51
N VAL C 81 -35.15 -21.70 -31.23
CA VAL C 81 -35.99 -22.52 -30.38
C VAL C 81 -37.04 -21.63 -29.75
N SER C 82 -38.31 -21.89 -30.06
CA SER C 82 -39.40 -21.07 -29.56
C SER C 82 -39.62 -21.34 -28.08
N PRO C 83 -40.23 -20.38 -27.37
CA PRO C 83 -40.51 -20.60 -25.94
C PRO C 83 -41.46 -21.76 -25.68
N SER C 84 -42.20 -22.22 -26.69
CA SER C 84 -43.10 -23.35 -26.48
C SER C 84 -42.35 -24.62 -26.14
N GLN C 85 -41.29 -24.92 -26.90
CA GLN C 85 -40.49 -26.12 -26.62
C GLN C 85 -39.81 -26.01 -25.26
N ILE C 86 -39.29 -24.83 -24.94
CA ILE C 86 -38.63 -24.62 -23.65
C ILE C 86 -39.62 -24.84 -22.52
N ARG C 87 -40.85 -24.32 -22.66
CA ARG C 87 -41.86 -24.52 -21.63
C ARG C 87 -42.23 -25.99 -21.51
N ARG C 88 -42.42 -26.68 -22.64
CA ARG C 88 -42.94 -28.05 -22.58
C ARG C 88 -41.90 -29.01 -22.02
N PHE C 89 -40.67 -28.94 -22.53
CA PHE C 89 -39.64 -29.88 -22.13
C PHE C 89 -38.80 -29.38 -20.96
N ASN C 90 -39.12 -28.21 -20.42
CA ASN C 90 -38.43 -27.65 -19.26
C ASN C 90 -36.93 -27.52 -19.52
N LEU C 91 -36.58 -27.20 -20.76
CA LEU C 91 -35.17 -27.06 -21.13
C LEU C 91 -34.58 -25.81 -20.50
N ARG C 92 -33.32 -25.91 -20.09
CA ARG C 92 -32.56 -24.78 -19.61
C ARG C 92 -31.34 -24.59 -20.50
N THR C 93 -30.62 -23.50 -20.27
CA THR C 93 -29.41 -23.23 -21.04
C THR C 93 -28.39 -24.33 -20.80
N GLY C 94 -27.67 -24.69 -21.86
CA GLY C 94 -26.71 -25.77 -21.80
C GLY C 94 -27.25 -27.13 -22.18
N ASP C 95 -28.56 -27.25 -22.38
CA ASP C 95 -29.13 -28.52 -22.81
C ASP C 95 -28.76 -28.78 -24.27
N THR C 96 -28.28 -29.99 -24.54
CA THR C 96 -27.92 -30.38 -25.90
C THR C 96 -29.15 -31.01 -26.56
N ILE C 97 -29.66 -30.35 -27.58
CA ILE C 97 -30.88 -30.76 -28.27
C ILE C 97 -30.51 -31.26 -29.67
N SER C 98 -31.34 -32.15 -30.19
CA SER C 98 -31.19 -32.61 -31.55
C SER C 98 -32.55 -33.03 -32.08
N GLY C 99 -32.84 -32.66 -33.32
CA GLY C 99 -34.13 -32.99 -33.91
C GLY C 99 -34.30 -32.35 -35.26
N LYS C 100 -35.50 -32.49 -35.80
CA LYS C 100 -35.79 -31.95 -37.12
C LYS C 100 -35.89 -30.43 -37.07
N ILE C 101 -35.38 -29.77 -38.10
CA ILE C 101 -35.41 -28.32 -38.23
C ILE C 101 -36.12 -27.97 -39.54
N ARG C 102 -36.39 -26.68 -39.71
CA ARG C 102 -37.01 -26.19 -40.92
C ARG C 102 -36.24 -25.00 -41.46
N PRO C 103 -36.23 -24.82 -42.78
CA PRO C 103 -35.52 -23.67 -43.35
C PRO C 103 -36.18 -22.37 -42.92
N PRO C 104 -35.43 -21.28 -42.85
CA PRO C 104 -36.01 -19.99 -42.46
C PRO C 104 -37.07 -19.55 -43.47
N LYS C 105 -38.12 -18.93 -42.95
CA LYS C 105 -39.16 -18.34 -43.79
C LYS C 105 -38.89 -16.86 -43.97
N GLU C 106 -39.76 -16.18 -44.70
CA GLU C 106 -39.62 -14.74 -44.90
C GLU C 106 -39.86 -14.01 -43.60
N GLY C 107 -39.09 -12.93 -43.38
CA GLY C 107 -39.13 -12.19 -42.15
C GLY C 107 -38.15 -12.66 -41.09
N GLU C 108 -37.42 -13.74 -41.34
CA GLU C 108 -36.43 -14.25 -40.41
C GLU C 108 -35.35 -14.97 -41.22
N ARG C 109 -34.23 -15.26 -40.56
CA ARG C 109 -33.09 -15.84 -41.27
C ARG C 109 -32.38 -16.97 -40.54
N TYR C 110 -32.86 -17.39 -39.37
CA TYR C 110 -32.30 -18.57 -38.70
C TYR C 110 -33.23 -19.77 -38.87
N PHE C 111 -32.64 -20.95 -38.88
CA PHE C 111 -33.42 -22.17 -38.86
C PHE C 111 -34.13 -22.33 -37.52
N ALA C 112 -35.24 -23.05 -37.54
CA ALA C 112 -36.04 -23.26 -36.34
C ALA C 112 -36.29 -24.74 -36.14
N LEU C 113 -36.32 -25.15 -34.87
CA LEU C 113 -36.62 -26.54 -34.54
C LEU C 113 -38.06 -26.89 -34.88
N LEU C 114 -38.24 -28.04 -35.50
CA LEU C 114 -39.58 -28.55 -35.79
C LEU C 114 -40.07 -29.45 -34.66
N LYS C 115 -39.33 -30.52 -34.39
CA LYS C 115 -39.63 -31.38 -33.26
C LYS C 115 -38.33 -32.00 -32.77
N VAL C 116 -38.09 -31.91 -31.47
CA VAL C 116 -36.87 -32.44 -30.88
C VAL C 116 -37.05 -33.92 -30.62
N ASN C 117 -36.09 -34.73 -31.09
CA ASN C 117 -36.11 -36.16 -30.84
C ASN C 117 -35.01 -36.63 -29.91
N GLU C 118 -34.16 -35.72 -29.42
CA GLU C 118 -33.15 -36.11 -28.43
C GLU C 118 -32.78 -34.93 -27.57
N VAL C 119 -32.85 -35.11 -26.26
CA VAL C 119 -32.39 -34.13 -25.29
C VAL C 119 -31.33 -34.78 -24.42
N ASN C 120 -30.14 -34.20 -24.39
CA ASN C 120 -29.02 -34.70 -23.59
C ASN C 120 -28.75 -36.17 -23.88
N PHE C 121 -28.80 -36.53 -25.17
CA PHE C 121 -28.58 -37.89 -25.62
C PHE C 121 -29.55 -38.86 -24.95
N ASP C 122 -30.80 -38.42 -24.79
CA ASP C 122 -31.82 -39.22 -24.15
C ASP C 122 -33.17 -38.87 -24.75
N LYS C 123 -34.15 -39.73 -24.52
CA LYS C 123 -35.49 -39.49 -25.03
C LYS C 123 -36.07 -38.25 -24.35
N PRO C 124 -36.71 -37.36 -25.12
CA PRO C 124 -37.16 -36.08 -24.53
C PRO C 124 -38.14 -36.24 -23.39
N GLU C 125 -39.01 -37.25 -23.42
CA GLU C 125 -39.99 -37.42 -22.35
C GLU C 125 -39.33 -37.73 -21.01
N ASN C 126 -38.09 -38.19 -21.02
CA ASN C 126 -37.36 -38.43 -19.77
C ASN C 126 -36.72 -37.17 -19.20
N ALA C 127 -36.85 -36.03 -19.89
CA ALA C 127 -36.27 -34.78 -19.42
C ALA C 127 -37.28 -33.86 -18.75
N ARG C 128 -38.49 -34.35 -18.49
CA ARG C 128 -39.51 -33.53 -17.84
C ARG C 128 -39.64 -33.79 -16.35
N ASN C 129 -39.25 -34.96 -15.87
CA ASN C 129 -39.43 -35.36 -14.48
C ASN C 129 -38.09 -35.62 -13.81
N LYS C 130 -37.12 -34.74 -14.02
CA LYS C 130 -35.79 -34.87 -13.45
C LYS C 130 -35.57 -33.80 -12.39
N ILE C 131 -34.71 -34.11 -11.43
CA ILE C 131 -34.39 -33.18 -10.36
C ILE C 131 -33.39 -32.14 -10.87
N LEU C 132 -33.62 -30.88 -10.53
CA LEU C 132 -32.73 -29.82 -10.96
C LEU C 132 -31.38 -29.94 -10.26
N PHE C 133 -30.37 -29.29 -10.84
CA PHE C 133 -29.01 -29.39 -10.31
C PHE C 133 -28.92 -28.82 -8.91
N GLU C 134 -29.59 -27.70 -8.66
CA GLU C 134 -29.51 -27.07 -7.34
C GLU C 134 -30.18 -27.93 -6.27
N ASN C 135 -31.15 -28.75 -6.65
CA ASN C 135 -31.89 -29.55 -5.70
C ASN C 135 -31.24 -30.90 -5.41
N LEU C 136 -30.16 -31.25 -6.11
CA LEU C 136 -29.46 -32.49 -5.83
C LEU C 136 -28.74 -32.40 -4.50
N THR C 137 -28.67 -33.53 -3.80
CA THR C 137 -28.01 -33.58 -2.50
C THR C 137 -26.54 -33.88 -2.70
N PRO C 138 -25.64 -32.97 -2.39
CA PRO C 138 -24.21 -33.21 -2.63
C PRO C 138 -23.62 -34.17 -1.62
N LEU C 139 -22.44 -34.69 -1.97
CA LEU C 139 -21.75 -35.65 -1.13
C LEU C 139 -20.25 -35.49 -1.35
N HIS C 140 -19.48 -36.08 -0.44
CA HIS C 140 -18.04 -36.15 -0.65
C HIS C 140 -17.71 -37.14 -1.75
N ALA C 141 -16.51 -37.01 -2.31
CA ALA C 141 -16.09 -37.88 -3.39
C ALA C 141 -15.92 -39.30 -2.88
N ASN C 142 -16.73 -40.23 -3.41
CA ASN C 142 -16.69 -41.62 -3.01
C ASN C 142 -15.94 -42.48 -4.02
N SER C 143 -16.36 -42.47 -5.27
CA SER C 143 -15.71 -43.27 -6.29
C SER C 143 -14.35 -42.68 -6.65
N ARG C 144 -13.39 -43.56 -6.92
CA ARG C 144 -12.01 -43.15 -7.16
C ARG C 144 -11.72 -43.16 -8.66
N LEU C 145 -11.06 -42.11 -9.13
CA LEU C 145 -10.60 -42.00 -10.51
C LEU C 145 -9.12 -42.35 -10.54
N ARG C 146 -8.80 -43.56 -10.99
CA ARG C 146 -7.42 -44.04 -11.01
C ARG C 146 -6.72 -43.50 -12.26
N MET C 147 -5.75 -42.62 -12.06
CA MET C 147 -4.98 -42.11 -13.19
C MET C 147 -3.86 -43.04 -13.61
N GLU C 148 -3.49 -44.00 -12.77
CA GLU C 148 -2.39 -44.90 -13.08
C GLU C 148 -2.77 -45.84 -14.22
N ARG C 149 -1.82 -46.09 -15.10
CA ARG C 149 -1.96 -47.05 -16.19
C ARG C 149 -0.98 -48.19 -15.98
N GLY C 150 -1.17 -49.25 -16.76
CA GLY C 150 -0.33 -50.42 -16.67
C GLY C 150 0.80 -50.50 -17.66
N ASN C 151 0.90 -49.54 -18.59
CA ASN C 151 1.92 -49.63 -19.63
C ASN C 151 3.33 -49.45 -19.09
N GLY C 152 3.48 -48.80 -17.94
CA GLY C 152 4.81 -48.58 -17.38
C GLY C 152 5.70 -47.71 -18.25
N SER C 153 5.14 -46.66 -18.83
CA SER C 153 5.87 -45.75 -19.69
C SER C 153 6.42 -44.58 -18.87
N THR C 154 7.15 -43.68 -19.53
CA THR C 154 7.74 -42.55 -18.84
C THR C 154 6.72 -41.45 -18.54
N GLU C 155 5.58 -41.44 -19.23
CA GLU C 155 4.53 -40.48 -18.91
C GLU C 155 3.53 -41.04 -17.89
N ASP C 156 3.51 -42.36 -17.70
CA ASP C 156 2.73 -42.95 -16.62
C ASP C 156 3.32 -42.61 -15.26
N LEU C 157 4.58 -42.18 -15.22
CA LEU C 157 5.22 -41.83 -13.96
C LEU C 157 4.49 -40.67 -13.29
N THR C 158 4.11 -39.67 -14.08
CA THR C 158 3.38 -38.53 -13.54
C THR C 158 2.05 -38.96 -12.95
N ALA C 159 1.33 -39.83 -13.64
CA ALA C 159 0.05 -40.31 -13.14
C ALA C 159 0.23 -41.11 -11.85
N ARG C 160 1.26 -41.94 -11.78
CA ARG C 160 1.52 -42.71 -10.55
C ARG C 160 1.84 -41.79 -9.39
N VAL C 161 2.67 -40.78 -9.62
CA VAL C 161 3.01 -39.84 -8.54
C VAL C 161 1.77 -39.07 -8.11
N LEU C 162 0.91 -38.71 -9.06
CA LEU C 162 -0.34 -38.03 -8.72
C LEU C 162 -1.23 -38.92 -7.86
N ASP C 163 -1.31 -40.20 -8.21
CA ASP C 163 -2.11 -41.13 -7.41
C ASP C 163 -1.55 -41.26 -5.99
N LEU C 164 -0.22 -41.31 -5.88
CA LEU C 164 0.39 -41.40 -4.55
C LEU C 164 0.13 -40.14 -3.73
N ALA C 165 0.25 -38.96 -4.35
CA ALA C 165 0.21 -37.72 -3.58
C ALA C 165 -1.21 -37.30 -3.25
N SER C 166 -2.02 -37.03 -4.27
CA SER C 166 -3.38 -36.52 -4.09
C SER C 166 -4.34 -37.34 -4.93
N PRO C 167 -4.97 -38.38 -4.37
CA PRO C 167 -5.95 -39.15 -5.14
C PRO C 167 -7.11 -38.28 -5.60
N ILE C 168 -7.58 -38.55 -6.81
CA ILE C 168 -8.70 -37.82 -7.42
C ILE C 168 -9.90 -38.74 -7.46
N GLY C 169 -11.05 -38.23 -7.01
CA GLY C 169 -12.29 -38.96 -7.06
C GLY C 169 -13.33 -38.23 -7.89
N ARG C 170 -14.44 -38.91 -8.16
CA ARG C 170 -15.52 -38.30 -8.90
C ARG C 170 -16.16 -37.19 -8.07
N GLY C 171 -16.51 -36.10 -8.74
CA GLY C 171 -17.03 -34.94 -8.03
C GLY C 171 -16.01 -34.25 -7.15
N GLN C 172 -14.80 -34.08 -7.63
CA GLN C 172 -13.73 -33.40 -6.91
C GLN C 172 -13.61 -31.95 -7.36
N ARG C 173 -13.02 -31.13 -6.51
CA ARG C 173 -12.67 -29.76 -6.82
C ARG C 173 -11.15 -29.66 -6.69
N GLY C 174 -10.46 -29.84 -7.80
CA GLY C 174 -9.01 -29.90 -7.81
C GLY C 174 -8.37 -28.59 -8.21
N LEU C 175 -7.13 -28.42 -7.75
CA LEU C 175 -6.35 -27.23 -8.07
C LEU C 175 -4.90 -27.65 -8.29
N ILE C 176 -4.43 -27.56 -9.53
CA ILE C 176 -3.03 -27.75 -9.84
C ILE C 176 -2.35 -26.39 -9.71
N VAL C 177 -1.69 -26.16 -8.58
CA VAL C 177 -1.15 -24.86 -8.22
C VAL C 177 0.37 -24.89 -8.43
N ALA C 178 0.88 -23.90 -9.15
CA ALA C 178 2.30 -23.83 -9.46
C ALA C 178 2.59 -22.47 -10.08
N PRO C 179 3.84 -22.03 -10.05
CA PRO C 179 4.23 -20.84 -10.80
C PRO C 179 4.32 -21.16 -12.29
N PRO C 180 4.56 -20.15 -13.14
CA PRO C 180 4.71 -20.44 -14.56
C PRO C 180 5.90 -21.35 -14.84
N LYS C 181 5.78 -22.13 -15.93
CA LYS C 181 6.84 -23.03 -16.38
C LYS C 181 7.17 -24.09 -15.33
N ALA C 182 6.14 -24.64 -14.69
CA ALA C 182 6.34 -25.67 -13.68
C ALA C 182 5.81 -27.03 -14.10
N GLY C 183 4.85 -27.07 -15.02
CA GLY C 183 4.35 -28.35 -15.51
C GLY C 183 2.86 -28.54 -15.34
N LYS C 184 2.11 -27.45 -15.24
CA LYS C 184 0.67 -27.54 -15.04
C LYS C 184 -0.05 -28.07 -16.28
N THR C 185 0.28 -27.51 -17.45
CA THR C 185 -0.40 -27.91 -18.67
C THR C 185 -0.08 -29.36 -19.03
N MET C 186 1.18 -29.77 -18.88
CA MET C 186 1.53 -31.15 -19.15
C MET C 186 0.87 -32.09 -18.16
N LEU C 187 0.73 -31.65 -16.90
CA LEU C 187 -0.01 -32.43 -15.92
C LEU C 187 -1.46 -32.60 -16.32
N LEU C 188 -2.09 -31.54 -16.82
CA LEU C 188 -3.48 -31.63 -17.26
C LEU C 188 -3.60 -32.55 -18.47
N GLN C 189 -2.64 -32.49 -19.39
CA GLN C 189 -2.66 -33.39 -20.54
C GLN C 189 -2.52 -34.84 -20.10
N ASN C 190 -1.64 -35.11 -19.14
CA ASN C 190 -1.49 -36.46 -18.62
C ASN C 190 -2.77 -36.93 -17.95
N ILE C 191 -3.43 -36.05 -17.21
CA ILE C 191 -4.69 -36.40 -16.56
C ILE C 191 -5.75 -36.71 -17.62
N ALA C 192 -5.80 -35.93 -18.69
CA ALA C 192 -6.76 -36.18 -19.75
C ALA C 192 -6.49 -37.53 -20.41
N GLN C 193 -5.22 -37.84 -20.67
CA GLN C 193 -4.90 -39.13 -21.27
C GLN C 193 -5.30 -40.28 -20.35
N SER C 194 -5.03 -40.14 -19.05
CA SER C 194 -5.39 -41.19 -18.10
C SER C 194 -6.90 -41.36 -18.02
N ILE C 195 -7.65 -40.26 -18.05
CA ILE C 195 -9.10 -40.33 -18.01
C ILE C 195 -9.62 -41.03 -19.26
N ALA C 196 -9.10 -40.67 -20.43
CA ALA C 196 -9.55 -41.28 -21.66
C ALA C 196 -9.25 -42.78 -21.68
N TYR C 197 -8.07 -43.17 -21.21
CA TYR C 197 -7.69 -44.58 -21.27
C TYR C 197 -8.41 -45.42 -20.22
N ASN C 198 -8.53 -44.89 -18.99
CA ASN C 198 -9.03 -45.69 -17.87
C ASN C 198 -10.55 -45.61 -17.73
N HIS C 199 -11.13 -44.43 -17.92
CA HIS C 199 -12.56 -44.20 -17.72
C HIS C 199 -13.15 -43.62 -18.99
N PRO C 200 -13.44 -44.46 -20.00
CA PRO C 200 -14.00 -43.94 -21.25
C PRO C 200 -15.48 -43.60 -21.15
N ASP C 201 -16.13 -43.89 -20.03
CA ASP C 201 -17.55 -43.57 -19.89
C ASP C 201 -17.78 -42.14 -19.44
N CYS C 202 -16.82 -41.55 -18.73
CA CYS C 202 -16.98 -40.18 -18.25
C CYS C 202 -16.95 -39.20 -19.41
N VAL C 203 -17.77 -38.16 -19.31
CA VAL C 203 -17.82 -37.12 -20.34
C VAL C 203 -16.69 -36.13 -20.05
N LEU C 204 -15.62 -36.20 -20.83
CA LEU C 204 -14.46 -35.36 -20.62
C LEU C 204 -14.58 -34.10 -21.48
N MET C 205 -14.56 -32.94 -20.84
CA MET C 205 -14.60 -31.67 -21.54
C MET C 205 -13.43 -30.82 -21.05
N VAL C 206 -12.63 -30.32 -21.98
CA VAL C 206 -11.45 -29.54 -21.67
C VAL C 206 -11.74 -28.08 -22.01
N LEU C 207 -11.61 -27.20 -21.02
CA LEU C 207 -11.87 -25.78 -21.19
C LEU C 207 -10.56 -25.02 -20.98
N LEU C 208 -10.12 -24.33 -22.02
CA LEU C 208 -8.89 -23.54 -21.97
C LEU C 208 -9.26 -22.06 -22.07
N ILE C 209 -8.93 -21.30 -21.03
CA ILE C 209 -9.29 -19.89 -20.94
C ILE C 209 -8.02 -19.07 -20.84
N ASP C 210 -7.80 -18.20 -21.83
CA ASP C 210 -6.66 -17.30 -21.86
C ASP C 210 -5.35 -18.10 -21.75
N GLU C 211 -5.08 -18.88 -22.78
CA GLU C 211 -3.88 -19.71 -22.84
C GLU C 211 -3.27 -19.63 -24.24
N ARG C 212 -2.10 -20.23 -24.39
CA ARG C 212 -1.41 -20.19 -25.66
C ARG C 212 -2.20 -20.97 -26.72
N PRO C 213 -2.30 -20.45 -27.95
CA PRO C 213 -3.07 -21.16 -28.98
C PRO C 213 -2.44 -22.46 -29.43
N GLU C 214 -1.10 -22.57 -29.40
CA GLU C 214 -0.48 -23.84 -29.73
C GLU C 214 -0.85 -24.92 -28.73
N GLU C 215 -1.01 -24.54 -27.46
CA GLU C 215 -1.52 -25.48 -26.48
C GLU C 215 -2.93 -25.92 -26.83
N VAL C 216 -3.74 -25.01 -27.35
CA VAL C 216 -5.09 -25.36 -27.79
C VAL C 216 -5.03 -26.39 -28.91
N THR C 217 -4.17 -26.15 -29.90
CA THR C 217 -4.06 -27.10 -31.01
C THR C 217 -3.59 -28.47 -30.53
N GLU C 218 -2.61 -28.49 -29.63
CA GLU C 218 -2.15 -29.75 -29.08
C GLU C 218 -3.27 -30.46 -28.33
N MET C 219 -4.05 -29.70 -27.57
CA MET C 219 -5.18 -30.28 -26.83
C MET C 219 -6.16 -30.94 -27.77
N GLN C 220 -6.59 -30.23 -28.81
CA GLN C 220 -7.53 -30.84 -29.76
C GLN C 220 -6.92 -32.02 -30.48
N ARG C 221 -5.60 -32.03 -30.65
CA ARG C 221 -4.98 -33.16 -31.35
C ARG C 221 -4.87 -34.39 -30.48
N LEU C 222 -4.64 -34.25 -29.17
CA LEU C 222 -4.35 -35.40 -28.34
C LEU C 222 -5.50 -35.83 -27.44
N VAL C 223 -6.53 -35.01 -27.25
CA VAL C 223 -7.58 -35.31 -26.29
C VAL C 223 -8.71 -36.07 -26.99
N LYS C 224 -9.11 -37.20 -26.42
CA LYS C 224 -10.24 -37.97 -26.92
C LYS C 224 -11.53 -37.55 -26.21
N GLY C 225 -11.85 -36.27 -26.36
CA GLY C 225 -13.04 -35.71 -25.76
C GLY C 225 -13.51 -34.48 -26.51
N GLU C 226 -13.94 -33.46 -25.77
CA GLU C 226 -14.36 -32.19 -26.35
C GLU C 226 -13.48 -31.08 -25.81
N VAL C 227 -12.89 -30.30 -26.72
CA VAL C 227 -12.01 -29.20 -26.34
C VAL C 227 -12.66 -27.90 -26.82
N VAL C 228 -12.94 -27.01 -25.88
CA VAL C 228 -13.46 -25.68 -26.16
C VAL C 228 -12.52 -24.68 -25.51
N ALA C 229 -12.03 -23.74 -26.30
CA ALA C 229 -10.93 -22.88 -25.86
C ALA C 229 -11.22 -21.42 -26.18
N SER C 230 -10.52 -20.56 -25.46
CA SER C 230 -10.59 -19.11 -25.66
C SER C 230 -9.23 -18.54 -25.33
N THR C 231 -8.39 -18.35 -26.35
CA THR C 231 -7.01 -17.93 -26.14
C THR C 231 -6.97 -16.47 -25.68
N PHE C 232 -5.75 -15.97 -25.45
CA PHE C 232 -5.60 -14.60 -24.97
C PHE C 232 -5.87 -13.57 -26.05
N ASP C 233 -6.05 -13.97 -27.31
CA ASP C 233 -6.39 -13.03 -28.36
C ASP C 233 -7.81 -12.48 -28.21
N GLU C 234 -8.62 -13.06 -27.35
CA GLU C 234 -10.01 -12.72 -27.12
C GLU C 234 -10.16 -11.88 -25.86
N PRO C 235 -11.19 -11.05 -25.78
CA PRO C 235 -11.41 -10.26 -24.56
C PRO C 235 -12.00 -11.10 -23.45
N ALA C 236 -11.98 -10.52 -22.24
CA ALA C 236 -12.43 -11.24 -21.06
C ALA C 236 -13.90 -11.62 -21.14
N SER C 237 -14.71 -10.81 -21.83
CA SER C 237 -16.13 -11.11 -21.96
C SER C 237 -16.35 -12.44 -22.66
N ARG C 238 -15.59 -12.70 -23.73
CA ARG C 238 -15.71 -13.97 -24.43
C ARG C 238 -15.34 -15.14 -23.53
N HIS C 239 -14.29 -14.97 -22.72
CA HIS C 239 -13.93 -15.99 -21.74
C HIS C 239 -15.10 -16.28 -20.81
N VAL C 240 -15.77 -15.22 -20.33
CA VAL C 240 -16.86 -15.40 -19.40
C VAL C 240 -18.02 -16.15 -20.06
N GLN C 241 -18.39 -15.76 -21.27
CA GLN C 241 -19.50 -16.45 -21.94
C GLN C 241 -19.17 -17.91 -22.18
N VAL C 242 -17.94 -18.19 -22.63
CA VAL C 242 -17.56 -19.58 -22.90
C VAL C 242 -17.60 -20.40 -21.62
N ALA C 243 -17.07 -19.86 -20.52
CA ALA C 243 -17.06 -20.59 -19.26
C ALA C 243 -18.48 -20.85 -18.77
N GLU C 244 -19.36 -19.85 -18.86
CA GLU C 244 -20.75 -20.05 -18.44
C GLU C 244 -21.42 -21.13 -19.28
N MET C 245 -21.23 -21.10 -20.59
CA MET C 245 -21.86 -22.11 -21.44
C MET C 245 -21.37 -23.51 -21.08
N VAL C 246 -20.06 -23.64 -20.87
CA VAL C 246 -19.49 -24.94 -20.52
C VAL C 246 -20.05 -25.44 -19.20
N ILE C 247 -20.12 -24.57 -18.20
CA ILE C 247 -20.57 -25.01 -16.88
C ILE C 247 -22.05 -25.38 -16.92
N GLU C 248 -22.87 -24.65 -17.69
CA GLU C 248 -24.28 -25.02 -17.78
C GLU C 248 -24.46 -26.34 -18.50
N LYS C 249 -23.68 -26.58 -19.56
CA LYS C 249 -23.75 -27.87 -20.23
C LYS C 249 -23.38 -29.00 -19.28
N ALA C 250 -22.32 -28.81 -18.49
CA ALA C 250 -21.94 -29.83 -17.51
C ALA C 250 -23.03 -30.04 -16.47
N LYS C 251 -23.67 -28.96 -16.03
CA LYS C 251 -24.73 -29.09 -15.04
C LYS C 251 -25.90 -29.90 -15.60
N ARG C 252 -26.29 -29.65 -16.85
CA ARG C 252 -27.36 -30.43 -17.46
C ARG C 252 -26.96 -31.90 -17.58
N LEU C 253 -25.72 -32.16 -17.98
CA LEU C 253 -25.27 -33.55 -18.08
C LEU C 253 -25.33 -34.25 -16.73
N VAL C 254 -24.95 -33.54 -15.66
CA VAL C 254 -25.09 -34.11 -14.31
C VAL C 254 -26.55 -34.38 -13.99
N GLU C 255 -27.43 -33.43 -14.33
CA GLU C 255 -28.85 -33.62 -14.11
C GLU C 255 -29.36 -34.88 -14.79
N HIS C 256 -28.77 -35.25 -15.91
CA HIS C 256 -29.13 -36.50 -16.59
C HIS C 256 -28.33 -37.69 -16.09
N LYS C 257 -27.77 -37.62 -14.88
CA LYS C 257 -27.06 -38.73 -14.24
C LYS C 257 -25.86 -39.18 -15.06
N LYS C 258 -24.92 -38.27 -15.25
CA LYS C 258 -23.69 -38.55 -15.96
C LYS C 258 -22.51 -38.05 -15.17
N ASP C 259 -21.39 -38.75 -15.30
CA ASP C 259 -20.12 -38.35 -14.67
C ASP C 259 -19.34 -37.52 -15.69
N VAL C 260 -19.23 -36.22 -15.43
CA VAL C 260 -18.59 -35.30 -16.37
C VAL C 260 -17.39 -34.66 -15.68
N ILE C 261 -16.26 -34.66 -16.37
CA ILE C 261 -15.01 -34.12 -15.86
C ILE C 261 -14.62 -32.91 -16.70
N ILE C 262 -14.31 -31.81 -16.05
CA ILE C 262 -13.89 -30.58 -16.70
C ILE C 262 -12.45 -30.30 -16.29
N LEU C 263 -11.55 -30.29 -17.27
CA LEU C 263 -10.15 -29.94 -17.05
C LEU C 263 -9.97 -28.50 -17.48
N LEU C 264 -9.93 -27.59 -16.52
CA LEU C 264 -9.86 -26.16 -16.78
C LEU C 264 -8.42 -25.68 -16.60
N ASP C 265 -7.89 -25.04 -17.63
CA ASP C 265 -6.55 -24.46 -17.58
C ASP C 265 -6.68 -22.99 -17.23
N SER C 266 -5.87 -22.54 -16.27
CA SER C 266 -5.84 -21.15 -15.81
C SER C 266 -7.20 -20.72 -15.26
N ILE C 267 -7.57 -21.35 -14.14
CA ILE C 267 -8.67 -20.82 -13.33
C ILE C 267 -8.31 -19.41 -12.85
N THR C 268 -7.03 -19.14 -12.65
CA THR C 268 -6.60 -17.78 -12.30
C THR C 268 -6.95 -16.81 -13.41
N ARG C 269 -6.75 -17.21 -14.67
CA ARG C 269 -7.10 -16.34 -15.78
C ARG C 269 -8.61 -16.12 -15.87
N LEU C 270 -9.40 -17.15 -15.55
CA LEU C 270 -10.84 -16.98 -15.50
C LEU C 270 -11.24 -15.99 -14.42
N ALA C 271 -10.60 -16.09 -13.24
CA ALA C 271 -10.87 -15.12 -12.18
C ALA C 271 -10.46 -13.71 -12.61
N ARG C 272 -9.36 -13.59 -13.34
CA ARG C 272 -8.95 -12.29 -13.86
C ARG C 272 -10.00 -11.73 -14.80
N ALA C 273 -10.54 -12.58 -15.67
CA ALA C 273 -11.58 -12.13 -16.59
C ALA C 273 -12.82 -11.67 -15.84
N TYR C 274 -13.22 -12.43 -14.82
CA TYR C 274 -14.36 -12.03 -14.01
C TYR C 274 -14.11 -10.70 -13.30
N ASN C 275 -12.88 -10.50 -12.81
CA ASN C 275 -12.55 -9.24 -12.17
C ASN C 275 -12.62 -8.08 -13.16
N THR C 276 -12.13 -8.28 -14.37
CA THR C 276 -12.14 -7.21 -15.37
C THR C 276 -13.50 -7.03 -16.03
N VAL C 277 -14.46 -7.91 -15.77
CA VAL C 277 -15.79 -7.77 -16.35
C VAL C 277 -16.85 -7.42 -15.31
N VAL C 278 -16.53 -7.51 -14.03
CA VAL C 278 -17.52 -7.26 -12.97
C VAL C 278 -17.71 -5.76 -12.79
N PRO C 279 -18.93 -5.30 -12.49
CA PRO C 279 -19.10 -3.88 -12.15
C PRO C 279 -18.38 -3.52 -10.88
N ALA C 280 -17.90 -2.28 -10.81
CA ALA C 280 -17.15 -1.81 -9.66
C ALA C 280 -18.07 -1.57 -8.48
N SER C 281 -17.68 -2.07 -7.30
CA SER C 281 -18.45 -1.89 -6.08
C SER C 281 -17.90 -0.79 -5.19
N GLY C 282 -16.80 -0.15 -5.58
CA GLY C 282 -16.17 0.84 -4.76
C GLY C 282 -15.24 0.30 -3.70
N LYS C 283 -15.16 -1.02 -3.54
CA LYS C 283 -14.25 -1.66 -2.61
C LYS C 283 -13.34 -2.59 -3.39
N VAL C 284 -12.04 -2.51 -3.11
CA VAL C 284 -11.03 -3.31 -3.81
C VAL C 284 -10.15 -3.99 -2.78
N LEU C 285 -10.01 -5.29 -2.89
CA LEU C 285 -9.19 -6.06 -1.97
C LEU C 285 -7.71 -5.91 -2.30
N THR C 286 -6.88 -6.59 -1.53
CA THR C 286 -5.44 -6.57 -1.77
C THR C 286 -5.13 -7.16 -3.13
N GLY C 287 -4.29 -6.46 -3.90
CA GLY C 287 -3.89 -6.93 -5.22
C GLY C 287 -4.74 -6.43 -6.36
N GLY C 288 -5.87 -5.79 -6.08
CA GLY C 288 -6.70 -5.27 -7.14
C GLY C 288 -7.88 -6.15 -7.50
N VAL C 289 -8.56 -6.68 -6.48
CA VAL C 289 -9.72 -7.53 -6.64
C VAL C 289 -10.90 -6.88 -5.94
N ASP C 290 -12.04 -6.81 -6.62
CA ASP C 290 -13.22 -6.19 -6.04
C ASP C 290 -13.81 -7.09 -4.95
N ALA C 291 -14.70 -6.48 -4.15
CA ALA C 291 -15.34 -7.23 -3.07
C ALA C 291 -16.19 -8.37 -3.62
N ASN C 292 -16.94 -8.14 -4.69
CA ASN C 292 -17.82 -9.14 -5.26
C ASN C 292 -17.37 -9.59 -6.63
N ALA C 293 -16.06 -9.53 -6.89
CA ALA C 293 -15.51 -10.03 -8.15
C ALA C 293 -15.26 -11.53 -8.13
N LEU C 294 -15.28 -12.15 -6.95
CA LEU C 294 -14.97 -13.57 -6.81
C LEU C 294 -16.19 -14.42 -6.55
N HIS C 295 -17.38 -13.84 -6.54
CA HIS C 295 -18.59 -14.64 -6.32
C HIS C 295 -18.85 -15.56 -7.50
N ARG C 296 -18.81 -15.01 -8.72
CA ARG C 296 -19.04 -15.82 -9.92
C ARG C 296 -17.97 -16.89 -10.12
N PRO C 297 -16.67 -16.59 -10.01
CA PRO C 297 -15.69 -17.70 -10.09
C PRO C 297 -15.87 -18.72 -9.00
N LYS C 298 -16.27 -18.29 -7.80
CA LYS C 298 -16.52 -19.24 -6.73
C LYS C 298 -17.67 -20.18 -7.08
N ARG C 299 -18.75 -19.64 -7.64
CA ARG C 299 -19.86 -20.49 -8.06
C ARG C 299 -19.44 -21.43 -9.18
N PHE C 300 -18.66 -20.92 -10.14
CA PHE C 300 -18.19 -21.77 -11.22
C PHE C 300 -17.37 -22.94 -10.70
N PHE C 301 -16.44 -22.66 -9.78
CA PHE C 301 -15.59 -23.72 -9.24
C PHE C 301 -16.37 -24.66 -8.35
N GLY C 302 -17.30 -24.13 -7.56
CA GLY C 302 -18.10 -24.93 -6.66
C GLY C 302 -19.28 -25.63 -7.28
N ALA C 303 -19.47 -25.46 -8.59
CA ALA C 303 -20.46 -26.29 -9.28
C ALA C 303 -20.06 -27.76 -9.28
N ALA C 304 -18.81 -28.07 -8.98
CA ALA C 304 -18.34 -29.45 -8.96
C ALA C 304 -18.75 -30.11 -7.65
N ARG C 305 -19.41 -31.26 -7.75
CA ARG C 305 -19.88 -31.96 -6.57
C ARG C 305 -20.17 -33.41 -6.93
N ASN C 306 -20.23 -34.25 -5.90
CA ASN C 306 -20.68 -35.61 -6.03
C ASN C 306 -22.12 -35.70 -5.55
N VAL C 307 -22.97 -36.31 -6.38
CA VAL C 307 -24.41 -36.30 -6.17
C VAL C 307 -24.87 -37.68 -5.73
N GLU C 308 -25.67 -37.71 -4.67
CA GLU C 308 -26.17 -38.99 -4.15
C GLU C 308 -27.12 -39.65 -5.14
N GLU C 309 -27.91 -38.85 -5.86
CA GLU C 309 -28.88 -39.40 -6.79
C GLU C 309 -28.20 -40.20 -7.90
N GLY C 310 -27.10 -39.69 -8.41
CA GLY C 310 -26.36 -40.35 -9.48
C GLY C 310 -25.63 -39.32 -10.31
N GLY C 311 -24.47 -39.73 -10.84
CA GLY C 311 -23.65 -38.82 -11.61
C GLY C 311 -22.82 -37.92 -10.72
N SER C 312 -21.93 -37.18 -11.36
CA SER C 312 -21.03 -36.30 -10.63
C SER C 312 -20.41 -35.31 -11.60
N LEU C 313 -19.93 -34.20 -11.05
CA LEU C 313 -19.22 -33.17 -11.80
C LEU C 313 -17.87 -32.96 -11.15
N THR C 314 -16.81 -33.37 -11.84
CA THR C 314 -15.45 -33.18 -11.38
C THR C 314 -14.85 -31.98 -12.10
N ILE C 315 -14.11 -31.15 -11.38
CA ILE C 315 -13.41 -30.01 -11.97
C ILE C 315 -11.97 -30.03 -11.48
N ILE C 316 -11.03 -30.13 -12.40
CA ILE C 316 -9.61 -30.05 -12.10
C ILE C 316 -9.08 -28.82 -12.81
N ALA C 317 -8.63 -27.83 -12.05
CA ALA C 317 -8.25 -26.55 -12.59
C ALA C 317 -6.79 -26.24 -12.25
N THR C 318 -6.14 -25.50 -13.14
CA THR C 318 -4.76 -25.09 -12.93
C THR C 318 -4.71 -23.63 -12.48
N ALA C 319 -4.06 -23.38 -11.35
CA ALA C 319 -3.95 -22.05 -10.79
C ALA C 319 -2.50 -21.59 -10.76
N LEU C 320 -2.31 -20.30 -10.53
CA LEU C 320 -0.99 -19.67 -10.57
C LEU C 320 -0.67 -19.04 -9.22
N ILE C 321 0.59 -19.15 -8.80
CA ILE C 321 1.09 -18.50 -7.60
C ILE C 321 2.49 -18.00 -7.87
N ASP C 322 3.02 -17.21 -6.94
CA ASP C 322 4.38 -16.69 -6.99
C ASP C 322 4.64 -15.95 -8.30
N THR C 323 3.65 -15.17 -8.74
CA THR C 323 3.77 -14.38 -9.95
C THR C 323 4.12 -12.92 -9.66
N GLY C 324 4.48 -12.60 -8.42
CA GLY C 324 4.81 -11.24 -8.04
C GLY C 324 3.63 -10.36 -7.73
N SER C 325 2.41 -10.80 -8.02
CA SER C 325 1.20 -10.04 -7.74
C SER C 325 0.43 -10.71 -6.61
N LYS C 326 0.11 -9.93 -5.58
CA LYS C 326 -0.65 -10.48 -4.45
C LYS C 326 -2.05 -10.90 -4.85
N MET C 327 -2.56 -10.37 -5.97
CA MET C 327 -3.90 -10.74 -6.43
C MET C 327 -3.97 -12.23 -6.75
N ASP C 328 -2.92 -12.77 -7.35
CA ASP C 328 -2.89 -14.20 -7.65
C ASP C 328 -2.91 -15.04 -6.38
N GLU C 329 -2.20 -14.60 -5.34
CA GLU C 329 -2.25 -15.29 -4.06
C GLU C 329 -3.64 -15.21 -3.44
N VAL C 330 -4.31 -14.06 -3.58
CA VAL C 330 -5.68 -13.95 -3.09
C VAL C 330 -6.59 -14.95 -3.80
N ILE C 331 -6.46 -15.02 -5.12
CA ILE C 331 -7.26 -15.95 -5.91
C ILE C 331 -7.01 -17.38 -5.47
N TYR C 332 -5.73 -17.75 -5.32
CA TYR C 332 -5.39 -19.11 -4.94
C TYR C 332 -5.92 -19.45 -3.56
N GLU C 333 -5.80 -18.51 -2.61
CA GLU C 333 -6.28 -18.78 -1.26
C GLU C 333 -7.79 -18.94 -1.24
N GLU C 334 -8.52 -18.10 -1.99
CA GLU C 334 -9.97 -18.24 -2.04
C GLU C 334 -10.37 -19.59 -2.63
N PHE C 335 -9.72 -19.98 -3.74
CA PHE C 335 -10.12 -21.23 -4.38
C PHE C 335 -9.69 -22.44 -3.56
N LYS C 336 -8.60 -22.33 -2.80
CA LYS C 336 -8.25 -23.38 -1.85
C LYS C 336 -9.28 -23.45 -0.73
N GLY C 337 -9.81 -22.29 -0.33
CA GLY C 337 -10.87 -22.28 0.65
C GLY C 337 -12.14 -22.95 0.16
N THR C 338 -12.41 -22.86 -1.14
CA THR C 338 -13.59 -23.51 -1.71
C THR C 338 -13.26 -24.81 -2.44
N GLY C 339 -12.05 -25.35 -2.28
CA GLY C 339 -11.62 -26.52 -3.02
C GLY C 339 -11.60 -27.79 -2.17
N ASN C 340 -11.25 -28.88 -2.85
CA ASN C 340 -11.15 -30.20 -2.23
C ASN C 340 -9.75 -30.77 -2.30
N MET C 341 -9.11 -30.73 -3.47
CA MET C 341 -7.80 -31.33 -3.67
C MET C 341 -6.83 -30.28 -4.17
N GLU C 342 -5.63 -30.24 -3.59
CA GLU C 342 -4.57 -29.35 -4.02
C GLU C 342 -3.37 -30.18 -4.44
N LEU C 343 -2.79 -29.86 -5.60
CA LEU C 343 -1.57 -30.48 -6.09
C LEU C 343 -0.58 -29.38 -6.40
N HIS C 344 0.47 -29.29 -5.62
CA HIS C 344 1.44 -28.21 -5.74
C HIS C 344 2.64 -28.67 -6.54
N LEU C 345 3.06 -27.85 -7.50
CA LEU C 345 4.29 -28.08 -8.25
C LEU C 345 5.27 -26.96 -7.93
N SER C 346 6.53 -27.33 -7.73
CA SER C 346 7.56 -26.39 -7.31
C SER C 346 8.42 -25.98 -8.50
N ARG C 347 8.79 -24.69 -8.53
CA ARG C 347 9.59 -24.19 -9.63
C ARG C 347 11.03 -24.68 -9.56
N LYS C 348 11.57 -24.89 -8.34
CA LYS C 348 12.94 -25.34 -8.22
C LYS C 348 13.10 -26.78 -8.71
N ILE C 349 12.10 -27.63 -8.49
CA ILE C 349 12.17 -28.98 -9.03
C ILE C 349 12.08 -28.96 -10.55
N ALA C 350 11.27 -28.04 -11.10
CA ALA C 350 11.20 -27.91 -12.55
C ALA C 350 12.52 -27.44 -13.13
N GLU C 351 13.17 -26.47 -12.48
CA GLU C 351 14.47 -26.00 -12.95
C GLU C 351 15.53 -27.09 -12.82
N LYS C 352 15.34 -28.03 -11.90
CA LYS C 352 16.20 -29.20 -11.79
C LYS C 352 15.98 -30.16 -12.95
N ARG C 353 14.96 -29.93 -13.78
CA ARG C 353 14.59 -30.82 -14.88
C ARG C 353 14.18 -32.20 -14.37
N VAL C 354 13.54 -32.23 -13.21
CA VAL C 354 12.97 -33.45 -12.65
C VAL C 354 11.46 -33.33 -12.76
N PHE C 355 10.86 -34.21 -13.56
CA PHE C 355 9.43 -34.13 -13.81
C PHE C 355 8.75 -35.44 -13.45
N PRO C 356 7.55 -35.39 -12.86
CA PRO C 356 6.77 -34.19 -12.51
C PRO C 356 7.36 -33.43 -11.33
N ALA C 357 7.32 -32.10 -11.36
CA ALA C 357 7.91 -31.29 -10.31
C ALA C 357 6.94 -31.11 -9.15
N ILE C 358 6.40 -32.20 -8.64
CA ILE C 358 5.34 -32.14 -7.65
C ILE C 358 5.94 -31.83 -6.28
N ASP C 359 5.31 -30.90 -5.56
CA ASP C 359 5.67 -30.62 -4.17
C ASP C 359 4.86 -31.55 -3.28
N TYR C 360 5.48 -32.66 -2.87
CA TYR C 360 4.74 -33.73 -2.23
C TYR C 360 4.19 -33.33 -0.87
N ASN C 361 4.90 -32.48 -0.13
CA ASN C 361 4.47 -32.15 1.22
C ASN C 361 3.23 -31.27 1.20
N ARG C 362 3.19 -30.28 0.33
CA ARG C 362 2.05 -29.37 0.28
C ARG C 362 0.87 -29.95 -0.48
N SER C 363 1.06 -31.02 -1.23
CA SER C 363 -0.02 -31.62 -1.98
C SER C 363 -0.83 -32.57 -1.12
N GLY C 364 -2.11 -32.72 -1.45
CA GLY C 364 -2.98 -33.61 -0.73
C GLY C 364 -4.45 -33.34 -0.98
N THR C 365 -5.27 -34.39 -0.93
CA THR C 365 -6.70 -34.27 -1.11
C THR C 365 -7.42 -34.36 0.23
N ARG C 366 -8.62 -33.81 0.27
CA ARG C 366 -9.43 -33.81 1.48
C ARG C 366 -10.27 -35.06 1.56
N LYS C 367 -10.32 -35.64 2.77
CA LYS C 367 -11.10 -36.85 3.02
C LYS C 367 -10.67 -37.98 2.10
N GLU C 368 -9.37 -38.26 2.10
CA GLU C 368 -8.84 -39.33 1.25
C GLU C 368 -9.21 -40.72 1.72
N GLU C 369 -9.72 -40.86 2.95
CA GLU C 369 -10.13 -42.18 3.43
C GLU C 369 -11.35 -42.70 2.69
N LEU C 370 -12.13 -41.83 2.06
CA LEU C 370 -13.28 -42.27 1.28
C LEU C 370 -12.91 -42.68 -0.14
N LEU C 371 -11.68 -42.39 -0.57
CA LEU C 371 -11.24 -42.69 -1.93
C LEU C 371 -10.24 -43.83 -2.00
N THR C 372 -9.79 -44.35 -0.87
CA THR C 372 -8.75 -45.36 -0.85
C THR C 372 -9.14 -46.47 0.11
N THR C 373 -8.57 -47.66 -0.13
CA THR C 373 -8.76 -48.77 0.78
C THR C 373 -7.92 -48.57 2.04
N GLN C 374 -8.19 -49.38 3.06
CA GLN C 374 -7.46 -49.28 4.31
C GLN C 374 -5.98 -49.58 4.09
N GLU C 375 -5.68 -50.65 3.35
CA GLU C 375 -4.28 -50.98 3.07
C GLU C 375 -3.62 -49.91 2.24
N GLU C 376 -4.31 -49.41 1.21
CA GLU C 376 -3.76 -48.34 0.39
C GLU C 376 -3.50 -47.09 1.22
N LEU C 377 -4.46 -46.72 2.07
CA LEU C 377 -4.28 -45.53 2.89
C LEU C 377 -3.10 -45.69 3.85
N GLN C 378 -2.96 -46.88 4.45
CA GLN C 378 -1.82 -47.12 5.34
C GLN C 378 -0.50 -47.00 4.60
N LYS C 379 -0.44 -47.57 3.40
CA LYS C 379 0.80 -47.51 2.63
C LYS C 379 1.14 -46.08 2.23
N MET C 380 0.14 -45.30 1.81
CA MET C 380 0.38 -43.90 1.48
C MET C 380 0.82 -43.11 2.71
N TRP C 381 0.25 -43.41 3.88
CA TRP C 381 0.67 -42.74 5.10
C TRP C 381 2.12 -43.06 5.44
N ILE C 382 2.52 -44.33 5.28
CA ILE C 382 3.91 -44.70 5.53
C ILE C 382 4.83 -43.98 4.57
N LEU C 383 4.46 -43.93 3.28
CA LEU C 383 5.29 -43.26 2.29
C LEU C 383 5.40 -41.76 2.60
N ARG C 384 4.30 -41.14 3.02
CA ARG C 384 4.33 -39.73 3.38
C ARG C 384 5.22 -39.49 4.59
N LYS C 385 5.18 -40.39 5.57
CA LYS C 385 6.07 -40.27 6.73
C LYS C 385 7.52 -40.37 6.30
N ILE C 386 7.82 -41.26 5.36
CA ILE C 386 9.19 -41.38 4.86
C ILE C 386 9.61 -40.12 4.11
N ILE C 387 8.71 -39.57 3.30
CA ILE C 387 9.08 -38.48 2.39
C ILE C 387 9.10 -37.11 3.09
N HIS C 388 8.38 -36.95 4.20
CA HIS C 388 8.28 -35.63 4.82
C HIS C 388 9.64 -35.04 5.20
N PRO C 389 10.58 -35.75 5.84
CA PRO C 389 11.82 -35.09 6.26
C PRO C 389 12.65 -34.52 5.12
N MET C 390 12.70 -35.19 3.97
CA MET C 390 13.60 -34.76 2.90
C MET C 390 13.06 -33.52 2.19
N GLY C 391 13.99 -32.76 1.60
CA GLY C 391 13.61 -31.59 0.84
C GLY C 391 12.87 -31.96 -0.44
N GLU C 392 12.14 -30.98 -0.98
CA GLU C 392 11.20 -31.27 -2.06
C GLU C 392 11.91 -31.80 -3.30
N ILE C 393 13.04 -31.20 -3.68
CA ILE C 393 13.80 -31.71 -4.82
C ILE C 393 14.30 -33.12 -4.54
N ASP C 394 14.88 -33.31 -3.35
CA ASP C 394 15.38 -34.62 -2.98
C ASP C 394 14.25 -35.63 -2.84
N ALA C 395 13.12 -35.20 -2.28
CA ALA C 395 11.99 -36.11 -2.11
C ALA C 395 11.46 -36.57 -3.47
N MET C 396 11.31 -35.64 -4.41
CA MET C 396 10.80 -36.02 -5.73
C MET C 396 11.81 -36.87 -6.49
N GLU C 397 13.10 -36.55 -6.38
CA GLU C 397 14.10 -37.39 -7.02
C GLU C 397 14.07 -38.81 -6.47
N PHE C 398 13.98 -38.94 -5.15
CA PHE C 398 13.92 -40.25 -4.51
C PHE C 398 12.68 -41.02 -4.96
N LEU C 399 11.53 -40.34 -4.98
CA LEU C 399 10.29 -41.01 -5.37
C LEU C 399 10.33 -41.45 -6.82
N ILE C 400 10.80 -40.59 -7.71
CA ILE C 400 10.88 -40.94 -9.13
C ILE C 400 11.82 -42.11 -9.34
N ASN C 401 12.99 -42.08 -8.68
CA ASN C 401 13.94 -43.18 -8.82
C ASN C 401 13.36 -44.48 -8.29
N LYS C 402 12.63 -44.41 -7.17
CA LYS C 402 12.13 -45.64 -6.55
C LYS C 402 11.00 -46.25 -7.37
N LEU C 403 10.07 -45.45 -7.87
CA LEU C 403 8.95 -46.00 -8.63
C LEU C 403 9.23 -46.02 -10.13
N ALA C 404 10.45 -45.73 -10.55
CA ALA C 404 10.79 -45.84 -11.96
C ALA C 404 10.90 -47.29 -12.42
N MET C 405 11.36 -48.19 -11.53
CA MET C 405 11.60 -49.58 -11.91
C MET C 405 10.45 -50.50 -11.51
N THR C 406 9.29 -49.96 -11.17
CA THR C 406 8.10 -50.74 -10.89
C THR C 406 7.01 -50.35 -11.87
N LYS C 407 6.34 -51.36 -12.43
CA LYS C 407 5.31 -51.11 -13.44
C LYS C 407 4.00 -50.61 -12.85
N THR C 408 3.78 -50.81 -11.55
CA THR C 408 2.52 -50.46 -10.92
C THR C 408 2.81 -49.96 -9.51
N ASN C 409 1.97 -49.04 -9.03
CA ASN C 409 2.13 -48.53 -7.68
C ASN C 409 2.08 -49.64 -6.64
N ASP C 410 1.36 -50.73 -6.94
CA ASP C 410 1.33 -51.87 -6.02
C ASP C 410 2.71 -52.52 -5.94
N ASP C 411 3.34 -52.78 -7.08
CA ASP C 411 4.67 -53.36 -7.05
C ASP C 411 5.63 -52.45 -6.32
N PHE C 412 5.48 -51.14 -6.48
CA PHE C 412 6.31 -50.19 -5.76
C PHE C 412 6.09 -50.30 -4.26
N PHE C 413 4.84 -50.43 -3.82
CA PHE C 413 4.54 -50.48 -2.40
C PHE C 413 5.12 -51.72 -1.73
N GLU C 414 4.87 -52.91 -2.31
CA GLU C 414 5.52 -54.11 -1.78
C GLU C 414 7.05 -54.07 -1.88
N MET C 415 7.61 -53.52 -2.96
CA MET C 415 9.06 -53.46 -3.05
C MET C 415 9.65 -52.54 -1.97
N MET C 416 9.01 -51.40 -1.73
CA MET C 416 9.46 -50.50 -0.68
C MET C 416 9.28 -51.11 0.69
N LYS C 417 8.17 -51.82 0.91
CA LYS C 417 7.93 -52.47 2.19
C LYS C 417 8.98 -53.54 2.46
N ARG C 418 9.36 -54.30 1.43
CA ARG C 418 10.40 -55.32 1.60
C ARG C 418 11.72 -54.68 1.98
N SER C 419 12.08 -53.57 1.34
CA SER C 419 13.35 -52.91 1.61
C SER C 419 13.20 -51.40 1.52
N MET D 1 11.21 4.55 -61.36
CA MET D 1 11.45 5.49 -60.26
C MET D 1 10.25 5.53 -59.33
N ASN D 2 10.51 5.70 -58.04
CA ASN D 2 9.49 5.77 -57.01
C ASN D 2 9.58 7.09 -56.26
N LEU D 3 8.54 7.38 -55.49
CA LEU D 3 8.58 8.54 -54.60
C LEU D 3 9.67 8.38 -53.56
N THR D 4 9.78 7.19 -52.97
CA THR D 4 10.85 6.94 -52.00
C THR D 4 12.23 7.02 -52.66
N GLU D 5 12.31 6.71 -53.95
CA GLU D 5 13.57 6.88 -54.67
C GLU D 5 13.98 8.35 -54.68
N LEU D 6 13.02 9.25 -54.91
CA LEU D 6 13.31 10.68 -54.82
C LEU D 6 13.53 11.12 -53.38
N LYS D 7 13.01 10.38 -52.41
CA LYS D 7 13.29 10.70 -51.01
C LYS D 7 14.73 10.39 -50.65
N ASN D 8 15.25 9.25 -51.13
CA ASN D 8 16.58 8.79 -50.73
C ASN D 8 17.71 9.56 -51.40
N THR D 9 17.45 10.23 -52.51
CA THR D 9 18.51 10.97 -53.18
C THR D 9 18.84 12.26 -52.44
N PRO D 10 20.08 12.71 -52.48
CA PRO D 10 20.45 13.97 -51.83
C PRO D 10 19.75 15.16 -52.49
N VAL D 11 19.63 16.24 -51.72
CA VAL D 11 18.93 17.43 -52.20
C VAL D 11 19.64 18.03 -53.40
N SER D 12 20.97 17.94 -53.45
CA SER D 12 21.71 18.48 -54.59
C SER D 12 21.33 17.76 -55.88
N GLU D 13 21.23 16.43 -55.84
CA GLU D 13 20.90 15.69 -57.05
C GLU D 13 19.51 16.05 -57.56
N LEU D 14 18.52 16.14 -56.66
CA LEU D 14 17.17 16.45 -57.11
C LEU D 14 17.04 17.90 -57.56
N ILE D 15 17.77 18.83 -56.93
CA ILE D 15 17.69 20.22 -57.38
C ILE D 15 18.37 20.36 -58.74
N THR D 16 19.47 19.63 -58.98
CA THR D 16 20.08 19.64 -60.30
C THR D 16 19.14 19.03 -61.35
N LEU D 17 18.44 17.96 -60.97
CA LEU D 17 17.45 17.37 -61.87
C LEU D 17 16.34 18.34 -62.20
N GLY D 18 15.83 19.05 -61.19
CA GLY D 18 14.81 20.05 -61.43
C GLY D 18 15.29 21.25 -62.20
N GLU D 19 16.60 21.51 -62.18
CA GLU D 19 17.14 22.65 -62.91
C GLU D 19 17.52 22.33 -64.35
N ASN D 20 17.90 21.08 -64.65
CA ASN D 20 18.40 20.81 -66.01
C ASN D 20 17.29 20.68 -67.04
N MET D 21 16.19 19.97 -66.75
CA MET D 21 15.08 19.90 -67.69
C MET D 21 13.75 20.36 -67.09
N GLY D 22 13.69 20.62 -65.79
CA GLY D 22 12.50 21.15 -65.17
C GLY D 22 12.56 22.65 -64.99
N LEU D 23 11.61 23.17 -64.22
CA LEU D 23 11.59 24.59 -63.92
C LEU D 23 12.77 24.97 -63.03
N GLU D 24 13.40 26.09 -63.32
CA GLU D 24 14.58 26.51 -62.59
C GLU D 24 14.23 26.83 -61.14
N ASN D 25 15.13 26.50 -60.23
CA ASN D 25 14.93 26.73 -58.81
C ASN D 25 16.27 26.82 -58.12
N LEU D 26 16.40 27.77 -57.19
CA LEU D 26 17.60 27.93 -56.38
C LEU D 26 17.47 27.27 -55.01
N ALA D 27 16.39 26.53 -54.77
CA ALA D 27 16.20 25.73 -53.55
C ALA D 27 16.26 26.60 -52.29
N ARG D 28 15.31 27.51 -52.17
CA ARG D 28 15.14 28.31 -50.97
C ARG D 28 14.16 27.69 -49.98
N MET D 29 13.47 26.62 -50.36
CA MET D 29 12.46 26.00 -49.52
C MET D 29 12.85 24.57 -49.19
N ARG D 30 11.92 23.85 -48.55
CA ARG D 30 12.20 22.51 -48.08
C ARG D 30 12.24 21.51 -49.24
N LYS D 31 12.80 20.33 -48.94
CA LYS D 31 12.97 19.30 -49.97
C LYS D 31 11.62 18.75 -50.44
N GLN D 32 10.67 18.58 -49.52
CA GLN D 32 9.39 18.01 -49.88
C GLN D 32 8.64 18.87 -50.90
N ASP D 33 8.80 20.19 -50.84
CA ASP D 33 8.20 21.05 -51.84
C ASP D 33 8.78 20.79 -53.22
N ILE D 34 10.10 20.63 -53.30
CA ILE D 34 10.74 20.29 -54.57
C ILE D 34 10.23 18.95 -55.08
N ILE D 35 10.08 17.98 -54.17
CA ILE D 35 9.60 16.65 -54.57
C ILE D 35 8.19 16.75 -55.12
N PHE D 36 7.32 17.50 -54.44
CA PHE D 36 5.95 17.66 -54.92
C PHE D 36 5.92 18.35 -56.27
N ALA D 37 6.72 19.39 -56.45
CA ALA D 37 6.75 20.12 -57.71
C ALA D 37 7.22 19.22 -58.85
N ILE D 38 8.30 18.48 -58.63
CA ILE D 38 8.84 17.64 -59.71
C ILE D 38 7.87 16.49 -60.01
N LEU D 39 7.20 15.94 -58.99
CA LEU D 39 6.21 14.90 -59.26
C LEU D 39 5.03 15.43 -60.04
N LYS D 40 4.56 16.64 -59.70
CA LYS D 40 3.45 17.24 -60.43
C LYS D 40 3.84 17.49 -61.89
N GLN D 41 5.04 18.02 -62.11
CA GLN D 41 5.49 18.29 -63.48
C GLN D 41 5.69 16.99 -64.25
N HIS D 42 6.12 15.93 -63.56
CA HIS D 42 6.33 14.66 -64.22
C HIS D 42 5.00 14.00 -64.59
N ALA D 43 3.98 14.20 -63.74
CA ALA D 43 2.64 13.73 -64.08
C ALA D 43 2.03 14.54 -65.21
N LYS D 44 2.33 15.84 -65.27
CA LYS D 44 1.80 16.68 -66.34
C LYS D 44 2.31 16.24 -67.71
N SER D 45 3.41 15.50 -67.77
CA SER D 45 3.90 14.98 -69.03
C SER D 45 3.04 13.85 -69.56
N GLY D 46 2.09 13.35 -68.78
CA GLY D 46 1.21 12.28 -69.20
C GLY D 46 1.63 10.89 -68.79
N GLU D 47 2.79 10.74 -68.16
CA GLU D 47 3.27 9.44 -67.72
C GLU D 47 2.73 9.15 -66.31
N ASP D 48 3.25 8.11 -65.66
CA ASP D 48 2.72 7.64 -64.38
C ASP D 48 3.78 7.75 -63.30
N ILE D 49 3.40 8.29 -62.15
CA ILE D 49 4.25 8.33 -60.97
C ILE D 49 4.07 7.05 -60.18
N PHE D 50 5.14 6.58 -59.56
CA PHE D 50 5.09 5.38 -58.73
C PHE D 50 5.34 5.73 -57.27
N GLY D 51 4.93 4.81 -56.40
CA GLY D 51 5.13 5.00 -54.97
C GLY D 51 4.90 3.71 -54.23
N ASP D 52 5.19 3.73 -52.94
CA ASP D 52 5.03 2.55 -52.10
C ASP D 52 4.92 2.98 -50.65
N GLY D 53 4.41 2.05 -49.83
CA GLY D 53 4.26 2.34 -48.42
C GLY D 53 3.66 1.16 -47.70
N VAL D 54 3.34 1.37 -46.42
CA VAL D 54 2.69 0.39 -45.58
C VAL D 54 1.33 0.93 -45.19
N LEU D 55 0.28 0.16 -45.46
CA LEU D 55 -1.08 0.66 -45.31
C LEU D 55 -1.49 0.75 -43.85
N GLU D 56 -2.08 1.89 -43.47
CA GLU D 56 -2.76 2.04 -42.20
C GLU D 56 -4.17 2.53 -42.49
N ILE D 57 -5.17 1.79 -42.01
CA ILE D 57 -6.57 2.05 -42.32
C ILE D 57 -7.17 2.84 -41.17
N LEU D 58 -7.73 4.00 -41.49
CA LEU D 58 -8.38 4.83 -40.49
C LEU D 58 -9.78 4.32 -40.20
N GLN D 59 -10.35 4.80 -39.09
CA GLN D 59 -11.68 4.35 -38.68
C GLN D 59 -12.76 4.79 -39.65
N ASP D 60 -12.52 5.84 -40.44
CA ASP D 60 -13.55 6.30 -41.37
C ASP D 60 -13.68 5.38 -42.57
N GLY D 61 -12.63 4.65 -42.92
CA GLY D 61 -12.68 3.74 -44.04
C GLY D 61 -11.53 3.88 -45.01
N PHE D 62 -11.07 5.11 -45.22
CA PHE D 62 -9.93 5.35 -46.09
C PHE D 62 -8.64 4.99 -45.36
N GLY D 63 -7.54 4.95 -46.11
CA GLY D 63 -6.25 4.59 -45.53
C GLY D 63 -5.13 5.43 -46.09
N PHE D 64 -3.97 5.32 -45.44
CA PHE D 64 -2.78 6.04 -45.85
C PHE D 64 -1.59 5.10 -45.89
N LEU D 65 -0.72 5.29 -46.88
CA LEU D 65 0.49 4.49 -47.01
C LEU D 65 1.62 5.21 -46.28
N ARG D 66 1.84 4.83 -45.02
CA ARG D 66 2.91 5.42 -44.24
C ARG D 66 4.27 4.92 -44.73
N SER D 67 5.31 5.65 -44.37
CA SER D 67 6.67 5.35 -44.78
C SER D 67 7.53 4.98 -43.58
N ALA D 68 8.61 4.24 -43.86
CA ALA D 68 9.45 3.74 -42.78
C ALA D 68 10.27 4.85 -42.13
N ASP D 69 10.60 5.89 -42.88
CA ASP D 69 11.41 6.97 -42.32
C ASP D 69 10.69 7.70 -41.19
N SER D 70 9.36 7.79 -41.27
CA SER D 70 8.55 8.40 -40.23
C SER D 70 8.10 7.38 -39.18
N SER D 71 8.75 6.22 -39.13
CA SER D 71 8.38 5.14 -38.21
C SER D 71 6.94 4.72 -38.39
N TYR D 72 6.48 4.69 -39.65
CA TYR D 72 5.12 4.27 -39.99
C TYR D 72 4.08 5.12 -39.26
N LEU D 73 4.33 6.42 -39.17
CA LEU D 73 3.41 7.35 -38.55
C LEU D 73 2.95 8.38 -39.57
N ALA D 74 2.02 9.22 -39.16
CA ALA D 74 1.47 10.25 -40.04
C ALA D 74 2.56 11.25 -40.38
N GLY D 75 2.92 11.34 -41.65
CA GLY D 75 3.91 12.27 -42.12
C GLY D 75 3.30 13.33 -43.01
N PRO D 76 4.13 14.19 -43.60
CA PRO D 76 3.62 15.20 -44.51
C PRO D 76 3.46 14.76 -45.97
N ASP D 77 3.75 13.49 -46.29
CA ASP D 77 3.42 12.91 -47.59
C ASP D 77 3.03 11.46 -47.34
N ASP D 78 1.75 11.16 -47.52
CA ASP D 78 1.21 9.82 -47.32
C ASP D 78 0.19 9.57 -48.42
N ILE D 79 0.44 8.54 -49.23
CA ILE D 79 -0.46 8.24 -50.34
C ILE D 79 -1.81 7.81 -49.79
N TYR D 80 -2.86 8.48 -50.23
CA TYR D 80 -4.21 8.16 -49.80
C TYR D 80 -4.76 7.02 -50.64
N VAL D 81 -5.42 6.06 -49.97
CA VAL D 81 -6.10 4.96 -50.64
C VAL D 81 -7.55 4.98 -50.22
N SER D 82 -8.44 4.95 -51.22
CA SER D 82 -9.87 5.01 -51.01
C SER D 82 -10.40 3.70 -50.45
N PRO D 83 -11.52 3.74 -49.72
CA PRO D 83 -12.10 2.49 -49.22
C PRO D 83 -12.50 1.53 -50.33
N SER D 84 -12.78 2.05 -51.52
CA SER D 84 -13.12 1.18 -52.64
C SER D 84 -11.96 0.25 -52.99
N GLN D 85 -10.74 0.78 -53.05
CA GLN D 85 -9.58 -0.05 -53.33
C GLN D 85 -9.34 -1.06 -52.22
N ILE D 86 -9.51 -0.64 -50.97
CA ILE D 86 -9.32 -1.54 -49.83
C ILE D 86 -10.30 -2.71 -49.91
N ARG D 87 -11.56 -2.41 -50.20
CA ARG D 87 -12.54 -3.48 -50.35
C ARG D 87 -12.25 -4.35 -51.57
N ARG D 88 -11.75 -3.74 -52.65
CA ARG D 88 -11.46 -4.49 -53.87
C ARG D 88 -10.36 -5.50 -53.65
N PHE D 89 -9.29 -5.12 -52.94
CA PHE D 89 -8.14 -5.99 -52.77
C PHE D 89 -8.07 -6.63 -51.39
N ASN D 90 -9.11 -6.47 -50.58
CA ASN D 90 -9.17 -7.08 -49.24
C ASN D 90 -7.95 -6.69 -48.40
N LEU D 91 -7.54 -5.42 -48.51
CA LEU D 91 -6.36 -4.94 -47.80
C LEU D 91 -6.70 -4.69 -46.34
N ARG D 92 -5.73 -4.97 -45.47
CA ARG D 92 -5.84 -4.72 -44.05
C ARG D 92 -4.68 -3.84 -43.60
N THR D 93 -4.74 -3.40 -42.35
CA THR D 93 -3.70 -2.53 -41.81
C THR D 93 -2.36 -3.27 -41.78
N GLY D 94 -1.31 -2.59 -42.20
CA GLY D 94 0.02 -3.16 -42.23
C GLY D 94 0.43 -3.77 -43.56
N ASP D 95 -0.43 -3.75 -44.56
CA ASP D 95 -0.09 -4.29 -45.86
C ASP D 95 0.87 -3.36 -46.59
N THR D 96 1.95 -3.92 -47.12
CA THR D 96 2.89 -3.14 -47.91
C THR D 96 2.42 -3.09 -49.36
N ILE D 97 2.07 -1.89 -49.81
CA ILE D 97 1.46 -1.69 -51.13
C ILE D 97 2.38 -0.80 -51.95
N SER D 98 2.69 -1.24 -53.16
CA SER D 98 3.46 -0.46 -54.12
C SER D 98 2.67 -0.36 -55.42
N GLY D 99 2.53 0.86 -55.93
CA GLY D 99 1.75 1.04 -57.14
C GLY D 99 1.80 2.45 -57.66
N LYS D 100 0.94 2.71 -58.64
CA LYS D 100 0.91 3.98 -59.34
C LYS D 100 0.11 5.01 -58.57
N ILE D 101 0.71 6.18 -58.36
CA ILE D 101 0.09 7.25 -57.61
C ILE D 101 -0.19 8.42 -58.55
N ARG D 102 -1.00 9.37 -58.07
CA ARG D 102 -1.34 10.57 -58.81
C ARG D 102 -1.15 11.79 -57.93
N PRO D 103 -0.78 12.93 -58.53
CA PRO D 103 -0.58 14.14 -57.73
C PRO D 103 -1.90 14.64 -57.17
N PRO D 104 -1.87 15.36 -56.05
CA PRO D 104 -3.11 15.90 -55.49
C PRO D 104 -3.65 17.05 -56.33
N LYS D 105 -4.93 16.97 -56.67
CA LYS D 105 -5.60 18.03 -57.41
C LYS D 105 -6.21 19.03 -56.43
N GLU D 106 -7.06 19.92 -56.92
CA GLU D 106 -7.77 20.84 -56.04
C GLU D 106 -8.68 20.05 -55.10
N GLY D 107 -8.74 20.48 -53.85
CA GLY D 107 -9.45 19.73 -52.84
C GLY D 107 -8.71 18.52 -52.32
N GLU D 108 -7.55 18.19 -52.88
CA GLU D 108 -6.73 17.08 -52.43
C GLU D 108 -5.47 17.63 -51.78
N ARG D 109 -5.15 17.12 -50.59
CA ARG D 109 -4.07 17.65 -49.77
C ARG D 109 -2.89 16.69 -49.60
N TYR D 110 -3.08 15.40 -49.79
CA TYR D 110 -1.97 14.47 -49.95
C TYR D 110 -2.10 13.72 -51.27
N PHE D 111 -1.07 12.93 -51.58
CA PHE D 111 -1.08 12.13 -52.80
C PHE D 111 -2.15 11.06 -52.72
N ALA D 112 -2.48 10.49 -53.87
CA ALA D 112 -3.51 9.45 -53.96
C ALA D 112 -2.99 8.30 -54.80
N LEU D 113 -3.49 7.11 -54.51
CA LEU D 113 -3.14 5.89 -55.23
C LEU D 113 -4.28 5.54 -56.18
N LEU D 114 -3.93 5.30 -57.44
CA LEU D 114 -4.93 4.94 -58.44
C LEU D 114 -4.80 3.51 -58.96
N LYS D 115 -3.59 2.96 -58.99
CA LYS D 115 -3.37 1.59 -59.42
C LYS D 115 -2.29 0.97 -58.56
N VAL D 116 -2.53 -0.27 -58.13
CA VAL D 116 -1.55 -1.00 -57.33
C VAL D 116 -0.93 -2.08 -58.20
N ASN D 117 0.34 -2.36 -57.95
CA ASN D 117 1.07 -3.39 -58.68
C ASN D 117 1.70 -4.44 -57.79
N GLU D 118 1.84 -4.20 -56.50
CA GLU D 118 2.46 -5.18 -55.60
C GLU D 118 1.84 -5.04 -54.22
N VAL D 119 1.36 -6.16 -53.68
CA VAL D 119 0.85 -6.23 -52.32
C VAL D 119 1.66 -7.26 -51.57
N ASN D 120 2.38 -6.82 -50.54
CA ASN D 120 3.27 -7.67 -49.75
C ASN D 120 4.26 -8.41 -50.65
N PHE D 121 4.86 -7.65 -51.58
CA PHE D 121 5.83 -8.17 -52.53
C PHE D 121 5.26 -9.32 -53.34
N ASP D 122 4.00 -9.17 -53.76
CA ASP D 122 3.33 -10.17 -54.58
C ASP D 122 2.28 -9.48 -55.43
N LYS D 123 1.89 -10.15 -56.51
CA LYS D 123 0.85 -9.59 -57.37
C LYS D 123 -0.46 -9.50 -56.62
N PRO D 124 -1.26 -8.47 -56.85
CA PRO D 124 -2.43 -8.21 -56.00
C PRO D 124 -3.58 -9.19 -56.23
N GLU D 125 -3.37 -10.19 -57.07
CA GLU D 125 -4.40 -11.20 -57.32
C GLU D 125 -4.30 -12.39 -56.39
N ASN D 126 -3.37 -12.37 -55.43
CA ASN D 126 -3.24 -13.43 -54.45
C ASN D 126 -3.78 -13.05 -53.08
N ALA D 127 -3.93 -11.75 -52.79
CA ALA D 127 -4.40 -11.33 -51.49
C ALA D 127 -5.89 -11.54 -51.29
N ARG D 128 -6.65 -11.70 -52.38
CA ARG D 128 -8.09 -11.87 -52.26
C ARG D 128 -8.46 -13.25 -51.73
N ASN D 129 -7.61 -14.25 -51.96
CA ASN D 129 -7.93 -15.63 -51.62
C ASN D 129 -6.94 -16.20 -50.63
N LYS D 130 -6.60 -15.43 -49.59
CA LYS D 130 -5.68 -15.88 -48.55
C LYS D 130 -6.43 -16.05 -47.23
N ILE D 131 -5.77 -16.70 -46.29
CA ILE D 131 -6.34 -16.98 -44.97
C ILE D 131 -5.85 -15.92 -44.00
N LEU D 132 -6.77 -15.37 -43.21
CA LEU D 132 -6.42 -14.32 -42.27
C LEU D 132 -5.52 -14.88 -41.17
N PHE D 133 -4.80 -13.96 -40.51
CA PHE D 133 -3.83 -14.37 -39.50
C PHE D 133 -4.50 -15.08 -38.33
N GLU D 134 -5.66 -14.57 -37.88
CA GLU D 134 -6.34 -15.18 -36.75
C GLU D 134 -6.91 -16.55 -37.09
N ASN D 135 -7.12 -16.86 -38.36
CA ASN D 135 -7.67 -18.14 -38.76
C ASN D 135 -6.62 -19.20 -39.02
N LEU D 136 -5.34 -18.83 -39.04
CA LEU D 136 -4.28 -19.81 -39.20
C LEU D 136 -4.17 -20.69 -37.97
N THR D 137 -3.96 -21.99 -38.19
CA THR D 137 -3.88 -22.92 -37.07
C THR D 137 -2.49 -22.84 -36.45
N PRO D 138 -2.39 -22.44 -35.19
CA PRO D 138 -1.07 -22.32 -34.56
C PRO D 138 -0.47 -23.67 -34.27
N LEU D 139 0.83 -23.66 -33.97
CA LEU D 139 1.57 -24.90 -33.76
C LEU D 139 2.78 -24.58 -32.90
N HIS D 140 3.36 -25.64 -32.32
CA HIS D 140 4.60 -25.48 -31.60
C HIS D 140 5.76 -25.31 -32.58
N ALA D 141 6.84 -24.70 -32.11
CA ALA D 141 8.00 -24.46 -32.95
C ALA D 141 8.65 -25.78 -33.35
N ASN D 142 8.92 -25.94 -34.64
CA ASN D 142 9.54 -27.14 -35.17
C ASN D 142 10.90 -26.87 -35.80
N SER D 143 10.98 -25.90 -36.72
CA SER D 143 12.23 -25.60 -37.38
C SER D 143 13.14 -24.82 -36.45
N ARG D 144 14.38 -25.29 -36.31
CA ARG D 144 15.35 -24.69 -35.41
C ARG D 144 16.07 -23.54 -36.08
N LEU D 145 16.20 -22.43 -35.35
CA LEU D 145 16.97 -21.27 -35.80
C LEU D 145 18.37 -21.38 -35.19
N ARG D 146 19.32 -21.89 -35.96
CA ARG D 146 20.68 -22.10 -35.48
C ARG D 146 21.39 -20.76 -35.41
N MET D 147 21.73 -20.32 -34.20
CA MET D 147 22.50 -19.10 -34.04
C MET D 147 24.00 -19.33 -34.12
N GLU D 148 24.43 -20.59 -34.19
CA GLU D 148 25.85 -20.91 -34.21
C GLU D 148 26.47 -20.53 -35.54
N ARG D 149 27.78 -20.29 -35.50
CA ARG D 149 28.56 -19.99 -36.70
C ARG D 149 29.86 -20.79 -36.66
N GLY D 150 30.45 -20.98 -37.84
CA GLY D 150 31.73 -21.64 -37.94
C GLY D 150 32.92 -20.72 -37.83
N ASN D 151 32.71 -19.46 -37.48
CA ASN D 151 33.81 -18.50 -37.43
C ASN D 151 34.84 -18.88 -36.37
N GLY D 152 34.38 -19.30 -35.20
CA GLY D 152 35.28 -19.51 -34.09
C GLY D 152 35.72 -18.25 -33.38
N SER D 153 35.13 -17.11 -33.72
CA SER D 153 35.47 -15.84 -33.10
C SER D 153 34.85 -15.73 -31.71
N THR D 154 35.31 -14.74 -30.94
CA THR D 154 34.79 -14.53 -29.60
C THR D 154 33.31 -14.14 -29.64
N GLU D 155 32.94 -13.27 -30.58
CA GLU D 155 31.55 -12.85 -30.67
C GLU D 155 30.61 -14.00 -30.99
N ASP D 156 31.13 -15.07 -31.61
CA ASP D 156 30.31 -16.25 -31.83
C ASP D 156 30.01 -16.99 -30.54
N LEU D 157 30.93 -16.91 -29.56
CA LEU D 157 30.79 -17.68 -28.33
C LEU D 157 29.42 -17.48 -27.71
N THR D 158 28.99 -16.23 -27.58
CA THR D 158 27.68 -15.94 -27.00
C THR D 158 26.59 -16.73 -27.71
N ALA D 159 26.56 -16.64 -29.03
CA ALA D 159 25.56 -17.38 -29.80
C ALA D 159 25.63 -18.85 -29.48
N ARG D 160 26.85 -19.40 -29.45
CA ARG D 160 27.01 -20.81 -29.13
C ARG D 160 26.40 -21.13 -27.78
N VAL D 161 26.68 -20.31 -26.77
CA VAL D 161 26.12 -20.57 -25.45
C VAL D 161 24.60 -20.56 -25.51
N LEU D 162 24.03 -19.66 -26.31
CA LEU D 162 22.59 -19.64 -26.49
C LEU D 162 22.09 -20.98 -26.99
N ASP D 163 22.76 -21.53 -28.01
CA ASP D 163 22.33 -22.80 -28.57
C ASP D 163 22.40 -23.91 -27.53
N LEU D 164 23.20 -23.73 -26.49
CA LEU D 164 23.29 -24.75 -25.44
C LEU D 164 22.25 -24.52 -24.35
N ALA D 165 21.83 -23.28 -24.13
CA ALA D 165 20.96 -22.98 -23.00
C ALA D 165 19.49 -23.01 -23.41
N SER D 166 19.11 -22.15 -24.36
CA SER D 166 17.73 -22.03 -24.80
C SER D 166 17.70 -22.07 -26.33
N PRO D 167 17.50 -23.23 -26.92
CA PRO D 167 17.35 -23.30 -28.38
C PRO D 167 16.19 -22.45 -28.85
N ILE D 168 16.37 -21.83 -30.01
CA ILE D 168 15.40 -20.91 -30.59
C ILE D 168 14.90 -21.50 -31.90
N GLY D 169 13.59 -21.58 -32.06
CA GLY D 169 12.97 -22.06 -33.26
C GLY D 169 12.09 -21.00 -33.91
N ARG D 170 11.54 -21.35 -35.06
CA ARG D 170 10.63 -20.45 -35.76
C ARG D 170 9.28 -20.44 -35.06
N GLY D 171 8.82 -19.24 -34.70
CA GLY D 171 7.58 -19.10 -33.97
C GLY D 171 7.73 -19.02 -32.46
N GLN D 172 8.93 -18.82 -31.96
CA GLN D 172 9.14 -18.75 -30.52
C GLN D 172 8.71 -17.41 -29.96
N ARG D 173 8.49 -17.38 -28.65
CA ARG D 173 8.31 -16.15 -27.89
C ARG D 173 9.49 -16.07 -26.93
N GLY D 174 10.49 -15.28 -27.28
CA GLY D 174 11.70 -15.19 -26.47
C GLY D 174 11.65 -14.05 -25.48
N LEU D 175 12.37 -14.24 -24.38
CA LEU D 175 12.47 -13.22 -23.34
C LEU D 175 13.90 -13.23 -22.82
N ILE D 176 14.66 -12.20 -23.16
CA ILE D 176 16.00 -11.99 -22.62
C ILE D 176 15.83 -11.20 -21.34
N VAL D 177 15.78 -11.90 -20.21
CA VAL D 177 15.49 -11.28 -18.92
C VAL D 177 16.79 -11.06 -18.18
N ALA D 178 16.99 -9.84 -17.68
CA ALA D 178 18.22 -9.49 -16.99
C ALA D 178 18.03 -8.12 -16.35
N PRO D 179 18.84 -7.79 -15.35
CA PRO D 179 18.86 -6.42 -14.82
C PRO D 179 19.58 -5.50 -15.78
N PRO D 180 19.55 -4.19 -15.54
CA PRO D 180 20.29 -3.27 -16.42
C PRO D 180 21.78 -3.57 -16.38
N LYS D 181 22.44 -3.31 -17.51
CA LYS D 181 23.88 -3.47 -17.75
C LYS D 181 24.31 -4.93 -17.75
N ALA D 182 23.39 -5.89 -17.89
CA ALA D 182 23.78 -7.28 -17.87
C ALA D 182 24.25 -7.76 -19.24
N GLY D 183 23.74 -7.17 -20.32
CA GLY D 183 24.17 -7.56 -21.64
C GLY D 183 23.06 -7.93 -22.61
N LYS D 184 21.83 -7.50 -22.32
CA LYS D 184 20.71 -7.87 -23.17
C LYS D 184 20.84 -7.28 -24.57
N THR D 185 21.21 -6.00 -24.67
CA THR D 185 21.27 -5.36 -25.98
C THR D 185 22.37 -5.95 -26.86
N MET D 186 23.54 -6.21 -26.27
CA MET D 186 24.61 -6.83 -27.05
C MET D 186 24.23 -8.24 -27.48
N LEU D 187 23.53 -8.98 -26.60
CA LEU D 187 23.07 -10.31 -26.97
C LEU D 187 22.06 -10.24 -28.10
N LEU D 188 21.16 -9.25 -28.07
CA LEU D 188 20.22 -9.07 -29.17
C LEU D 188 20.93 -8.73 -30.46
N GLN D 189 21.98 -7.90 -30.39
CA GLN D 189 22.79 -7.60 -31.57
C GLN D 189 23.43 -8.86 -32.12
N ASN D 190 23.97 -9.71 -31.25
CA ASN D 190 24.58 -10.96 -31.69
C ASN D 190 23.55 -11.87 -32.34
N ILE D 191 22.35 -11.92 -31.76
CA ILE D 191 21.28 -12.71 -32.37
C ILE D 191 20.94 -12.17 -33.74
N ALA D 192 20.93 -10.84 -33.90
CA ALA D 192 20.65 -10.25 -35.21
C ALA D 192 21.71 -10.63 -36.22
N GLN D 193 22.99 -10.59 -35.83
CA GLN D 193 24.05 -11.02 -36.75
C GLN D 193 23.89 -12.49 -37.12
N SER D 194 23.59 -13.33 -36.14
CA SER D 194 23.43 -14.76 -36.41
C SER D 194 22.27 -15.00 -37.36
N ILE D 195 21.16 -14.28 -37.18
CA ILE D 195 20.03 -14.43 -38.08
C ILE D 195 20.39 -13.97 -39.48
N ALA D 196 21.08 -12.83 -39.59
CA ALA D 196 21.42 -12.30 -40.91
C ALA D 196 22.37 -13.24 -41.65
N TYR D 197 23.29 -13.87 -40.93
CA TYR D 197 24.26 -14.73 -41.59
C TYR D 197 23.68 -16.11 -41.89
N ASN D 198 23.09 -16.76 -40.88
CA ASN D 198 22.65 -18.15 -41.04
C ASN D 198 21.38 -18.24 -41.88
N HIS D 199 20.42 -17.35 -41.66
CA HIS D 199 19.09 -17.44 -42.27
C HIS D 199 18.80 -16.13 -43.02
N PRO D 200 19.36 -15.96 -44.21
CA PRO D 200 19.07 -14.75 -44.98
C PRO D 200 17.65 -14.69 -45.51
N ASP D 201 16.94 -15.82 -45.57
CA ASP D 201 15.59 -15.84 -46.12
C ASP D 201 14.54 -15.27 -45.17
N CYS D 202 14.83 -15.24 -43.87
CA CYS D 202 13.86 -14.71 -42.91
C CYS D 202 13.81 -13.19 -43.00
N VAL D 203 12.61 -12.65 -42.80
CA VAL D 203 12.40 -11.20 -42.80
C VAL D 203 12.71 -10.69 -41.40
N LEU D 204 13.84 -10.02 -41.24
CA LEU D 204 14.30 -9.56 -39.93
C LEU D 204 13.86 -8.11 -39.73
N MET D 205 13.12 -7.86 -38.66
CA MET D 205 12.70 -6.52 -38.28
C MET D 205 13.10 -6.29 -36.83
N VAL D 206 13.74 -5.15 -36.58
CA VAL D 206 14.24 -4.81 -35.25
C VAL D 206 13.43 -3.64 -34.73
N LEU D 207 12.77 -3.82 -33.60
CA LEU D 207 11.95 -2.79 -32.98
C LEU D 207 12.61 -2.36 -31.68
N LEU D 208 12.95 -1.07 -31.59
CA LEU D 208 13.59 -0.51 -30.41
C LEU D 208 12.63 0.50 -29.80
N ILE D 209 12.03 0.14 -28.67
CA ILE D 209 11.02 0.96 -28.01
C ILE D 209 11.62 1.52 -26.72
N ASP D 210 11.72 2.84 -26.64
CA ASP D 210 12.15 3.53 -25.42
C ASP D 210 13.55 3.08 -25.00
N GLU D 211 14.52 3.34 -25.87
CA GLU D 211 15.90 2.95 -25.61
C GLU D 211 16.83 4.08 -26.03
N ARG D 212 18.12 3.88 -25.81
CA ARG D 212 19.10 4.92 -26.07
C ARG D 212 19.19 5.20 -27.56
N PRO D 213 19.22 6.47 -27.99
CA PRO D 213 19.34 6.77 -29.42
C PRO D 213 20.66 6.30 -30.03
N GLU D 214 21.75 6.29 -29.27
CA GLU D 214 23.00 5.79 -29.80
C GLU D 214 22.88 4.31 -30.17
N GLU D 215 22.16 3.54 -29.36
CA GLU D 215 21.88 2.15 -29.71
C GLU D 215 21.02 2.06 -30.97
N VAL D 216 20.14 3.03 -31.17
CA VAL D 216 19.35 3.07 -32.41
C VAL D 216 20.26 3.23 -33.61
N THR D 217 21.21 4.17 -33.53
CA THR D 217 22.13 4.38 -34.63
C THR D 217 23.01 3.15 -34.86
N GLU D 218 23.47 2.52 -33.78
CA GLU D 218 24.28 1.32 -33.91
C GLU D 218 23.50 0.20 -34.59
N MET D 219 22.24 0.00 -34.20
CA MET D 219 21.40 -0.98 -34.86
C MET D 219 21.23 -0.65 -36.34
N GLN D 220 20.98 0.61 -36.65
CA GLN D 220 20.75 1.00 -38.04
C GLN D 220 21.98 0.73 -38.89
N ARG D 221 23.16 1.01 -38.36
CA ARG D 221 24.40 0.82 -39.11
C ARG D 221 24.97 -0.58 -38.97
N LEU D 222 24.33 -1.45 -38.20
CA LEU D 222 24.85 -2.79 -37.96
C LEU D 222 23.91 -3.90 -38.40
N VAL D 223 22.61 -3.73 -38.22
CA VAL D 223 21.64 -4.79 -38.50
C VAL D 223 21.37 -4.85 -39.99
N LYS D 224 21.45 -6.06 -40.56
CA LYS D 224 21.16 -6.27 -41.98
C LYS D 224 19.68 -6.64 -42.14
N GLY D 225 18.84 -5.61 -41.99
CA GLY D 225 17.41 -5.78 -42.10
C GLY D 225 16.67 -4.47 -42.03
N GLU D 226 15.56 -4.45 -41.29
CA GLU D 226 14.76 -3.24 -41.10
C GLU D 226 14.75 -2.88 -39.62
N VAL D 227 15.05 -1.62 -39.32
CA VAL D 227 15.11 -1.14 -37.95
C VAL D 227 14.07 -0.03 -37.79
N VAL D 228 13.17 -0.21 -36.84
CA VAL D 228 12.16 0.78 -36.49
C VAL D 228 12.35 1.12 -35.02
N ALA D 229 12.47 2.41 -34.71
CA ALA D 229 12.90 2.85 -33.40
C ALA D 229 11.97 3.92 -32.85
N SER D 230 11.89 3.98 -31.53
CA SER D 230 11.16 5.02 -30.81
C SER D 230 11.88 5.23 -29.48
N THR D 231 12.78 6.21 -29.45
CA THR D 231 13.62 6.44 -28.29
C THR D 231 12.79 7.01 -27.15
N PHE D 232 13.43 7.20 -25.99
CA PHE D 232 12.70 7.67 -24.82
C PHE D 232 12.28 9.13 -24.94
N ASP D 233 12.76 9.84 -25.95
CA ASP D 233 12.29 11.21 -26.16
C ASP D 233 10.81 11.25 -26.48
N GLU D 234 10.32 10.29 -27.26
CA GLU D 234 8.93 10.26 -27.67
C GLU D 234 8.04 9.86 -26.51
N PRO D 235 6.76 10.23 -26.56
CA PRO D 235 5.83 9.81 -25.51
C PRO D 235 5.41 8.36 -25.68
N ALA D 236 4.65 7.88 -24.70
CA ALA D 236 4.20 6.48 -24.72
C ALA D 236 3.23 6.21 -25.86
N SER D 237 2.41 7.20 -26.23
CA SER D 237 1.46 7.02 -27.31
C SER D 237 2.17 6.70 -28.61
N ARG D 238 3.26 7.42 -28.90
CA ARG D 238 4.03 7.13 -30.11
C ARG D 238 4.61 5.73 -30.05
N HIS D 239 5.08 5.32 -28.87
CA HIS D 239 5.60 3.96 -28.71
C HIS D 239 4.55 2.93 -29.07
N VAL D 240 3.34 3.08 -28.54
CA VAL D 240 2.31 2.07 -28.79
C VAL D 240 1.87 2.08 -30.24
N GLN D 241 1.77 3.27 -30.85
CA GLN D 241 1.40 3.31 -32.27
C GLN D 241 2.43 2.62 -33.14
N VAL D 242 3.72 2.87 -32.89
CA VAL D 242 4.77 2.21 -33.64
C VAL D 242 4.70 0.70 -33.44
N ALA D 243 4.45 0.27 -32.20
CA ALA D 243 4.38 -1.16 -31.91
C ALA D 243 3.24 -1.82 -32.69
N GLU D 244 2.05 -1.21 -32.68
CA GLU D 244 0.94 -1.79 -33.42
C GLU D 244 1.23 -1.82 -34.91
N MET D 245 1.82 -0.76 -35.45
CA MET D 245 2.13 -0.76 -36.88
C MET D 245 3.10 -1.89 -37.23
N VAL D 246 4.14 -2.07 -36.42
CA VAL D 246 5.11 -3.12 -36.68
C VAL D 246 4.47 -4.49 -36.60
N ILE D 247 3.64 -4.72 -35.58
CA ILE D 247 3.05 -6.04 -35.42
C ILE D 247 2.04 -6.32 -36.53
N GLU D 248 1.33 -5.29 -37.00
CA GLU D 248 0.41 -5.49 -38.12
C GLU D 248 1.17 -5.82 -39.39
N LYS D 249 2.30 -5.14 -39.63
CA LYS D 249 3.11 -5.47 -40.79
C LYS D 249 3.61 -6.91 -40.72
N ALA D 250 4.06 -7.33 -39.53
CA ALA D 250 4.54 -8.70 -39.37
C ALA D 250 3.42 -9.71 -39.62
N LYS D 251 2.22 -9.43 -39.11
CA LYS D 251 1.09 -10.33 -39.32
C LYS D 251 0.75 -10.43 -40.81
N ARG D 252 0.74 -9.31 -41.52
CA ARG D 252 0.43 -9.35 -42.94
C ARG D 252 1.50 -10.12 -43.71
N LEU D 253 2.76 -9.96 -43.33
CA LEU D 253 3.82 -10.72 -43.98
C LEU D 253 3.67 -12.22 -43.71
N VAL D 254 3.29 -12.58 -42.48
CA VAL D 254 3.10 -13.99 -42.14
C VAL D 254 1.93 -14.57 -42.93
N GLU D 255 0.88 -13.77 -43.16
CA GLU D 255 -0.26 -14.24 -43.93
C GLU D 255 0.13 -14.69 -45.33
N HIS D 256 1.26 -14.22 -45.86
CA HIS D 256 1.76 -14.62 -47.17
C HIS D 256 2.83 -15.70 -47.07
N LYS D 257 2.79 -16.50 -46.00
CA LYS D 257 3.71 -17.63 -45.81
C LYS D 257 5.17 -17.17 -45.81
N LYS D 258 5.47 -16.22 -44.93
CA LYS D 258 6.82 -15.70 -44.77
C LYS D 258 7.28 -15.92 -43.33
N ASP D 259 8.58 -16.08 -43.17
CA ASP D 259 9.18 -16.24 -41.84
C ASP D 259 9.64 -14.87 -41.35
N VAL D 260 8.92 -14.31 -40.39
CA VAL D 260 9.19 -12.98 -39.88
C VAL D 260 9.81 -13.11 -38.50
N ILE D 261 10.87 -12.33 -38.27
CA ILE D 261 11.56 -12.29 -36.97
C ILE D 261 11.54 -10.86 -36.47
N ILE D 262 11.04 -10.67 -35.26
CA ILE D 262 10.99 -9.37 -34.59
C ILE D 262 11.89 -9.43 -33.37
N LEU D 263 12.76 -8.44 -33.23
CA LEU D 263 13.62 -8.28 -32.06
C LEU D 263 13.20 -7.03 -31.33
N LEU D 264 12.84 -7.18 -30.06
CA LEU D 264 12.35 -6.08 -29.23
C LEU D 264 13.41 -5.72 -28.20
N ASP D 265 13.90 -4.48 -28.30
CA ASP D 265 14.96 -4.03 -27.39
C ASP D 265 14.49 -4.03 -25.96
N SER D 266 13.19 -3.83 -25.72
CA SER D 266 12.65 -3.96 -24.37
C SER D 266 11.15 -4.13 -24.45
N ILE D 267 10.65 -5.29 -24.01
CA ILE D 267 9.22 -5.48 -23.84
C ILE D 267 8.73 -4.83 -22.56
N THR D 268 9.61 -4.63 -21.58
CA THR D 268 9.20 -3.97 -20.34
C THR D 268 8.80 -2.52 -20.60
N ARG D 269 9.56 -1.80 -21.43
CA ARG D 269 9.18 -0.43 -21.73
C ARG D 269 7.88 -0.36 -22.52
N LEU D 270 7.66 -1.33 -23.42
CA LEU D 270 6.39 -1.39 -24.13
C LEU D 270 5.23 -1.63 -23.16
N ALA D 271 5.43 -2.52 -22.19
CA ALA D 271 4.40 -2.76 -21.18
C ALA D 271 4.15 -1.50 -20.36
N ARG D 272 5.21 -0.79 -20.00
CA ARG D 272 5.05 0.45 -19.25
C ARG D 272 4.28 1.49 -20.06
N ALA D 273 4.59 1.59 -21.36
CA ALA D 273 3.85 2.52 -22.22
C ALA D 273 2.38 2.16 -22.29
N TYR D 274 2.08 0.87 -22.45
CA TYR D 274 0.68 0.44 -22.47
C TYR D 274 -0.01 0.74 -21.15
N ASN D 275 0.70 0.55 -20.03
CA ASN D 275 0.14 0.83 -18.72
C ASN D 275 -0.14 2.32 -18.56
N THR D 276 0.74 3.18 -19.09
CA THR D 276 0.50 4.61 -18.99
C THR D 276 -0.64 5.06 -19.89
N VAL D 277 -0.80 4.44 -21.05
CA VAL D 277 -1.84 4.88 -21.99
C VAL D 277 -3.20 4.33 -21.62
N VAL D 278 -3.25 3.18 -20.94
CA VAL D 278 -4.54 2.52 -20.68
C VAL D 278 -5.39 3.39 -19.77
N PRO D 279 -6.70 3.48 -19.98
CA PRO D 279 -7.55 4.21 -19.05
C PRO D 279 -7.60 3.53 -17.70
N ALA D 280 -7.73 4.35 -16.66
CA ALA D 280 -7.78 3.82 -15.30
C ALA D 280 -9.10 3.10 -15.05
N SER D 281 -9.03 2.01 -14.29
CA SER D 281 -10.21 1.23 -13.96
C SER D 281 -10.48 1.15 -12.47
N GLY D 282 -9.64 1.79 -11.64
CA GLY D 282 -9.80 1.73 -10.21
C GLY D 282 -9.09 0.58 -9.54
N LYS D 283 -8.64 -0.42 -10.31
CA LYS D 283 -7.89 -1.55 -9.79
C LYS D 283 -6.45 -1.44 -10.24
N VAL D 284 -5.52 -1.51 -9.30
CA VAL D 284 -4.10 -1.42 -9.58
C VAL D 284 -3.41 -2.61 -8.93
N LEU D 285 -2.65 -3.35 -9.72
CA LEU D 285 -1.92 -4.49 -9.19
C LEU D 285 -0.72 -4.01 -8.38
N THR D 286 -0.04 -4.95 -7.73
CA THR D 286 1.17 -4.61 -6.99
C THR D 286 2.24 -4.13 -7.94
N GLY D 287 2.98 -3.10 -7.53
CA GLY D 287 3.96 -2.48 -8.39
C GLY D 287 3.46 -1.33 -9.22
N GLY D 288 2.17 -1.04 -9.18
CA GLY D 288 1.61 0.09 -9.91
C GLY D 288 1.05 -0.23 -11.27
N VAL D 289 0.83 -1.51 -11.59
CA VAL D 289 0.30 -1.91 -12.88
C VAL D 289 -1.23 -1.82 -12.83
N ASP D 290 -1.81 -1.15 -13.81
CA ASP D 290 -3.26 -1.17 -13.95
C ASP D 290 -3.74 -2.58 -14.26
N ALA D 291 -4.93 -2.92 -13.76
CA ALA D 291 -5.43 -4.28 -13.90
C ALA D 291 -5.62 -4.65 -15.36
N ASN D 292 -6.18 -3.75 -16.17
CA ASN D 292 -6.44 -4.00 -17.57
C ASN D 292 -5.35 -3.46 -18.48
N ALA D 293 -4.12 -3.36 -17.98
CA ALA D 293 -3.05 -2.75 -18.73
C ALA D 293 -2.26 -3.76 -19.56
N LEU D 294 -2.25 -5.03 -19.16
CA LEU D 294 -1.38 -6.02 -19.79
C LEU D 294 -2.07 -6.82 -20.89
N HIS D 295 -3.34 -6.53 -21.19
CA HIS D 295 -4.03 -7.29 -22.23
C HIS D 295 -3.43 -7.02 -23.60
N ARG D 296 -3.20 -5.77 -23.94
CA ARG D 296 -2.64 -5.42 -25.24
C ARG D 296 -1.17 -5.84 -25.35
N PRO D 297 -0.34 -5.68 -24.31
CA PRO D 297 0.99 -6.31 -24.37
C PRO D 297 0.92 -7.82 -24.54
N LYS D 298 -0.06 -8.48 -23.92
CA LYS D 298 -0.24 -9.91 -24.13
C LYS D 298 -0.53 -10.21 -25.60
N ARG D 299 -1.42 -9.43 -26.20
CA ARG D 299 -1.72 -9.64 -27.62
C ARG D 299 -0.49 -9.43 -28.49
N PHE D 300 0.28 -8.38 -28.19
CA PHE D 300 1.48 -8.10 -28.98
C PHE D 300 2.48 -9.24 -28.86
N PHE D 301 2.70 -9.73 -27.64
CA PHE D 301 3.69 -10.79 -27.45
C PHE D 301 3.20 -12.11 -28.04
N GLY D 302 1.92 -12.42 -27.88
CA GLY D 302 1.35 -13.64 -28.38
C GLY D 302 1.01 -13.63 -29.84
N ALA D 303 1.24 -12.52 -30.53
CA ALA D 303 1.15 -12.53 -31.99
C ALA D 303 2.17 -13.47 -32.61
N ALA D 304 3.23 -13.82 -31.87
CA ALA D 304 4.24 -14.74 -32.37
C ALA D 304 3.74 -16.17 -32.26
N ARG D 305 3.80 -16.90 -33.37
CA ARG D 305 3.34 -18.28 -33.39
C ARG D 305 3.93 -18.99 -34.59
N ASN D 306 3.88 -20.32 -34.54
CA ASN D 306 4.25 -21.16 -35.67
C ASN D 306 2.97 -21.60 -36.37
N VAL D 307 2.87 -21.31 -37.66
CA VAL D 307 1.66 -21.57 -38.43
C VAL D 307 1.83 -22.87 -39.20
N GLU D 308 0.85 -23.76 -39.09
CA GLU D 308 0.90 -25.01 -39.82
C GLU D 308 0.72 -24.80 -41.32
N GLU D 309 -0.01 -23.77 -41.72
CA GLU D 309 -0.25 -23.52 -43.14
C GLU D 309 1.00 -23.03 -43.86
N GLY D 310 2.01 -22.55 -43.13
CA GLY D 310 3.21 -22.03 -43.75
C GLY D 310 3.59 -20.68 -43.18
N GLY D 311 4.88 -20.45 -42.99
CA GLY D 311 5.36 -19.22 -42.39
C GLY D 311 5.31 -19.28 -40.88
N SER D 312 5.87 -18.23 -40.26
CA SER D 312 5.92 -18.15 -38.80
C SER D 312 6.30 -16.73 -38.40
N LEU D 313 6.02 -16.41 -37.15
CA LEU D 313 6.39 -15.13 -36.55
C LEU D 313 7.12 -15.42 -35.25
N THR D 314 8.36 -14.96 -35.16
CA THR D 314 9.23 -15.25 -34.03
C THR D 314 9.62 -13.93 -33.36
N ILE D 315 9.14 -13.73 -32.14
CA ILE D 315 9.41 -12.51 -31.39
C ILE D 315 10.40 -12.83 -30.28
N ILE D 316 11.52 -12.13 -30.27
CA ILE D 316 12.52 -12.24 -29.21
C ILE D 316 12.66 -10.87 -28.57
N ALA D 317 12.28 -10.77 -27.30
CA ALA D 317 12.22 -9.49 -26.60
C ALA D 317 13.14 -9.52 -25.39
N THR D 318 13.58 -8.33 -24.98
CA THR D 318 14.35 -8.19 -23.75
C THR D 318 13.46 -7.63 -22.65
N ALA D 319 13.67 -8.12 -21.42
CA ALA D 319 12.88 -7.72 -20.27
C ALA D 319 13.82 -7.28 -19.15
N LEU D 320 13.22 -6.74 -18.08
CA LEU D 320 13.98 -6.21 -16.96
C LEU D 320 13.49 -6.84 -15.66
N ILE D 321 14.45 -7.19 -14.79
CA ILE D 321 14.17 -7.69 -13.46
C ILE D 321 15.20 -7.12 -12.50
N ASP D 322 14.96 -7.32 -11.20
CA ASP D 322 15.86 -6.86 -10.14
C ASP D 322 16.06 -5.35 -10.18
N THR D 323 15.07 -4.63 -10.69
CA THR D 323 15.13 -3.17 -10.71
C THR D 323 14.84 -2.57 -9.34
N GLY D 324 14.22 -3.33 -8.44
CA GLY D 324 13.77 -2.82 -7.17
C GLY D 324 12.32 -2.40 -7.16
N SER D 325 11.67 -2.32 -8.31
CA SER D 325 10.24 -2.06 -8.41
C SER D 325 9.55 -3.33 -8.85
N LYS D 326 8.47 -3.70 -8.15
CA LYS D 326 7.75 -4.92 -8.47
C LYS D 326 6.96 -4.81 -9.77
N MET D 327 6.88 -3.62 -10.37
CA MET D 327 6.27 -3.49 -11.68
C MET D 327 6.95 -4.41 -12.70
N ASP D 328 8.27 -4.33 -12.78
CA ASP D 328 9.01 -5.18 -13.70
C ASP D 328 8.90 -6.65 -13.31
N GLU D 329 8.87 -6.94 -12.01
CA GLU D 329 8.74 -8.32 -11.57
C GLU D 329 7.43 -8.92 -12.06
N VAL D 330 6.32 -8.22 -11.85
CA VAL D 330 5.03 -8.75 -12.28
C VAL D 330 4.95 -8.80 -13.80
N ILE D 331 5.52 -7.81 -14.48
CA ILE D 331 5.49 -7.82 -15.95
C ILE D 331 6.23 -9.03 -16.49
N TYR D 332 7.41 -9.30 -15.93
CA TYR D 332 8.21 -10.44 -16.39
C TYR D 332 7.51 -11.76 -16.06
N GLU D 333 6.99 -11.89 -14.83
CA GLU D 333 6.37 -13.15 -14.45
C GLU D 333 5.05 -13.36 -15.16
N GLU D 334 4.47 -12.30 -15.74
CA GLU D 334 3.24 -12.43 -16.50
C GLU D 334 3.55 -12.74 -17.96
N PHE D 335 4.62 -12.18 -18.51
CA PHE D 335 5.04 -12.55 -19.86
C PHE D 335 5.63 -13.95 -19.91
N LYS D 336 6.19 -14.42 -18.79
CA LYS D 336 6.66 -15.80 -18.75
C LYS D 336 5.51 -16.78 -18.87
N GLY D 337 4.31 -16.37 -18.49
CA GLY D 337 3.12 -17.17 -18.65
C GLY D 337 2.54 -17.19 -20.04
N THR D 338 3.10 -16.40 -20.96
CA THR D 338 2.66 -16.39 -22.34
C THR D 338 3.81 -16.56 -23.33
N GLY D 339 4.99 -16.96 -22.86
CA GLY D 339 6.14 -17.15 -23.71
C GLY D 339 6.59 -18.60 -23.77
N ASN D 340 7.63 -18.82 -24.56
CA ASN D 340 8.20 -20.14 -24.75
C ASN D 340 9.66 -20.23 -24.34
N MET D 341 10.47 -19.22 -24.64
CA MET D 341 11.89 -19.25 -24.38
C MET D 341 12.26 -18.15 -23.40
N GLU D 342 12.90 -18.52 -22.31
CA GLU D 342 13.46 -17.57 -21.34
C GLU D 342 14.96 -17.73 -21.31
N LEU D 343 15.68 -16.63 -21.47
CA LEU D 343 17.13 -16.61 -21.34
C LEU D 343 17.49 -15.57 -20.30
N HIS D 344 18.09 -16.01 -19.20
CA HIS D 344 18.36 -15.15 -18.05
C HIS D 344 19.82 -14.77 -18.03
N LEU D 345 20.09 -13.47 -17.86
CA LEU D 345 21.44 -12.97 -17.64
C LEU D 345 21.52 -12.37 -16.25
N SER D 346 22.53 -12.78 -15.49
CA SER D 346 22.69 -12.36 -14.11
C SER D 346 23.67 -11.19 -14.04
N ARG D 347 23.33 -10.21 -13.20
CA ARG D 347 24.16 -9.01 -13.10
C ARG D 347 25.53 -9.30 -12.50
N LYS D 348 25.63 -10.30 -11.61
CA LYS D 348 26.89 -10.54 -10.94
C LYS D 348 27.92 -11.18 -11.87
N ILE D 349 27.48 -11.98 -12.84
CA ILE D 349 28.43 -12.48 -13.84
C ILE D 349 28.91 -11.34 -14.72
N ALA D 350 28.03 -10.37 -15.01
CA ALA D 350 28.45 -9.20 -15.77
C ALA D 350 29.46 -8.37 -14.99
N GLU D 351 29.25 -8.22 -13.68
CA GLU D 351 30.20 -7.49 -12.86
C GLU D 351 31.56 -8.19 -12.83
N LYS D 352 31.56 -9.52 -12.94
CA LYS D 352 32.80 -10.26 -13.12
C LYS D 352 33.44 -9.97 -14.47
N ARG D 353 32.72 -9.31 -15.37
CA ARG D 353 33.19 -9.01 -16.73
C ARG D 353 33.48 -10.28 -17.50
N VAL D 354 32.65 -11.30 -17.28
CA VAL D 354 32.67 -12.53 -18.05
C VAL D 354 31.42 -12.54 -18.92
N PHE D 355 31.62 -12.60 -20.23
CA PHE D 355 30.50 -12.48 -21.15
C PHE D 355 30.47 -13.65 -22.13
N PRO D 356 29.27 -14.15 -22.48
CA PRO D 356 27.95 -13.68 -22.07
C PRO D 356 27.61 -14.05 -20.64
N ALA D 357 26.89 -13.18 -19.92
CA ALA D 357 26.60 -13.40 -18.51
C ALA D 357 25.30 -14.19 -18.33
N ILE D 358 25.22 -15.34 -18.98
CA ILE D 358 23.99 -16.12 -19.00
C ILE D 358 23.82 -16.86 -17.69
N ASP D 359 22.59 -16.84 -17.17
CA ASP D 359 22.22 -17.66 -16.01
C ASP D 359 21.72 -19.00 -16.56
N TYR D 360 22.62 -19.99 -16.60
CA TYR D 360 22.32 -21.23 -17.30
C TYR D 360 21.18 -22.00 -16.65
N ASN D 361 21.11 -22.03 -15.32
CA ASN D 361 20.10 -22.83 -14.65
C ASN D 361 18.69 -22.26 -14.82
N ARG D 362 18.55 -20.94 -14.83
CA ARG D 362 17.25 -20.31 -14.97
C ARG D 362 16.84 -20.10 -16.41
N SER D 363 17.66 -20.53 -17.37
CA SER D 363 17.39 -20.32 -18.78
C SER D 363 16.98 -21.64 -19.43
N GLY D 364 15.94 -21.58 -20.24
CA GLY D 364 15.49 -22.77 -20.95
C GLY D 364 14.37 -22.41 -21.89
N THR D 365 13.95 -23.41 -22.68
CA THR D 365 12.87 -23.25 -23.64
C THR D 365 11.86 -24.37 -23.44
N ARG D 366 10.62 -24.09 -23.83
CA ARG D 366 9.54 -25.07 -23.69
C ARG D 366 9.50 -25.98 -24.91
N LYS D 367 9.36 -27.28 -24.65
CA LYS D 367 9.27 -28.29 -25.70
C LYS D 367 10.52 -28.25 -26.60
N GLU D 368 11.67 -28.39 -25.97
CA GLU D 368 12.93 -28.38 -26.72
C GLU D 368 13.14 -29.66 -27.53
N GLU D 369 12.35 -30.71 -27.26
CA GLU D 369 12.49 -31.94 -28.04
C GLU D 369 12.05 -31.76 -29.48
N LEU D 370 11.22 -30.76 -29.76
CA LEU D 370 10.77 -30.50 -31.12
C LEU D 370 11.77 -29.71 -31.94
N LEU D 371 12.77 -29.09 -31.30
CA LEU D 371 13.75 -28.28 -31.99
C LEU D 371 15.08 -28.97 -32.18
N THR D 372 15.42 -29.94 -31.33
CA THR D 372 16.72 -30.59 -31.36
C THR D 372 16.57 -32.06 -31.70
N THR D 373 17.65 -32.64 -32.20
CA THR D 373 17.69 -34.07 -32.47
C THR D 373 17.84 -34.84 -31.16
N GLN D 374 17.65 -36.16 -31.25
CA GLN D 374 17.70 -37.00 -30.06
C GLN D 374 19.09 -36.97 -29.41
N GLU D 375 20.14 -37.16 -30.21
CA GLU D 375 21.49 -37.13 -29.67
C GLU D 375 21.85 -35.76 -29.14
N GLU D 376 21.45 -34.70 -29.85
CA GLU D 376 21.72 -33.35 -29.38
C GLU D 376 21.01 -33.08 -28.07
N LEU D 377 19.76 -33.52 -27.94
CA LEU D 377 19.04 -33.36 -26.68
C LEU D 377 19.69 -34.14 -25.55
N GLN D 378 20.16 -35.36 -25.84
CA GLN D 378 20.83 -36.16 -24.83
C GLN D 378 22.10 -35.46 -24.34
N LYS D 379 22.89 -34.93 -25.27
CA LYS D 379 24.13 -34.24 -24.89
C LYS D 379 23.82 -32.97 -24.12
N MET D 380 22.77 -32.25 -24.51
CA MET D 380 22.37 -31.05 -23.77
C MET D 380 21.95 -31.41 -22.36
N TRP D 381 21.21 -32.52 -22.20
CA TRP D 381 20.83 -32.95 -20.85
C TRP D 381 22.05 -33.31 -20.02
N ILE D 382 23.02 -33.99 -20.62
CA ILE D 382 24.24 -34.35 -19.90
C ILE D 382 24.96 -33.08 -19.45
N LEU D 383 25.08 -32.11 -20.34
CA LEU D 383 25.77 -30.86 -20.00
C LEU D 383 25.03 -30.12 -18.90
N ARG D 384 23.70 -30.08 -18.96
CA ARG D 384 22.94 -29.40 -17.92
C ARG D 384 23.07 -30.11 -16.57
N LYS D 385 23.10 -31.44 -16.59
CA LYS D 385 23.32 -32.18 -15.36
C LYS D 385 24.70 -31.86 -14.77
N ILE D 386 25.71 -31.73 -15.63
CA ILE D 386 27.03 -31.36 -15.15
C ILE D 386 27.02 -29.95 -14.56
N ILE D 387 26.37 -29.02 -15.26
CA ILE D 387 26.48 -27.60 -14.90
C ILE D 387 25.68 -27.29 -13.64
N HIS D 388 24.54 -27.95 -13.44
CA HIS D 388 23.60 -27.54 -12.40
C HIS D 388 24.21 -27.44 -11.00
N PRO D 389 25.02 -28.40 -10.52
CA PRO D 389 25.55 -28.26 -9.15
C PRO D 389 26.39 -27.02 -8.92
N MET D 390 27.18 -26.61 -9.92
CA MET D 390 28.13 -25.52 -9.70
C MET D 390 27.44 -24.17 -9.78
N GLY D 391 28.08 -23.16 -9.19
CA GLY D 391 27.51 -21.84 -9.13
C GLY D 391 27.46 -21.17 -10.48
N GLU D 392 26.62 -20.13 -10.58
CA GLU D 392 26.36 -19.48 -11.85
C GLU D 392 27.62 -18.88 -12.46
N ILE D 393 28.40 -18.15 -11.64
CA ILE D 393 29.65 -17.58 -12.15
C ILE D 393 30.62 -18.69 -12.51
N ASP D 394 30.75 -19.69 -11.64
CA ASP D 394 31.61 -20.82 -11.94
C ASP D 394 31.11 -21.58 -13.17
N ALA D 395 29.80 -21.73 -13.30
CA ALA D 395 29.24 -22.43 -14.46
C ALA D 395 29.58 -21.71 -15.75
N MET D 396 29.41 -20.39 -15.77
CA MET D 396 29.69 -19.64 -17.00
C MET D 396 31.18 -19.61 -17.30
N GLU D 397 32.02 -19.47 -16.28
CA GLU D 397 33.46 -19.52 -16.52
C GLU D 397 33.88 -20.87 -17.08
N PHE D 398 33.36 -21.95 -16.50
CA PHE D 398 33.67 -23.29 -16.99
C PHE D 398 33.21 -23.46 -18.43
N LEU D 399 31.98 -23.04 -18.74
CA LEU D 399 31.46 -23.19 -20.09
C LEU D 399 32.28 -22.39 -21.09
N ILE D 400 32.59 -21.14 -20.76
CA ILE D 400 33.32 -20.27 -21.69
C ILE D 400 34.71 -20.82 -21.95
N ASN D 401 35.45 -21.12 -20.88
CA ASN D 401 36.81 -21.62 -21.06
C ASN D 401 36.86 -23.10 -21.40
N LYS D 402 35.70 -23.75 -21.56
CA LYS D 402 35.64 -25.09 -22.12
C LYS D 402 35.32 -25.10 -23.61
N LEU D 403 34.42 -24.22 -24.06
CA LEU D 403 34.08 -24.16 -25.48
C LEU D 403 34.86 -23.10 -26.22
N ALA D 404 35.81 -22.42 -25.58
CA ALA D 404 36.65 -21.47 -26.31
C ALA D 404 37.54 -22.16 -27.32
N MET D 405 37.95 -23.39 -27.07
CA MET D 405 38.89 -24.09 -27.94
C MET D 405 38.21 -24.95 -29.00
N THR D 406 36.91 -24.83 -29.16
CA THR D 406 36.18 -25.60 -30.17
C THR D 406 35.52 -24.64 -31.14
N LYS D 407 35.66 -24.94 -32.44
CA LYS D 407 35.05 -24.08 -33.45
C LYS D 407 33.53 -24.19 -33.44
N THR D 408 33.01 -25.40 -33.25
CA THR D 408 31.58 -25.67 -33.26
C THR D 408 31.15 -26.31 -31.94
N ASN D 409 29.85 -26.46 -31.78
CA ASN D 409 29.31 -27.12 -30.60
C ASN D 409 29.50 -28.64 -30.65
N ASP D 410 29.51 -29.21 -31.86
CA ASP D 410 29.72 -30.65 -31.99
C ASP D 410 31.09 -31.05 -31.47
N ASP D 411 32.12 -30.26 -31.79
CA ASP D 411 33.45 -30.54 -31.26
C ASP D 411 33.49 -30.41 -29.75
N PHE D 412 32.76 -29.43 -29.21
CA PHE D 412 32.68 -29.27 -27.76
C PHE D 412 32.06 -30.50 -27.11
N PHE D 413 30.96 -31.00 -27.67
CA PHE D 413 30.32 -32.19 -27.14
C PHE D 413 31.24 -33.40 -27.25
N GLU D 414 31.94 -33.53 -28.38
CA GLU D 414 32.83 -34.66 -28.56
C GLU D 414 33.98 -34.63 -27.55
N MET D 415 34.56 -33.45 -27.31
CA MET D 415 35.66 -33.37 -26.36
C MET D 415 35.17 -33.52 -24.92
N MET D 416 33.92 -33.16 -24.64
CA MET D 416 33.38 -33.40 -23.30
C MET D 416 33.11 -34.88 -23.07
N LYS D 417 32.56 -35.56 -24.08
CA LYS D 417 32.33 -37.00 -23.97
C LYS D 417 33.64 -37.76 -23.86
N ARG D 418 34.63 -37.38 -24.67
CA ARG D 418 35.92 -38.06 -24.64
C ARG D 418 36.62 -37.88 -23.30
N SER D 419 36.56 -36.66 -22.75
CA SER D 419 37.21 -36.37 -21.48
C SER D 419 36.21 -35.87 -20.45
N MET E 1 29.68 47.91 -23.00
CA MET E 1 28.51 48.64 -22.52
C MET E 1 27.25 47.83 -22.87
N ASN E 2 26.49 47.47 -21.85
CA ASN E 2 25.24 46.74 -22.03
C ASN E 2 24.45 46.82 -20.73
N LEU E 3 23.24 46.27 -20.75
CA LEU E 3 22.40 46.28 -19.57
C LEU E 3 22.99 45.43 -18.45
N THR E 4 23.63 44.32 -18.80
CA THR E 4 24.17 43.42 -17.77
C THR E 4 25.25 44.09 -16.94
N GLU E 5 26.14 44.85 -17.60
CA GLU E 5 27.22 45.51 -16.87
C GLU E 5 26.67 46.52 -15.87
N LEU E 6 25.64 47.28 -16.27
CA LEU E 6 25.00 48.19 -15.33
C LEU E 6 24.27 47.44 -14.23
N LYS E 7 23.75 46.25 -14.54
CA LYS E 7 23.09 45.45 -13.52
C LYS E 7 24.07 44.98 -12.46
N ASN E 8 25.27 44.56 -12.87
CA ASN E 8 26.25 44.02 -11.94
C ASN E 8 27.20 45.08 -11.39
N THR E 9 27.08 46.33 -11.84
CA THR E 9 27.98 47.37 -11.35
C THR E 9 27.58 47.77 -9.92
N PRO E 10 28.53 48.27 -9.13
CA PRO E 10 28.18 48.73 -7.77
C PRO E 10 27.21 49.90 -7.80
N VAL E 11 26.42 50.01 -6.74
CA VAL E 11 25.41 51.05 -6.65
C VAL E 11 26.05 52.43 -6.61
N SER E 12 27.21 52.55 -5.95
CA SER E 12 27.88 53.84 -5.85
C SER E 12 28.30 54.34 -7.23
N GLU E 13 28.84 53.44 -8.06
CA GLU E 13 29.29 53.85 -9.39
C GLU E 13 28.13 54.37 -10.24
N LEU E 14 27.00 53.65 -10.23
CA LEU E 14 25.87 54.07 -11.04
C LEU E 14 25.21 55.33 -10.48
N ILE E 15 25.17 55.48 -9.16
CA ILE E 15 24.59 56.71 -8.59
C ILE E 15 25.48 57.91 -8.92
N THR E 16 26.80 57.73 -8.91
CA THR E 16 27.68 58.81 -9.33
C THR E 16 27.50 59.12 -10.82
N LEU E 17 27.36 58.08 -11.64
CA LEU E 17 27.17 58.28 -13.08
C LEU E 17 25.88 59.03 -13.36
N GLY E 18 24.82 58.74 -12.61
CA GLY E 18 23.60 59.52 -12.73
C GLY E 18 23.74 60.92 -12.16
N GLU E 19 24.62 61.11 -11.17
CA GLU E 19 24.77 62.41 -10.54
C GLU E 19 25.50 63.39 -11.46
N ASN E 20 26.60 62.97 -12.08
CA ASN E 20 27.40 63.93 -12.85
C ASN E 20 26.76 64.23 -14.21
N MET E 21 26.64 63.22 -15.07
CA MET E 21 25.83 63.36 -16.29
C MET E 21 24.47 62.72 -16.01
N GLY E 22 23.46 63.57 -15.87
CA GLY E 22 22.11 63.13 -15.57
C GLY E 22 21.55 63.85 -14.37
N LEU E 23 20.24 63.66 -14.17
CA LEU E 23 19.56 64.29 -13.04
C LEU E 23 20.07 63.74 -11.72
N GLU E 24 20.16 64.61 -10.73
CA GLU E 24 20.66 64.23 -9.43
C GLU E 24 19.70 63.27 -8.74
N ASN E 25 20.25 62.39 -7.90
CA ASN E 25 19.46 61.43 -7.15
C ASN E 25 20.17 61.12 -5.85
N LEU E 26 19.41 61.05 -4.76
CA LEU E 26 19.95 60.74 -3.44
C LEU E 26 19.90 59.26 -3.10
N ALA E 27 19.40 58.42 -4.02
CA ALA E 27 19.35 56.97 -3.86
C ALA E 27 18.54 56.57 -2.63
N ARG E 28 17.27 56.99 -2.62
CA ARG E 28 16.31 56.60 -1.59
C ARG E 28 15.48 55.39 -1.98
N MET E 29 15.61 54.89 -3.20
CA MET E 29 14.83 53.76 -3.67
C MET E 29 15.76 52.64 -4.13
N ARG E 30 15.18 51.62 -4.75
CA ARG E 30 15.93 50.45 -5.15
C ARG E 30 16.92 50.77 -6.27
N LYS E 31 17.94 49.91 -6.38
CA LYS E 31 18.96 50.09 -7.41
C LYS E 31 18.38 49.92 -8.81
N GLN E 32 17.43 48.99 -8.97
CA GLN E 32 16.85 48.76 -10.29
C GLN E 32 16.11 49.99 -10.81
N ASP E 33 15.50 50.77 -9.92
CA ASP E 33 14.88 52.02 -10.35
C ASP E 33 15.91 52.99 -10.90
N ILE E 34 17.06 53.09 -10.23
CA ILE E 34 18.13 53.96 -10.73
C ILE E 34 18.65 53.46 -12.07
N ILE E 35 18.75 52.14 -12.22
CA ILE E 35 19.18 51.57 -13.50
C ILE E 35 18.19 51.92 -14.60
N PHE E 36 16.89 51.81 -14.30
CA PHE E 36 15.87 52.17 -15.27
C PHE E 36 15.95 53.64 -15.65
N ALA E 37 16.18 54.51 -14.65
CA ALA E 37 16.30 55.94 -14.94
C ALA E 37 17.52 56.23 -15.80
N ILE E 38 18.64 55.56 -15.51
CA ILE E 38 19.84 55.74 -16.33
C ILE E 38 19.60 55.28 -17.75
N LEU E 39 18.91 54.14 -17.92
CA LEU E 39 18.59 53.67 -19.26
C LEU E 39 17.68 54.66 -19.99
N LYS E 40 16.70 55.22 -19.27
CA LYS E 40 15.80 56.20 -19.87
C LYS E 40 16.58 57.43 -20.35
N GLN E 41 17.47 57.95 -19.51
CA GLN E 41 18.22 59.14 -19.89
C GLN E 41 19.20 58.86 -21.01
N HIS E 42 19.79 57.66 -21.04
CA HIS E 42 20.71 57.30 -22.12
C HIS E 42 19.96 57.15 -23.44
N ALA E 43 18.76 56.57 -23.40
CA ALA E 43 17.96 56.49 -24.62
C ALA E 43 17.53 57.87 -25.08
N LYS E 44 17.18 58.76 -24.14
CA LYS E 44 16.83 60.12 -24.51
C LYS E 44 18.03 60.85 -25.12
N SER E 45 19.24 60.54 -24.67
CA SER E 45 20.43 61.13 -25.25
C SER E 45 20.66 60.69 -26.68
N GLY E 46 20.02 59.60 -27.12
CA GLY E 46 20.11 59.15 -28.49
C GLY E 46 21.13 58.06 -28.76
N GLU E 47 21.71 57.46 -27.74
CA GLU E 47 22.70 56.41 -27.90
C GLU E 47 22.04 55.05 -27.81
N ASP E 48 22.50 54.13 -28.66
CA ASP E 48 21.97 52.77 -28.64
C ASP E 48 22.42 52.05 -27.37
N ILE E 49 21.53 51.19 -26.87
CA ILE E 49 21.77 50.44 -25.64
C ILE E 49 21.76 48.96 -25.96
N PHE E 50 22.73 48.24 -25.42
CA PHE E 50 22.87 46.81 -25.66
C PHE E 50 22.21 46.00 -24.55
N GLY E 51 21.86 44.77 -24.87
CA GLY E 51 21.23 43.88 -23.90
C GLY E 51 21.51 42.44 -24.25
N ASP E 52 21.50 41.59 -23.23
CA ASP E 52 21.79 40.17 -23.37
C ASP E 52 20.82 39.37 -22.52
N GLY E 53 20.57 38.12 -22.95
CA GLY E 53 19.75 37.23 -22.15
C GLY E 53 19.42 35.91 -22.82
N VAL E 54 19.04 34.91 -22.02
CA VAL E 54 18.68 33.61 -22.55
C VAL E 54 17.18 33.58 -22.80
N LEU E 55 16.79 33.22 -24.02
CA LEU E 55 15.40 33.33 -24.44
C LEU E 55 14.54 32.21 -23.89
N GLU E 56 13.37 32.57 -23.37
CA GLU E 56 12.34 31.62 -22.98
C GLU E 56 11.04 32.01 -23.68
N ILE E 57 10.40 31.03 -24.31
CA ILE E 57 9.23 31.26 -25.14
C ILE E 57 7.97 31.06 -24.32
N LEU E 58 7.06 32.02 -24.39
CA LEU E 58 5.76 31.91 -23.73
C LEU E 58 4.72 31.32 -24.68
N GLN E 59 3.61 30.87 -24.11
CA GLN E 59 2.60 30.17 -24.88
C GLN E 59 1.89 31.06 -25.90
N ASP E 60 1.93 32.38 -25.73
CA ASP E 60 1.30 33.26 -26.70
C ASP E 60 2.13 33.41 -27.96
N GLY E 61 3.46 33.36 -27.84
CA GLY E 61 4.33 33.55 -28.99
C GLY E 61 5.49 34.47 -28.68
N PHE E 62 5.27 35.44 -27.80
CA PHE E 62 6.33 36.33 -27.38
C PHE E 62 7.24 35.63 -26.37
N GLY E 63 8.44 36.20 -26.18
CA GLY E 63 9.42 35.58 -25.32
C GLY E 63 10.11 36.60 -24.44
N PHE E 64 10.79 36.08 -23.41
CA PHE E 64 11.50 36.91 -22.46
C PHE E 64 12.95 36.44 -22.35
N LEU E 65 13.86 37.41 -22.28
CA LEU E 65 15.29 37.14 -22.15
C LEU E 65 15.63 37.14 -20.66
N ARG E 66 15.60 35.96 -20.06
CA ARG E 66 15.95 35.83 -18.66
C ARG E 66 17.45 36.02 -18.47
N SER E 67 17.83 36.40 -17.25
CA SER E 67 19.21 36.68 -16.89
C SER E 67 19.78 35.56 -16.04
N ALA E 68 21.09 35.36 -16.17
CA ALA E 68 21.75 34.29 -15.42
C ALA E 68 21.80 34.58 -13.93
N ASP E 69 21.87 35.86 -13.55
CA ASP E 69 21.93 36.20 -12.12
C ASP E 69 20.68 35.75 -11.39
N SER E 70 19.51 35.91 -12.02
CA SER E 70 18.25 35.42 -11.48
C SER E 70 18.04 33.95 -11.74
N SER E 71 19.09 33.24 -12.16
CA SER E 71 19.03 31.81 -12.48
C SER E 71 17.92 31.53 -13.49
N TYR E 72 17.81 32.41 -14.48
CA TYR E 72 16.97 32.23 -15.66
C TYR E 72 15.47 32.21 -15.36
N LEU E 73 15.05 32.71 -14.20
CA LEU E 73 13.62 32.88 -14.00
C LEU E 73 13.17 34.28 -14.42
N ALA E 74 11.87 34.51 -14.31
CA ALA E 74 11.32 35.82 -14.54
C ALA E 74 11.75 36.79 -13.46
N GLY E 75 11.95 38.05 -13.84
CA GLY E 75 12.36 39.08 -12.91
C GLY E 75 11.91 40.45 -13.35
N PRO E 76 12.26 41.48 -12.57
CA PRO E 76 11.88 42.84 -12.96
C PRO E 76 12.46 43.26 -14.30
N ASP E 77 13.66 42.80 -14.63
CA ASP E 77 14.33 43.15 -15.87
C ASP E 77 14.35 41.91 -16.76
N ASP E 78 13.51 41.90 -17.78
CA ASP E 78 13.42 40.79 -18.73
C ASP E 78 13.09 41.38 -20.10
N ILE E 79 14.07 41.38 -21.00
CA ILE E 79 13.88 41.96 -22.32
C ILE E 79 12.79 41.19 -23.06
N TYR E 80 11.85 41.93 -23.64
CA TYR E 80 10.75 41.32 -24.37
C TYR E 80 11.14 41.14 -25.84
N VAL E 81 10.87 39.96 -26.39
CA VAL E 81 11.07 39.68 -27.80
C VAL E 81 9.72 39.34 -28.42
N SER E 82 9.43 39.96 -29.55
CA SER E 82 8.16 39.77 -30.23
C SER E 82 8.16 38.45 -31.00
N PRO E 83 6.99 37.86 -31.20
CA PRO E 83 6.93 36.63 -32.03
C PRO E 83 7.43 36.84 -33.45
N SER E 84 7.34 38.06 -33.98
CA SER E 84 7.84 38.31 -35.33
C SER E 84 9.34 38.08 -35.41
N GLN E 85 10.10 38.56 -34.41
CA GLN E 85 11.54 38.36 -34.42
C GLN E 85 11.88 36.88 -34.26
N ILE E 86 11.13 36.17 -33.41
CA ILE E 86 11.36 34.74 -33.22
C ILE E 86 11.14 33.98 -34.53
N ARG E 87 10.05 34.31 -35.23
CA ARG E 87 9.77 33.66 -36.51
C ARG E 87 10.84 34.01 -37.54
N ARG E 88 11.29 35.26 -37.57
CA ARG E 88 12.27 35.69 -38.55
C ARG E 88 13.61 35.00 -38.33
N PHE E 89 14.08 34.94 -37.09
CA PHE E 89 15.39 34.38 -36.78
C PHE E 89 15.34 32.91 -36.37
N ASN E 90 14.16 32.30 -36.37
CA ASN E 90 14.01 30.88 -36.05
C ASN E 90 14.56 30.56 -34.66
N LEU E 91 14.37 31.46 -33.71
CA LEU E 91 14.85 31.26 -32.36
C LEU E 91 13.98 30.28 -31.60
N ARG E 92 14.61 29.58 -30.66
CA ARG E 92 13.91 28.66 -29.76
C ARG E 92 14.31 28.97 -28.33
N THR E 93 13.58 28.39 -27.38
CA THR E 93 13.88 28.60 -25.98
C THR E 93 15.27 28.11 -25.65
N GLY E 94 15.99 28.89 -24.84
CA GLY E 94 17.37 28.60 -24.51
C GLY E 94 18.39 29.26 -25.41
N ASP E 95 17.97 29.91 -26.49
CA ASP E 95 18.89 30.60 -27.38
C ASP E 95 19.31 31.92 -26.73
N THR E 96 20.60 32.04 -26.42
CA THR E 96 21.10 33.30 -25.87
C THR E 96 21.13 34.36 -26.97
N ILE E 97 20.68 35.56 -26.63
CA ILE E 97 20.51 36.64 -27.59
C ILE E 97 21.17 37.89 -27.02
N SER E 98 21.96 38.56 -27.86
CA SER E 98 22.55 39.85 -27.54
C SER E 98 22.25 40.80 -28.69
N GLY E 99 21.77 41.99 -28.35
CA GLY E 99 21.43 42.95 -29.39
C GLY E 99 20.96 44.26 -28.80
N LYS E 100 20.64 45.20 -29.69
CA LYS E 100 20.18 46.51 -29.27
C LYS E 100 18.77 46.43 -28.71
N ILE E 101 18.56 47.05 -27.56
CA ILE E 101 17.27 47.03 -26.88
C ILE E 101 16.73 48.46 -26.81
N ARG E 102 15.49 48.57 -26.36
CA ARG E 102 14.84 49.86 -26.19
C ARG E 102 14.06 49.88 -24.89
N PRO E 103 13.91 51.04 -24.28
CA PRO E 103 13.11 51.15 -23.05
C PRO E 103 11.64 50.91 -23.34
N PRO E 104 10.88 50.47 -22.34
CA PRO E 104 9.46 50.19 -22.58
C PRO E 104 8.69 51.46 -22.91
N LYS E 105 7.65 51.30 -23.73
CA LYS E 105 6.76 52.38 -24.09
C LYS E 105 5.60 52.43 -23.09
N GLU E 106 4.57 53.21 -23.42
CA GLU E 106 3.40 53.30 -22.56
C GLU E 106 2.68 51.95 -22.51
N GLY E 107 2.30 51.54 -21.30
CA GLY E 107 1.67 50.25 -21.10
C GLY E 107 2.61 49.07 -21.08
N GLU E 108 3.92 49.31 -21.13
CA GLU E 108 4.92 48.26 -21.12
C GLU E 108 5.78 48.41 -19.87
N ARG E 109 5.96 47.31 -19.14
CA ARG E 109 6.80 47.28 -17.95
C ARG E 109 8.12 46.57 -18.16
N TYR E 110 8.41 46.10 -19.37
CA TYR E 110 9.62 45.38 -19.67
C TYR E 110 10.29 45.97 -20.90
N PHE E 111 11.62 45.95 -20.90
CA PHE E 111 12.38 46.45 -22.04
C PHE E 111 12.14 45.58 -23.26
N ALA E 112 12.15 46.22 -24.43
CA ALA E 112 12.04 45.53 -25.70
C ALA E 112 13.33 45.76 -26.49
N LEU E 113 13.49 44.99 -27.56
CA LEU E 113 14.68 45.07 -28.39
C LEU E 113 14.27 45.18 -29.85
N LEU E 114 15.08 45.92 -30.62
CA LEU E 114 14.79 46.17 -32.02
C LEU E 114 15.74 45.46 -32.97
N LYS E 115 16.93 45.08 -32.51
CA LYS E 115 17.91 44.45 -33.37
C LYS E 115 18.70 43.43 -32.56
N VAL E 116 19.04 42.31 -33.20
CA VAL E 116 19.88 41.29 -32.60
C VAL E 116 21.13 41.15 -33.44
N ASN E 117 22.27 40.95 -32.78
CA ASN E 117 23.52 40.76 -33.49
C ASN E 117 24.41 39.66 -32.93
N GLU E 118 23.97 38.94 -31.89
CA GLU E 118 24.72 37.80 -31.39
C GLU E 118 23.71 36.74 -30.91
N VAL E 119 23.48 35.73 -31.74
CA VAL E 119 22.60 34.62 -31.40
C VAL E 119 23.46 33.39 -31.18
N ASN E 120 23.51 32.92 -29.93
CA ASN E 120 24.37 31.80 -29.55
C ASN E 120 25.83 32.05 -29.96
N PHE E 121 26.28 33.28 -29.72
CA PHE E 121 27.68 33.66 -29.91
C PHE E 121 28.13 33.52 -31.36
N ASP E 122 27.27 33.89 -32.29
CA ASP E 122 27.66 33.97 -33.70
C ASP E 122 26.69 34.88 -34.44
N LYS E 123 26.98 35.10 -35.71
CA LYS E 123 26.18 35.94 -36.59
C LYS E 123 24.78 35.32 -36.75
N PRO E 124 23.73 36.14 -36.69
CA PRO E 124 22.37 35.58 -36.50
C PRO E 124 21.88 34.70 -37.62
N GLU E 125 22.22 34.99 -38.87
CA GLU E 125 21.62 34.26 -39.99
C GLU E 125 22.04 32.80 -40.02
N ASN E 126 23.08 32.42 -39.28
CA ASN E 126 23.44 31.01 -39.17
C ASN E 126 22.33 30.19 -38.51
N ALA E 127 21.42 30.84 -37.80
CA ALA E 127 20.28 30.15 -37.22
C ALA E 127 19.17 29.87 -38.24
N ARG E 128 19.34 30.31 -39.49
CA ARG E 128 18.33 30.08 -40.50
C ARG E 128 18.21 28.62 -40.90
N ASN E 129 19.34 27.90 -40.98
CA ASN E 129 19.31 26.55 -41.53
C ASN E 129 20.10 25.54 -40.69
N LYS E 130 20.30 25.81 -39.40
CA LYS E 130 21.01 24.84 -38.57
C LYS E 130 20.15 23.62 -38.32
N ILE E 131 20.81 22.46 -38.24
CA ILE E 131 20.10 21.21 -38.00
C ILE E 131 19.58 21.19 -36.57
N LEU E 132 18.32 20.81 -36.41
CA LEU E 132 17.71 20.80 -35.10
C LEU E 132 18.34 19.71 -34.22
N PHE E 133 18.19 19.89 -32.91
CA PHE E 133 18.83 18.96 -31.97
C PHE E 133 18.29 17.55 -32.12
N GLU E 134 16.96 17.42 -32.24
CA GLU E 134 16.36 16.11 -32.40
C GLU E 134 16.62 15.50 -33.77
N ASN E 135 17.08 16.30 -34.73
CA ASN E 135 17.39 15.80 -36.06
C ASN E 135 18.84 15.36 -36.22
N LEU E 136 19.67 15.58 -35.21
CA LEU E 136 21.06 15.13 -35.28
C LEU E 136 21.15 13.62 -35.11
N THR E 137 22.19 13.04 -35.70
CA THR E 137 22.40 11.60 -35.58
C THR E 137 23.29 11.33 -34.37
N PRO E 138 22.79 10.69 -33.33
CA PRO E 138 23.61 10.44 -32.15
C PRO E 138 24.58 9.29 -32.37
N LEU E 139 25.58 9.23 -31.50
CA LEU E 139 26.63 8.24 -31.61
C LEU E 139 27.10 7.86 -30.20
N HIS E 140 27.87 6.79 -30.13
CA HIS E 140 28.54 6.45 -28.89
C HIS E 140 29.71 7.40 -28.66
N ALA E 141 30.07 7.56 -27.38
CA ALA E 141 31.14 8.47 -27.02
C ALA E 141 32.46 8.00 -27.61
N ASN E 142 33.07 8.83 -28.47
CA ASN E 142 34.34 8.51 -29.10
C ASN E 142 35.50 9.23 -28.42
N SER E 143 35.44 10.56 -28.34
CA SER E 143 36.51 11.33 -27.73
C SER E 143 36.51 11.10 -26.22
N ARG E 144 37.68 11.26 -25.61
CA ARG E 144 37.88 11.00 -24.20
C ARG E 144 38.13 12.30 -23.45
N LEU E 145 37.44 12.46 -22.33
CA LEU E 145 37.63 13.61 -21.43
C LEU E 145 38.59 13.17 -20.33
N ARG E 146 39.88 13.35 -20.56
CA ARG E 146 40.90 12.95 -19.60
C ARG E 146 40.83 13.86 -18.38
N MET E 147 40.46 13.29 -17.23
CA MET E 147 40.45 14.05 -15.99
C MET E 147 41.83 14.15 -15.35
N GLU E 148 42.79 13.35 -15.81
CA GLU E 148 44.13 13.38 -15.23
C GLU E 148 44.80 14.71 -15.51
N ARG E 149 45.47 15.26 -14.50
CA ARG E 149 46.19 16.52 -14.63
C ARG E 149 47.69 16.37 -14.66
N GLY E 150 48.25 15.39 -13.94
CA GLY E 150 49.66 15.13 -13.96
C GLY E 150 50.50 16.00 -13.04
N ASN E 151 49.87 16.90 -12.27
CA ASN E 151 50.63 17.76 -11.38
C ASN E 151 51.16 17.00 -10.17
N GLY E 152 50.55 15.85 -9.88
CA GLY E 152 50.94 15.08 -8.71
C GLY E 152 50.30 15.50 -7.42
N SER E 153 49.34 16.43 -7.45
CA SER E 153 48.71 16.90 -6.23
C SER E 153 47.82 15.82 -5.63
N THR E 154 47.45 16.03 -4.36
CA THR E 154 46.60 15.07 -3.67
C THR E 154 45.22 14.97 -4.31
N GLU E 155 44.64 16.10 -4.71
CA GLU E 155 43.33 16.07 -5.37
C GLU E 155 43.40 15.42 -6.75
N ASP E 156 44.58 15.38 -7.37
CA ASP E 156 44.73 14.70 -8.64
C ASP E 156 44.56 13.19 -8.49
N LEU E 157 44.69 12.66 -7.29
CA LEU E 157 44.49 11.23 -7.07
C LEU E 157 43.07 10.82 -7.40
N THR E 158 42.09 11.63 -7.01
CA THR E 158 40.70 11.32 -7.32
C THR E 158 40.46 11.31 -8.84
N ALA E 159 41.04 12.26 -9.55
CA ALA E 159 40.90 12.29 -11.00
C ALA E 159 41.56 11.07 -11.64
N ARG E 160 42.73 10.67 -11.13
CA ARG E 160 43.41 9.49 -11.66
C ARG E 160 42.59 8.23 -11.43
N VAL E 161 42.01 8.08 -10.24
CA VAL E 161 41.18 6.92 -9.97
C VAL E 161 39.91 6.94 -10.82
N LEU E 162 39.37 8.14 -11.06
CA LEU E 162 38.23 8.26 -11.97
C LEU E 162 38.60 7.79 -13.37
N ASP E 163 39.77 8.19 -13.85
CA ASP E 163 40.22 7.74 -15.17
C ASP E 163 40.41 6.24 -15.21
N LEU E 164 40.94 5.67 -14.12
CA LEU E 164 41.21 4.23 -14.11
C LEU E 164 39.93 3.41 -14.03
N ALA E 165 38.96 3.85 -13.23
CA ALA E 165 37.77 3.04 -13.00
C ALA E 165 36.75 3.19 -14.12
N SER E 166 36.22 4.39 -14.30
CA SER E 166 35.14 4.65 -15.26
C SER E 166 35.54 5.83 -16.14
N PRO E 167 36.14 5.57 -17.30
CA PRO E 167 36.52 6.67 -18.20
C PRO E 167 35.31 7.48 -18.64
N ILE E 168 35.52 8.78 -18.78
CA ILE E 168 34.47 9.72 -19.19
C ILE E 168 34.82 10.26 -20.57
N GLY E 169 33.87 10.18 -21.49
CA GLY E 169 34.04 10.70 -22.83
C GLY E 169 33.06 11.82 -23.13
N ARG E 170 33.25 12.45 -24.28
CA ARG E 170 32.33 13.50 -24.71
C ARG E 170 31.01 12.89 -25.10
N GLY E 171 29.91 13.49 -24.64
CA GLY E 171 28.60 12.93 -24.87
C GLY E 171 28.21 11.83 -23.91
N GLN E 172 28.95 11.67 -22.82
CA GLN E 172 28.65 10.60 -21.88
C GLN E 172 27.41 10.92 -21.06
N ARG E 173 26.64 9.90 -20.73
CA ARG E 173 25.52 9.99 -19.81
C ARG E 173 25.97 9.32 -18.52
N GLY E 174 26.48 10.11 -17.58
CA GLY E 174 27.15 9.60 -16.41
C GLY E 174 26.32 9.74 -15.15
N LEU E 175 26.55 8.83 -14.21
CA LEU E 175 25.92 8.85 -12.90
C LEU E 175 26.98 8.59 -11.85
N ILE E 176 26.89 9.31 -10.73
CA ILE E 176 27.75 9.11 -9.57
C ILE E 176 26.85 8.79 -8.40
N VAL E 177 26.84 7.53 -7.98
CA VAL E 177 25.93 7.04 -6.95
C VAL E 177 26.72 6.76 -5.67
N ALA E 178 26.15 7.18 -4.54
CA ALA E 178 26.78 7.01 -3.24
C ALA E 178 25.74 7.34 -2.18
N PRO E 179 25.91 6.81 -0.97
CA PRO E 179 25.10 7.27 0.16
C PRO E 179 25.55 8.65 0.58
N PRO E 180 24.76 9.35 1.40
CA PRO E 180 25.18 10.69 1.85
C PRO E 180 26.49 10.65 2.62
N LYS E 181 27.27 11.74 2.51
CA LYS E 181 28.55 11.86 3.18
C LYS E 181 29.53 10.78 2.73
N ALA E 182 29.55 10.50 1.42
CA ALA E 182 30.47 9.52 0.86
C ALA E 182 31.48 10.13 -0.10
N GLY E 183 31.38 11.42 -0.39
CA GLY E 183 32.30 12.09 -1.28
C GLY E 183 31.74 12.47 -2.63
N LYS E 184 30.44 12.68 -2.75
CA LYS E 184 29.84 12.97 -4.05
C LYS E 184 30.15 14.38 -4.50
N THR E 185 29.75 15.38 -3.70
CA THR E 185 29.84 16.77 -4.13
C THR E 185 31.30 17.19 -4.36
N MET E 186 32.20 16.79 -3.48
CA MET E 186 33.62 17.13 -3.69
C MET E 186 34.19 16.40 -4.90
N LEU E 187 33.68 15.21 -5.21
CA LEU E 187 34.08 14.56 -6.46
C LEU E 187 33.61 15.37 -7.66
N LEU E 188 32.40 15.93 -7.59
CA LEU E 188 31.93 16.80 -8.67
C LEU E 188 32.80 18.04 -8.77
N GLN E 189 33.22 18.60 -7.64
CA GLN E 189 34.12 19.76 -7.67
C GLN E 189 35.44 19.41 -8.32
N ASN E 190 36.00 18.25 -7.99
CA ASN E 190 37.25 17.83 -8.60
C ASN E 190 37.08 17.61 -10.09
N ILE E 191 35.95 17.05 -10.50
CA ILE E 191 35.66 16.87 -11.92
C ILE E 191 35.59 18.22 -12.63
N ALA E 192 34.93 19.20 -11.99
CA ALA E 192 34.85 20.53 -12.58
C ALA E 192 36.22 21.16 -12.72
N GLN E 193 37.07 21.02 -11.71
CA GLN E 193 38.42 21.56 -11.80
C GLN E 193 39.22 20.89 -12.91
N SER E 194 39.09 19.57 -13.03
CA SER E 194 39.80 18.85 -14.09
C SER E 194 39.31 19.27 -15.47
N ILE E 195 38.01 19.50 -15.61
CA ILE E 195 37.46 19.96 -16.88
C ILE E 195 37.98 21.35 -17.20
N ALA E 196 38.00 22.24 -16.21
CA ALA E 196 38.48 23.61 -16.43
C ALA E 196 39.95 23.61 -16.83
N TYR E 197 40.75 22.75 -16.22
CA TYR E 197 42.17 22.70 -16.53
C TYR E 197 42.42 22.04 -17.89
N ASN E 198 42.02 20.78 -18.04
CA ASN E 198 42.40 20.01 -19.21
C ASN E 198 41.68 20.47 -20.46
N HIS E 199 40.39 20.79 -20.34
CA HIS E 199 39.53 21.06 -21.50
C HIS E 199 38.88 22.43 -21.34
N PRO E 200 39.62 23.49 -21.65
CA PRO E 200 39.03 24.84 -21.55
C PRO E 200 38.11 25.19 -22.70
N ASP E 201 38.16 24.46 -23.80
CA ASP E 201 37.28 24.75 -24.93
C ASP E 201 35.85 24.33 -24.65
N CYS E 202 35.65 23.31 -23.81
CA CYS E 202 34.31 22.85 -23.50
C CYS E 202 33.54 23.90 -22.71
N VAL E 203 32.24 23.95 -22.93
CA VAL E 203 31.36 24.87 -22.22
C VAL E 203 30.85 24.14 -20.98
N LEU E 204 31.37 24.53 -19.81
CA LEU E 204 31.03 23.89 -18.56
C LEU E 204 29.91 24.67 -17.88
N MET E 205 28.80 24.00 -17.60
CA MET E 205 27.64 24.61 -16.96
C MET E 205 27.24 23.74 -15.77
N VAL E 206 27.64 24.17 -14.58
CA VAL E 206 27.35 23.43 -13.36
C VAL E 206 25.95 23.80 -12.88
N LEU E 207 25.08 22.81 -12.75
CA LEU E 207 23.69 23.02 -12.33
C LEU E 207 23.48 22.35 -10.99
N LEU E 208 23.05 23.11 -10.00
CA LEU E 208 22.77 22.61 -8.66
C LEU E 208 21.28 22.70 -8.39
N ILE E 209 20.68 21.58 -8.02
CA ILE E 209 19.24 21.50 -7.78
C ILE E 209 19.02 20.93 -6.39
N ASP E 210 18.19 21.62 -5.59
CA ASP E 210 17.77 21.13 -4.28
C ASP E 210 18.97 20.90 -3.36
N GLU E 211 19.87 21.88 -3.31
CA GLU E 211 21.12 21.75 -2.60
C GLU E 211 21.29 22.89 -1.60
N ARG E 212 22.22 22.69 -0.67
CA ARG E 212 22.45 23.65 0.39
C ARG E 212 23.04 24.94 -0.17
N PRO E 213 22.65 26.10 0.37
CA PRO E 213 23.18 27.37 -0.14
C PRO E 213 24.68 27.54 0.02
N GLU E 214 25.26 27.00 1.11
CA GLU E 214 26.70 27.12 1.30
C GLU E 214 27.46 26.40 0.20
N GLU E 215 26.98 25.21 -0.20
CA GLU E 215 27.58 24.52 -1.33
C GLU E 215 27.40 25.31 -2.62
N VAL E 216 26.28 26.03 -2.75
CA VAL E 216 26.08 26.88 -3.92
C VAL E 216 27.15 27.95 -3.97
N THR E 217 27.42 28.60 -2.83
CA THR E 217 28.45 29.63 -2.79
C THR E 217 29.83 29.04 -3.07
N GLU E 218 30.11 27.86 -2.52
CA GLU E 218 31.39 27.21 -2.77
C GLU E 218 31.57 26.92 -4.25
N MET E 219 30.53 26.38 -4.90
CA MET E 219 30.59 26.12 -6.33
C MET E 219 30.82 27.40 -7.12
N GLN E 220 30.06 28.45 -6.78
CA GLN E 220 30.22 29.72 -7.49
C GLN E 220 31.63 30.28 -7.34
N ARG E 221 32.28 29.98 -6.22
CA ARG E 221 33.60 30.54 -5.97
C ARG E 221 34.73 29.74 -6.60
N LEU E 222 34.70 28.41 -6.51
CA LEU E 222 35.83 27.60 -6.94
C LEU E 222 35.65 26.94 -8.30
N VAL E 223 34.62 27.30 -9.05
CA VAL E 223 34.37 26.72 -10.36
C VAL E 223 34.48 27.81 -11.41
N LYS E 224 35.32 27.57 -12.42
CA LYS E 224 35.49 28.48 -13.54
C LYS E 224 34.46 28.12 -14.61
N GLY E 225 33.54 29.05 -14.89
CA GLY E 225 32.48 28.79 -15.83
C GLY E 225 31.17 29.40 -15.39
N GLU E 226 30.06 28.75 -15.72
CA GLU E 226 28.72 29.22 -15.36
C GLU E 226 28.13 28.28 -14.33
N VAL E 227 27.59 28.84 -13.26
CA VAL E 227 26.98 28.08 -12.18
C VAL E 227 25.58 28.62 -11.95
N VAL E 228 24.58 27.76 -12.08
CA VAL E 228 23.20 28.11 -11.75
C VAL E 228 22.72 27.13 -10.69
N ALA E 229 21.84 27.61 -9.82
CA ALA E 229 21.48 26.82 -8.65
C ALA E 229 20.06 27.14 -8.22
N SER E 230 19.49 26.21 -7.43
CA SER E 230 18.18 26.37 -6.83
C SER E 230 18.22 25.65 -5.49
N THR E 231 18.33 26.42 -4.42
CA THR E 231 18.50 25.84 -3.09
C THR E 231 17.24 25.10 -2.66
N PHE E 232 17.38 24.31 -1.58
CA PHE E 232 16.30 23.44 -1.15
C PHE E 232 15.15 24.18 -0.51
N ASP E 233 15.29 25.48 -0.25
CA ASP E 233 14.20 26.26 0.31
C ASP E 233 13.19 26.71 -0.75
N GLU E 234 13.38 26.31 -1.99
CA GLU E 234 12.55 26.71 -3.12
C GLU E 234 11.63 25.59 -3.54
N PRO E 235 10.49 25.90 -4.18
CA PRO E 235 9.53 24.86 -4.53
C PRO E 235 10.07 23.92 -5.59
N ALA E 236 9.35 22.82 -5.79
CA ALA E 236 9.74 21.83 -6.79
C ALA E 236 9.65 22.38 -8.20
N SER E 237 8.61 23.19 -8.48
CA SER E 237 8.48 23.78 -9.80
C SER E 237 9.66 24.70 -10.11
N ARG E 238 10.23 25.35 -9.10
CA ARG E 238 11.43 26.14 -9.30
C ARG E 238 12.55 25.29 -9.88
N HIS E 239 12.85 24.16 -9.23
CA HIS E 239 13.88 23.27 -9.73
C HIS E 239 13.53 22.77 -11.13
N VAL E 240 12.26 22.44 -11.35
CA VAL E 240 11.86 21.87 -12.64
C VAL E 240 12.13 22.87 -13.76
N GLN E 241 11.66 24.11 -13.62
CA GLN E 241 11.83 25.04 -14.74
C GLN E 241 13.29 25.49 -14.87
N VAL E 242 14.03 25.55 -13.77
CA VAL E 242 15.46 25.85 -13.89
C VAL E 242 16.15 24.77 -14.71
N ALA E 243 15.83 23.50 -14.42
CA ALA E 243 16.42 22.40 -15.18
C ALA E 243 16.04 22.46 -16.65
N GLU E 244 14.76 22.76 -16.93
CA GLU E 244 14.35 22.87 -18.33
C GLU E 244 15.11 23.97 -19.05
N MET E 245 15.26 25.13 -18.41
CA MET E 245 15.98 26.23 -19.05
C MET E 245 17.43 25.85 -19.32
N VAL E 246 18.08 25.21 -18.34
CA VAL E 246 19.48 24.82 -18.51
C VAL E 246 19.63 23.82 -19.65
N ILE E 247 18.76 22.81 -19.69
CA ILE E 247 18.89 21.78 -20.71
C ILE E 247 18.59 22.35 -22.10
N GLU E 248 17.63 23.28 -22.19
CA GLU E 248 17.35 23.89 -23.49
C GLU E 248 18.52 24.74 -23.96
N LYS E 249 19.14 25.49 -23.04
CA LYS E 249 20.32 26.26 -23.43
C LYS E 249 21.44 25.35 -23.89
N ALA E 250 21.63 24.22 -23.21
CA ALA E 250 22.66 23.27 -23.63
C ALA E 250 22.36 22.70 -25.01
N LYS E 251 21.10 22.36 -25.27
CA LYS E 251 20.74 21.85 -26.59
C LYS E 251 21.00 22.88 -27.68
N ARG E 252 20.63 24.14 -27.41
CA ARG E 252 20.86 25.20 -28.40
C ARG E 252 22.35 25.38 -28.66
N LEU E 253 23.17 25.31 -27.60
CA LEU E 253 24.61 25.42 -27.79
C LEU E 253 25.16 24.26 -28.60
N VAL E 254 24.65 23.05 -28.34
CA VAL E 254 25.10 21.87 -29.08
C VAL E 254 24.72 21.98 -30.55
N GLU E 255 23.56 22.59 -30.84
CA GLU E 255 23.13 22.77 -32.22
C GLU E 255 24.14 23.55 -33.05
N HIS E 256 25.00 24.35 -32.41
CA HIS E 256 26.03 25.11 -33.08
C HIS E 256 27.39 24.43 -33.05
N LYS E 257 27.41 23.10 -32.92
CA LYS E 257 28.62 22.29 -32.96
C LYS E 257 29.58 22.68 -31.83
N LYS E 258 29.06 22.66 -30.61
CA LYS E 258 29.83 22.98 -29.41
C LYS E 258 29.86 21.77 -28.48
N ASP E 259 30.94 21.66 -27.72
CA ASP E 259 31.06 20.64 -26.68
C ASP E 259 30.57 21.24 -25.36
N VAL E 260 29.47 20.72 -24.85
CA VAL E 260 28.82 21.25 -23.66
C VAL E 260 28.87 20.19 -22.58
N ILE E 261 29.27 20.58 -21.37
CA ILE E 261 29.33 19.68 -20.22
C ILE E 261 28.45 20.25 -19.13
N ILE E 262 27.59 19.40 -18.57
CA ILE E 262 26.71 19.77 -17.47
C ILE E 262 27.01 18.86 -16.29
N LEU E 263 27.20 19.46 -15.13
CA LEU E 263 27.37 18.72 -13.88
C LEU E 263 26.15 18.98 -13.01
N LEU E 264 25.46 17.91 -12.65
CA LEU E 264 24.21 18.00 -11.90
C LEU E 264 24.46 17.51 -10.48
N ASP E 265 24.21 18.40 -9.51
CA ASP E 265 24.56 18.11 -8.13
C ASP E 265 23.79 16.90 -7.60
N SER E 266 22.57 16.68 -8.08
CA SER E 266 21.83 15.47 -7.73
C SER E 266 20.69 15.29 -8.71
N ILE E 267 20.69 14.17 -9.43
CA ILE E 267 19.55 13.82 -10.26
C ILE E 267 18.43 13.20 -9.44
N THR E 268 18.75 12.67 -8.25
CA THR E 268 17.72 12.08 -7.39
C THR E 268 16.72 13.14 -6.95
N ARG E 269 17.21 14.31 -6.54
CA ARG E 269 16.29 15.36 -6.10
C ARG E 269 15.58 16.01 -7.27
N LEU E 270 16.20 16.04 -8.45
CA LEU E 270 15.47 16.50 -9.63
C LEU E 270 14.31 15.55 -9.95
N ALA E 271 14.55 14.25 -9.85
CA ALA E 271 13.48 13.28 -10.05
C ALA E 271 12.41 13.43 -8.97
N ARG E 272 12.82 13.71 -7.74
CA ARG E 272 11.85 13.94 -6.67
C ARG E 272 10.99 15.17 -6.95
N ALA E 273 11.61 16.24 -7.43
CA ALA E 273 10.84 17.44 -7.77
C ALA E 273 9.88 17.16 -8.92
N TYR E 274 10.33 16.40 -9.92
CA TYR E 274 9.45 16.04 -11.02
C TYR E 274 8.27 15.19 -10.52
N ASN E 275 8.54 14.27 -9.61
CA ASN E 275 7.46 13.46 -9.02
C ASN E 275 6.49 14.34 -8.26
N THR E 276 7.00 15.32 -7.50
CA THR E 276 6.12 16.22 -6.76
C THR E 276 5.25 17.04 -7.70
N VAL E 277 5.83 17.53 -8.81
CA VAL E 277 5.08 18.42 -9.69
C VAL E 277 4.19 17.66 -10.66
N VAL E 278 4.38 16.35 -10.83
CA VAL E 278 3.62 15.58 -11.81
C VAL E 278 2.20 15.39 -11.31
N PRO E 279 1.19 15.40 -12.17
CA PRO E 279 -0.16 15.05 -11.75
C PRO E 279 -0.24 13.59 -11.34
N ALA E 280 -1.11 13.33 -10.36
CA ALA E 280 -1.29 11.97 -9.86
C ALA E 280 -2.07 11.13 -10.85
N SER E 281 -1.54 9.96 -11.20
CA SER E 281 -2.17 9.05 -12.13
C SER E 281 -2.90 7.90 -11.45
N GLY E 282 -2.84 7.81 -10.12
CA GLY E 282 -3.45 6.73 -9.40
C GLY E 282 -2.62 5.48 -9.29
N LYS E 283 -1.44 5.45 -9.91
CA LYS E 283 -0.53 4.31 -9.85
C LYS E 283 0.77 4.76 -9.22
N VAL E 284 1.21 4.02 -8.21
CA VAL E 284 2.44 4.33 -7.48
C VAL E 284 3.32 3.09 -7.48
N LEU E 285 4.56 3.23 -7.92
CA LEU E 285 5.49 2.11 -7.97
C LEU E 285 6.06 1.88 -6.57
N THR E 286 7.08 1.03 -6.47
CA THR E 286 7.77 0.86 -5.21
C THR E 286 8.42 2.17 -4.79
N GLY E 287 8.28 2.49 -3.51
CA GLY E 287 8.56 3.84 -3.07
C GLY E 287 7.38 4.75 -3.37
N GLY E 288 7.66 6.04 -3.41
CA GLY E 288 6.64 7.03 -3.67
C GLY E 288 6.52 7.48 -5.10
N VAL E 289 7.24 6.85 -6.04
CA VAL E 289 7.30 7.32 -7.41
C VAL E 289 5.96 7.13 -8.11
N ASP E 290 5.46 8.19 -8.74
CA ASP E 290 4.33 8.04 -9.64
C ASP E 290 4.76 7.29 -10.89
N ALA E 291 3.79 6.60 -11.50
CA ALA E 291 4.10 5.81 -12.70
C ALA E 291 4.59 6.68 -13.84
N ASN E 292 3.96 7.84 -14.04
CA ASN E 292 4.32 8.74 -15.13
C ASN E 292 5.28 9.83 -14.72
N ALA E 293 5.88 9.72 -13.54
CA ALA E 293 6.72 10.80 -13.02
C ALA E 293 8.05 10.88 -13.74
N LEU E 294 8.58 9.75 -14.20
CA LEU E 294 9.97 9.66 -14.63
C LEU E 294 10.17 9.86 -16.12
N HIS E 295 9.12 10.22 -16.88
CA HIS E 295 9.29 10.46 -18.29
C HIS E 295 10.15 11.70 -18.55
N ARG E 296 9.79 12.82 -17.92
CA ARG E 296 10.50 14.08 -18.09
C ARG E 296 11.92 14.02 -17.55
N PRO E 297 12.17 13.44 -16.36
CA PRO E 297 13.57 13.23 -15.96
C PRO E 297 14.33 12.36 -16.93
N LYS E 298 13.67 11.34 -17.51
CA LYS E 298 14.33 10.52 -18.51
C LYS E 298 14.74 11.35 -19.72
N ARG E 299 13.84 12.23 -20.19
CA ARG E 299 14.18 13.09 -21.31
C ARG E 299 15.33 14.03 -20.97
N PHE E 300 15.30 14.63 -19.78
CA PHE E 300 16.37 15.54 -19.37
C PHE E 300 17.71 14.83 -19.32
N PHE E 301 17.74 13.63 -18.74
CA PHE E 301 18.99 12.90 -18.64
C PHE E 301 19.46 12.41 -20.01
N GLY E 302 18.54 11.96 -20.85
CA GLY E 302 18.87 11.46 -22.17
C GLY E 302 19.11 12.52 -23.21
N ALA E 303 18.96 13.80 -22.85
CA ALA E 303 19.40 14.86 -23.74
C ALA E 303 20.90 14.81 -24.01
N ALA E 304 21.68 14.13 -23.18
CA ALA E 304 23.12 14.01 -23.37
C ALA E 304 23.41 12.97 -24.44
N ARG E 305 24.23 13.33 -25.42
CA ARG E 305 24.57 12.42 -26.50
C ARG E 305 25.81 12.93 -27.22
N ASN E 306 26.40 12.05 -28.02
CA ASN E 306 27.49 12.41 -28.91
C ASN E 306 26.92 12.55 -30.31
N VAL E 307 27.15 13.71 -30.93
CA VAL E 307 26.57 14.04 -32.21
C VAL E 307 27.60 13.79 -33.31
N GLU E 308 27.17 13.10 -34.36
CA GLU E 308 28.07 12.85 -35.49
C GLU E 308 28.36 14.14 -36.25
N GLU E 309 27.37 15.02 -36.38
CA GLU E 309 27.55 16.25 -37.14
C GLU E 309 28.55 17.20 -36.51
N GLY E 310 28.89 17.00 -35.24
CA GLY E 310 29.81 17.89 -34.55
C GLY E 310 29.25 18.36 -33.23
N GLY E 311 30.11 18.43 -32.21
CA GLY E 311 29.68 18.80 -30.88
C GLY E 311 29.14 17.62 -30.11
N SER E 312 28.98 17.84 -28.80
CA SER E 312 28.51 16.79 -27.92
C SER E 312 27.91 17.41 -26.67
N LEU E 313 27.13 16.62 -25.95
CA LEU E 313 26.52 17.03 -24.69
C LEU E 313 26.82 15.96 -23.65
N THR E 314 27.66 16.29 -22.69
CA THR E 314 27.98 15.41 -21.58
C THR E 314 27.20 15.83 -20.35
N ILE E 315 26.65 14.85 -19.63
CA ILE E 315 25.92 15.11 -18.40
C ILE E 315 26.44 14.16 -17.34
N ILE E 316 26.96 14.73 -16.24
CA ILE E 316 27.44 13.95 -15.11
C ILE E 316 26.60 14.35 -13.91
N ALA E 317 25.69 13.49 -13.50
CA ALA E 317 24.76 13.78 -12.42
C ALA E 317 25.03 12.86 -11.25
N THR E 318 24.88 13.39 -10.04
CA THR E 318 25.05 12.54 -8.86
C THR E 318 23.70 11.95 -8.44
N ALA E 319 23.77 10.83 -7.72
CA ALA E 319 22.56 10.14 -7.28
C ALA E 319 22.84 9.45 -5.95
N LEU E 320 21.75 9.13 -5.24
CA LEU E 320 21.82 8.54 -3.92
C LEU E 320 21.39 7.08 -3.97
N ILE E 321 22.17 6.20 -3.33
CA ILE E 321 21.82 4.79 -3.17
C ILE E 321 22.12 4.39 -1.74
N ASP E 322 21.53 3.25 -1.34
CA ASP E 322 21.75 2.67 -0.01
C ASP E 322 21.40 3.65 1.10
N THR E 323 20.34 4.42 0.88
CA THR E 323 19.87 5.39 1.85
C THR E 323 18.74 4.86 2.72
N GLY E 324 18.35 3.60 2.55
CA GLY E 324 17.27 3.02 3.32
C GLY E 324 15.89 3.32 2.79
N SER E 325 15.78 4.04 1.68
CA SER E 325 14.49 4.36 1.07
C SER E 325 14.44 3.78 -0.34
N LYS E 326 13.33 3.11 -0.67
CA LYS E 326 13.21 2.50 -1.99
C LYS E 326 13.09 3.54 -3.09
N MET E 327 12.73 4.79 -2.76
CA MET E 327 12.68 5.85 -3.77
C MET E 327 14.02 5.99 -4.47
N ASP E 328 15.10 6.11 -3.69
CA ASP E 328 16.42 6.28 -4.27
C ASP E 328 16.84 5.06 -5.07
N GLU E 329 16.52 3.87 -4.56
CA GLU E 329 16.92 2.64 -5.27
C GLU E 329 16.22 2.55 -6.62
N VAL E 330 14.91 2.82 -6.67
CA VAL E 330 14.21 2.72 -7.95
C VAL E 330 14.65 3.84 -8.88
N ILE E 331 14.92 5.03 -8.36
CA ILE E 331 15.41 6.12 -9.20
C ILE E 331 16.75 5.75 -9.82
N TYR E 332 17.66 5.19 -9.02
CA TYR E 332 18.96 4.80 -9.51
C TYR E 332 18.85 3.71 -10.57
N GLU E 333 18.10 2.65 -10.26
CA GLU E 333 17.99 1.55 -11.21
C GLU E 333 17.18 1.91 -12.44
N GLU E 334 16.41 3.00 -12.39
CA GLU E 334 15.70 3.47 -13.58
C GLU E 334 16.56 4.39 -14.43
N PHE E 335 17.42 5.18 -13.79
CA PHE E 335 18.40 5.97 -14.53
C PHE E 335 19.61 5.14 -14.95
N LYS E 336 19.81 3.97 -14.32
CA LYS E 336 20.84 3.07 -14.80
C LYS E 336 20.51 2.51 -16.17
N GLY E 337 19.22 2.43 -16.50
CA GLY E 337 18.77 1.94 -17.78
C GLY E 337 18.85 2.93 -18.92
N THR E 338 19.26 4.17 -18.64
CA THR E 338 19.43 5.18 -19.67
C THR E 338 20.82 5.78 -19.70
N GLY E 339 21.61 5.65 -18.64
CA GLY E 339 22.94 6.21 -18.60
C GLY E 339 23.98 5.31 -19.23
N ASN E 340 25.19 5.85 -19.35
CA ASN E 340 26.33 5.12 -19.89
C ASN E 340 27.43 4.92 -18.86
N MET E 341 27.90 5.98 -18.22
CA MET E 341 28.92 5.89 -17.20
C MET E 341 28.28 5.71 -15.83
N GLU E 342 28.85 4.83 -15.03
CA GLU E 342 28.36 4.61 -13.68
C GLU E 342 29.54 4.56 -12.74
N LEU E 343 29.51 5.37 -11.68
CA LEU E 343 30.59 5.39 -10.70
C LEU E 343 30.01 5.26 -9.31
N HIS E 344 30.50 4.27 -8.56
CA HIS E 344 29.97 3.95 -7.24
C HIS E 344 30.94 4.40 -6.17
N LEU E 345 30.44 5.10 -5.15
CA LEU E 345 31.18 5.40 -3.94
C LEU E 345 30.49 4.72 -2.77
N SER E 346 31.26 3.98 -1.99
CA SER E 346 30.70 3.17 -0.91
C SER E 346 31.02 3.81 0.43
N ARG E 347 30.04 3.77 1.34
CA ARG E 347 30.22 4.38 2.66
C ARG E 347 31.25 3.65 3.50
N LYS E 348 31.52 2.38 3.19
CA LYS E 348 32.53 1.64 3.97
C LYS E 348 33.92 2.23 3.76
N ILE E 349 34.26 2.57 2.52
CA ILE E 349 35.55 3.19 2.26
C ILE E 349 35.59 4.62 2.79
N ALA E 350 34.44 5.28 2.88
CA ALA E 350 34.40 6.64 3.43
C ALA E 350 34.60 6.63 4.94
N GLU E 351 33.97 5.69 5.64
CA GLU E 351 34.17 5.57 7.09
C GLU E 351 35.61 5.17 7.39
N LYS E 352 36.17 4.25 6.61
CA LYS E 352 37.60 3.97 6.71
C LYS E 352 38.44 5.15 6.25
N ARG E 353 37.82 6.15 5.61
CA ARG E 353 38.43 7.46 5.42
C ARG E 353 39.55 7.49 4.38
N VAL E 354 39.68 6.49 3.51
CA VAL E 354 40.66 6.55 2.45
C VAL E 354 39.97 7.06 1.19
N PHE E 355 40.41 8.23 0.71
CA PHE E 355 39.72 8.94 -0.35
C PHE E 355 40.58 8.99 -1.60
N PRO E 356 39.97 8.93 -2.79
CA PRO E 356 38.52 8.85 -3.06
C PRO E 356 37.93 7.49 -2.72
N ALA E 357 36.71 7.47 -2.19
CA ALA E 357 36.08 6.23 -1.73
C ALA E 357 35.28 5.62 -2.90
N ILE E 358 36.03 5.07 -3.85
CA ILE E 358 35.46 4.57 -5.10
C ILE E 358 35.36 3.06 -5.04
N ASP E 359 34.17 2.54 -5.34
CA ASP E 359 33.92 1.11 -5.42
C ASP E 359 34.31 0.64 -6.82
N TYR E 360 35.55 0.15 -6.93
CA TYR E 360 36.11 -0.16 -8.25
C TYR E 360 35.34 -1.27 -8.95
N ASN E 361 34.95 -2.32 -8.20
CA ASN E 361 34.29 -3.46 -8.83
C ASN E 361 32.89 -3.12 -9.32
N ARG E 362 32.23 -2.17 -8.66
CA ARG E 362 30.85 -1.82 -8.99
C ARG E 362 30.75 -0.62 -9.92
N SER E 363 31.88 -0.11 -10.40
CA SER E 363 31.91 1.09 -11.24
C SER E 363 32.49 0.74 -12.60
N GLY E 364 31.86 1.25 -13.65
CA GLY E 364 32.34 1.03 -15.01
C GLY E 364 31.51 1.80 -15.99
N THR E 365 31.96 1.79 -17.24
CA THR E 365 31.28 2.47 -18.33
C THR E 365 30.96 1.49 -19.45
N ARG E 366 29.99 1.87 -20.28
CA ARG E 366 29.57 1.06 -21.41
C ARG E 366 30.42 1.40 -22.63
N LYS E 367 30.92 0.36 -23.30
CA LYS E 367 31.75 0.51 -24.50
C LYS E 367 32.99 1.35 -24.20
N GLU E 368 33.79 0.85 -23.26
CA GLU E 368 35.04 1.52 -22.92
C GLU E 368 36.05 1.47 -24.05
N GLU E 369 35.94 0.49 -24.95
CA GLU E 369 36.90 0.37 -26.04
C GLU E 369 36.84 1.53 -27.01
N LEU E 370 35.73 2.27 -27.04
CA LEU E 370 35.60 3.41 -27.94
C LEU E 370 36.31 4.66 -27.41
N LEU E 371 36.65 4.68 -26.12
CA LEU E 371 37.34 5.81 -25.51
C LEU E 371 38.84 5.55 -25.38
N THR E 372 39.21 4.48 -24.69
CA THR E 372 40.61 4.14 -24.49
C THR E 372 41.19 3.45 -25.72
N THR E 373 42.50 3.56 -25.89
CA THR E 373 43.17 2.88 -26.98
C THR E 373 43.41 1.42 -26.62
N GLN E 374 43.94 0.65 -27.56
CA GLN E 374 44.10 -0.79 -27.38
C GLN E 374 45.02 -1.10 -26.21
N GLU E 375 46.20 -0.49 -26.18
CA GLU E 375 47.14 -0.75 -25.09
C GLU E 375 46.58 -0.30 -23.75
N GLU E 376 45.97 0.88 -23.72
CA GLU E 376 45.36 1.35 -22.48
C GLU E 376 44.23 0.44 -22.04
N LEU E 377 43.43 -0.04 -23.00
CA LEU E 377 42.34 -0.95 -22.65
C LEU E 377 42.88 -2.26 -22.07
N GLN E 378 43.96 -2.78 -22.65
CA GLN E 378 44.54 -4.02 -22.13
C GLN E 378 45.09 -3.81 -20.72
N LYS E 379 45.76 -2.67 -20.49
CA LYS E 379 46.26 -2.37 -19.15
C LYS E 379 45.12 -2.23 -18.14
N MET E 380 44.03 -1.58 -18.55
CA MET E 380 42.85 -1.50 -17.70
C MET E 380 42.28 -2.89 -17.42
N TRP E 381 42.28 -3.77 -18.42
CA TRP E 381 41.80 -5.13 -18.24
C TRP E 381 42.63 -5.86 -17.19
N ILE E 382 43.95 -5.75 -17.30
CA ILE E 382 44.84 -6.40 -16.35
C ILE E 382 44.62 -5.85 -14.95
N LEU E 383 44.51 -4.52 -14.84
CA LEU E 383 44.31 -3.91 -13.53
C LEU E 383 43.00 -4.35 -12.90
N ARG E 384 41.93 -4.41 -13.69
CA ARG E 384 40.64 -4.83 -13.15
C ARG E 384 40.68 -6.30 -12.74
N LYS E 385 41.34 -7.15 -13.54
CA LYS E 385 41.47 -8.55 -13.18
C LYS E 385 42.23 -8.71 -11.86
N ILE E 386 43.28 -7.92 -11.67
CA ILE E 386 44.04 -7.99 -10.43
C ILE E 386 43.20 -7.48 -9.25
N ILE E 387 42.48 -6.39 -9.45
CA ILE E 387 41.76 -5.75 -8.34
C ILE E 387 40.56 -6.59 -7.90
N HIS E 388 39.85 -7.19 -8.85
CA HIS E 388 38.53 -7.76 -8.56
C HIS E 388 38.50 -8.75 -7.40
N PRO E 389 39.41 -9.71 -7.27
CA PRO E 389 39.28 -10.67 -6.16
C PRO E 389 39.31 -10.03 -4.79
N MET E 390 40.06 -8.94 -4.61
CA MET E 390 40.13 -8.28 -3.33
C MET E 390 38.84 -7.51 -3.05
N GLY E 391 38.58 -7.28 -1.76
CA GLY E 391 37.42 -6.52 -1.36
C GLY E 391 37.55 -5.07 -1.76
N GLU E 392 36.49 -4.29 -1.47
CA GLU E 392 36.50 -2.89 -1.85
C GLU E 392 37.54 -2.10 -1.06
N ILE E 393 37.57 -2.31 0.26
CA ILE E 393 38.43 -1.50 1.13
C ILE E 393 39.90 -1.71 0.76
N ASP E 394 40.36 -2.95 0.83
CA ASP E 394 41.78 -3.22 0.63
C ASP E 394 42.20 -2.93 -0.81
N ALA E 395 41.31 -3.14 -1.78
CA ALA E 395 41.63 -2.77 -3.15
C ALA E 395 41.84 -1.27 -3.28
N MET E 396 40.96 -0.48 -2.67
CA MET E 396 41.12 0.97 -2.75
C MET E 396 42.41 1.43 -2.07
N GLU E 397 42.71 0.87 -0.88
CA GLU E 397 43.94 1.25 -0.20
C GLU E 397 45.16 0.85 -1.03
N PHE E 398 45.16 -0.37 -1.58
CA PHE E 398 46.29 -0.82 -2.38
C PHE E 398 46.49 0.08 -3.59
N LEU E 399 45.42 0.38 -4.30
CA LEU E 399 45.54 1.23 -5.48
C LEU E 399 46.05 2.61 -5.11
N ILE E 400 45.44 3.23 -4.08
CA ILE E 400 45.79 4.60 -3.72
C ILE E 400 47.23 4.69 -3.25
N ASN E 401 47.66 3.76 -2.41
CA ASN E 401 49.05 3.71 -1.97
C ASN E 401 49.97 3.15 -3.04
N LYS E 402 49.44 2.73 -4.19
CA LYS E 402 50.26 2.21 -5.27
C LYS E 402 50.50 3.21 -6.40
N LEU E 403 49.58 4.15 -6.64
CA LEU E 403 49.81 5.13 -7.71
C LEU E 403 50.14 6.52 -7.17
N ALA E 404 50.19 6.69 -5.85
CA ALA E 404 50.39 8.02 -5.29
C ALA E 404 51.76 8.59 -5.68
N MET E 405 52.80 7.78 -5.58
CA MET E 405 54.14 8.25 -5.89
C MET E 405 54.37 8.41 -7.38
N THR E 406 53.46 7.94 -8.22
CA THR E 406 53.60 8.04 -9.67
C THR E 406 52.83 9.26 -10.17
N LYS E 407 53.48 10.06 -11.02
CA LYS E 407 52.87 11.29 -11.50
C LYS E 407 51.77 11.01 -12.51
N THR E 408 52.03 10.13 -13.46
CA THR E 408 51.12 9.88 -14.57
C THR E 408 50.65 8.43 -14.55
N ASN E 409 49.42 8.21 -15.04
CA ASN E 409 48.86 6.87 -15.05
C ASN E 409 49.63 5.93 -15.96
N ASP E 410 50.20 6.45 -17.05
CA ASP E 410 50.99 5.59 -17.94
C ASP E 410 52.22 5.06 -17.22
N ASP E 411 52.91 5.91 -16.45
CA ASP E 411 54.05 5.44 -15.68
C ASP E 411 53.62 4.44 -14.62
N PHE E 412 52.45 4.65 -14.02
CA PHE E 412 51.93 3.68 -13.06
C PHE E 412 51.69 2.33 -13.73
N PHE E 413 51.12 2.34 -14.94
CA PHE E 413 50.89 1.10 -15.67
C PHE E 413 52.20 0.40 -15.99
N GLU E 414 53.20 1.15 -16.46
CA GLU E 414 54.47 0.52 -16.82
C GLU E 414 55.21 0.03 -15.58
N MET E 415 55.02 0.67 -14.43
CA MET E 415 55.65 0.19 -13.21
C MET E 415 54.92 -1.03 -12.65
N MET E 416 53.61 -1.11 -12.85
CA MET E 416 52.89 -2.36 -12.59
C MET E 416 53.43 -3.49 -13.47
N LYS E 417 53.62 -3.20 -14.76
CA LYS E 417 54.14 -4.22 -15.67
C LYS E 417 55.55 -4.65 -15.27
N ARG E 418 56.40 -3.71 -14.87
CA ARG E 418 57.74 -4.06 -14.42
C ARG E 418 57.72 -4.89 -13.15
N SER E 419 56.85 -4.54 -12.20
CA SER E 419 56.77 -5.27 -10.94
C SER E 419 55.37 -5.82 -10.72
N MET F 1 8.66 54.99 31.79
CA MET F 1 8.40 53.56 31.82
C MET F 1 8.03 53.02 30.46
N ASN F 2 7.47 51.81 30.44
CA ASN F 2 7.03 51.17 29.19
C ASN F 2 5.74 50.41 29.46
N LEU F 3 5.04 50.08 28.38
CA LEU F 3 3.80 49.30 28.51
C LEU F 3 4.10 47.92 29.10
N THR F 4 5.16 47.27 28.63
CA THR F 4 5.52 45.97 29.17
C THR F 4 5.88 46.05 30.65
N GLU F 5 6.44 47.18 31.07
CA GLU F 5 6.69 47.38 32.49
C GLU F 5 5.39 47.35 33.28
N LEU F 6 4.34 47.96 32.74
CA LEU F 6 3.03 47.89 33.39
C LEU F 6 2.46 46.47 33.32
N LYS F 7 2.77 45.72 32.26
CA LYS F 7 2.26 44.35 32.15
C LYS F 7 2.87 43.44 33.21
N ASN F 8 4.20 43.50 33.37
CA ASN F 8 4.85 42.55 34.28
C ASN F 8 4.58 42.92 35.74
N THR F 9 4.28 44.17 36.04
CA THR F 9 4.01 44.58 37.40
C THR F 9 2.68 43.98 37.89
N PRO F 10 2.56 43.70 39.18
CA PRO F 10 1.35 43.05 39.70
C PRO F 10 0.15 44.01 39.67
N VAL F 11 -1.02 43.41 39.85
CA VAL F 11 -2.27 44.17 39.81
C VAL F 11 -2.37 45.12 41.00
N SER F 12 -1.92 44.68 42.18
CA SER F 12 -2.08 45.49 43.38
C SER F 12 -1.29 46.79 43.29
N GLU F 13 -0.05 46.72 42.79
CA GLU F 13 0.76 47.93 42.66
C GLU F 13 0.13 48.92 41.69
N LEU F 14 -0.37 48.42 40.56
CA LEU F 14 -1.00 49.31 39.59
C LEU F 14 -2.29 49.91 40.13
N ILE F 15 -3.06 49.13 40.88
CA ILE F 15 -4.30 49.67 41.44
C ILE F 15 -4.00 50.72 42.51
N THR F 16 -2.93 50.52 43.28
CA THR F 16 -2.53 51.54 44.25
C THR F 16 -2.05 52.80 43.56
N LEU F 17 -1.29 52.65 42.47
CA LEU F 17 -0.84 53.81 41.71
C LEU F 17 -2.02 54.57 41.11
N GLY F 18 -3.01 53.85 40.58
CA GLY F 18 -4.18 54.51 40.05
C GLY F 18 -5.05 55.13 41.12
N GLU F 19 -5.01 54.58 42.33
CA GLU F 19 -5.78 55.18 43.42
C GLU F 19 -5.13 56.46 43.93
N ASN F 20 -3.80 56.48 44.05
CA ASN F 20 -3.13 57.66 44.58
C ASN F 20 -2.89 58.74 43.52
N MET F 21 -2.86 58.39 42.24
CA MET F 21 -2.57 59.35 41.18
C MET F 21 -3.75 59.58 40.25
N GLY F 22 -4.35 58.52 39.72
CA GLY F 22 -5.47 58.63 38.80
C GLY F 22 -6.81 58.50 39.50
N LEU F 23 -7.81 58.11 38.72
CA LEU F 23 -9.14 57.89 39.27
C LEU F 23 -9.13 56.67 40.20
N GLU F 24 -9.83 56.79 41.31
CA GLU F 24 -9.91 55.69 42.27
C GLU F 24 -10.68 54.51 41.67
N ASN F 25 -10.21 53.31 41.96
CA ASN F 25 -10.83 52.09 41.45
C ASN F 25 -10.88 51.03 42.54
N LEU F 26 -11.89 50.16 42.45
CA LEU F 26 -12.07 49.07 43.40
C LEU F 26 -11.49 47.75 42.89
N ALA F 27 -10.88 47.75 41.70
CA ALA F 27 -10.21 46.57 41.14
C ALA F 27 -11.17 45.39 41.00
N ARG F 28 -12.31 45.62 40.35
CA ARG F 28 -13.24 44.55 40.03
C ARG F 28 -13.56 44.52 38.54
N MET F 29 -12.69 45.09 37.72
CA MET F 29 -12.77 45.00 36.27
C MET F 29 -11.61 44.16 35.77
N ARG F 30 -11.48 44.10 34.44
CA ARG F 30 -10.31 43.49 33.84
C ARG F 30 -9.07 44.32 34.12
N LYS F 31 -7.93 43.64 34.33
CA LYS F 31 -6.68 44.36 34.56
C LYS F 31 -6.24 45.11 33.31
N GLN F 32 -6.59 44.59 32.13
CA GLN F 32 -6.24 45.27 30.88
C GLN F 32 -6.92 46.64 30.79
N ASP F 33 -8.19 46.71 31.18
CA ASP F 33 -8.90 47.99 31.20
C ASP F 33 -8.26 48.95 32.19
N ILE F 34 -7.83 48.44 33.35
CA ILE F 34 -7.14 49.28 34.34
C ILE F 34 -5.86 49.84 33.75
N ILE F 35 -5.08 48.99 33.07
CA ILE F 35 -3.84 49.44 32.46
C ILE F 35 -4.11 50.49 31.40
N PHE F 36 -5.13 50.27 30.56
CA PHE F 36 -5.47 51.22 29.51
C PHE F 36 -5.87 52.56 30.11
N ALA F 37 -6.71 52.54 31.15
CA ALA F 37 -7.14 53.80 31.77
C ALA F 37 -5.98 54.52 32.43
N ILE F 38 -5.10 53.79 33.12
CA ILE F 38 -3.96 54.42 33.77
C ILE F 38 -3.03 55.04 32.74
N LEU F 39 -2.78 54.33 31.64
CA LEU F 39 -1.93 54.88 30.59
C LEU F 39 -2.55 56.11 29.96
N LYS F 40 -3.86 56.08 29.73
CA LYS F 40 -4.55 57.24 29.15
C LYS F 40 -4.45 58.45 30.06
N GLN F 41 -4.69 58.25 31.37
CA GLN F 41 -4.61 59.35 32.30
C GLN F 41 -3.20 59.87 32.46
N HIS F 42 -2.19 59.00 32.37
CA HIS F 42 -0.81 59.44 32.46
C HIS F 42 -0.40 60.21 31.21
N ALA F 43 -0.89 59.79 30.03
CA ALA F 43 -0.58 60.51 28.80
C ALA F 43 -1.32 61.83 28.73
N LYS F 44 -2.48 61.94 29.38
CA LYS F 44 -3.21 63.21 29.39
C LYS F 44 -2.45 64.30 30.13
N SER F 45 -1.48 63.93 30.98
CA SER F 45 -0.70 64.93 31.70
C SER F 45 0.31 65.65 30.81
N GLY F 46 0.49 65.19 29.57
CA GLY F 46 1.42 65.81 28.65
C GLY F 46 2.73 65.07 28.47
N GLU F 47 3.03 64.10 29.33
CA GLU F 47 4.25 63.31 29.18
C GLU F 47 4.07 62.25 28.11
N ASP F 48 5.17 61.63 27.72
CA ASP F 48 5.20 60.64 26.65
C ASP F 48 5.25 59.24 27.23
N ILE F 49 4.40 58.35 26.72
CA ILE F 49 4.37 56.95 27.13
C ILE F 49 5.10 56.12 26.08
N PHE F 50 5.90 55.17 26.54
CA PHE F 50 6.71 54.35 25.67
C PHE F 50 6.07 52.98 25.45
N GLY F 51 6.47 52.34 24.36
CA GLY F 51 5.97 51.02 24.02
C GLY F 51 7.02 50.24 23.26
N ASP F 52 6.85 48.92 23.28
CA ASP F 52 7.80 48.01 22.65
C ASP F 52 7.02 46.83 22.09
N GLY F 53 7.59 46.21 21.07
CA GLY F 53 6.95 45.03 20.49
C GLY F 53 7.78 44.47 19.37
N VAL F 54 7.22 43.46 18.70
CA VAL F 54 7.82 42.85 17.52
C VAL F 54 6.83 43.02 16.38
N LEU F 55 7.28 43.62 15.29
CA LEU F 55 6.37 44.04 14.23
C LEU F 55 5.91 42.85 13.42
N GLU F 56 4.60 42.77 13.18
CA GLU F 56 4.00 41.84 12.24
C GLU F 56 3.25 42.62 11.19
N ILE F 57 3.47 42.28 9.93
CA ILE F 57 2.88 42.99 8.80
C ILE F 57 1.52 42.39 8.48
N LEU F 58 0.51 43.23 8.38
CA LEU F 58 -0.82 42.83 7.95
C LEU F 58 -0.96 43.08 6.44
N GLN F 59 -1.77 42.23 5.80
CA GLN F 59 -1.92 42.32 4.35
C GLN F 59 -2.59 43.62 3.90
N ASP F 60 -3.28 44.32 4.82
CA ASP F 60 -3.84 45.62 4.46
C ASP F 60 -2.74 46.65 4.24
N GLY F 61 -1.66 46.58 5.00
CA GLY F 61 -0.56 47.50 4.83
C GLY F 61 0.05 48.00 6.12
N PHE F 62 -0.77 48.10 7.16
CA PHE F 62 -0.28 48.54 8.46
C PHE F 62 0.36 47.37 9.19
N GLY F 63 0.80 47.61 10.42
CA GLY F 63 1.45 46.59 11.20
C GLY F 63 1.03 46.63 12.66
N PHE F 64 1.27 45.53 13.34
CA PHE F 64 0.96 45.42 14.77
C PHE F 64 2.16 44.92 15.53
N LEU F 65 2.45 45.54 16.67
CA LEU F 65 3.59 45.18 17.49
C LEU F 65 3.14 44.13 18.50
N ARG F 66 3.30 42.86 18.13
CA ARG F 66 2.93 41.77 19.01
C ARG F 66 3.92 41.65 20.16
N SER F 67 3.50 40.94 21.20
CA SER F 67 4.28 40.76 22.41
C SER F 67 4.57 39.28 22.63
N ALA F 68 5.74 39.00 23.23
CA ALA F 68 6.15 37.62 23.47
C ALA F 68 5.28 36.93 24.51
N ASP F 69 4.60 37.69 25.38
CA ASP F 69 3.74 37.08 26.38
C ASP F 69 2.60 36.32 25.73
N SER F 70 2.04 36.86 24.64
CA SER F 70 1.00 36.19 23.89
C SER F 70 1.54 35.28 22.80
N SER F 71 2.78 34.79 22.97
CA SER F 71 3.43 33.92 21.99
C SER F 71 3.48 34.57 20.61
N TYR F 72 3.77 35.88 20.59
CA TYR F 72 3.90 36.64 19.35
C TYR F 72 2.64 36.56 18.49
N LEU F 73 1.48 36.56 19.15
CA LEU F 73 0.20 36.49 18.46
C LEU F 73 -0.65 37.69 18.84
N ALA F 74 -1.83 37.77 18.21
CA ALA F 74 -2.72 38.90 18.41
C ALA F 74 -3.30 38.90 19.82
N GLY F 75 -2.80 39.80 20.67
CA GLY F 75 -3.29 39.92 22.02
C GLY F 75 -4.32 41.01 22.16
N PRO F 76 -4.67 41.32 23.40
CA PRO F 76 -5.62 42.42 23.63
C PRO F 76 -5.01 43.80 23.45
N ASP F 77 -3.74 43.98 23.80
CA ASP F 77 -3.00 45.20 23.50
C ASP F 77 -2.04 44.90 22.36
N ASP F 78 -2.15 45.67 21.28
CA ASP F 78 -1.34 45.49 20.08
C ASP F 78 -1.08 46.87 19.50
N ILE F 79 0.13 47.39 19.71
CA ILE F 79 0.46 48.72 19.25
C ILE F 79 0.33 48.79 17.74
N TYR F 80 -0.49 49.72 17.27
CA TYR F 80 -0.76 49.86 15.83
C TYR F 80 0.32 50.76 15.23
N VAL F 81 1.14 50.19 14.35
CA VAL F 81 2.16 50.94 13.63
C VAL F 81 1.65 51.20 12.22
N SER F 82 1.75 52.46 11.79
CA SER F 82 1.12 52.95 10.56
C SER F 82 1.89 52.48 9.33
N PRO F 83 1.20 52.35 8.19
CA PRO F 83 1.91 52.03 6.95
C PRO F 83 2.94 53.08 6.54
N SER F 84 2.68 54.35 6.86
CA SER F 84 3.61 55.41 6.50
C SER F 84 4.96 55.22 7.18
N GLN F 85 4.94 54.91 8.48
CA GLN F 85 6.20 54.69 9.20
C GLN F 85 6.95 53.49 8.65
N ILE F 86 6.23 52.43 8.29
CA ILE F 86 6.88 51.23 7.77
C ILE F 86 7.53 51.51 6.43
N ARG F 87 6.81 52.19 5.53
CA ARG F 87 7.47 52.65 4.30
C ARG F 87 8.68 53.52 4.60
N ARG F 88 8.56 54.41 5.60
CA ARG F 88 9.65 55.35 5.87
C ARG F 88 10.92 54.63 6.33
N PHE F 89 10.77 53.63 7.20
CA PHE F 89 11.92 52.95 7.77
C PHE F 89 12.20 51.61 7.10
N ASN F 90 11.47 51.27 6.04
CA ASN F 90 11.68 50.01 5.31
C ASN F 90 11.61 48.80 6.23
N LEU F 91 10.60 48.82 7.11
CA LEU F 91 10.44 47.76 8.09
C LEU F 91 9.73 46.55 7.49
N ARG F 92 10.09 45.37 7.98
CA ARG F 92 9.43 44.12 7.60
C ARG F 92 8.92 43.43 8.86
N THR F 93 8.15 42.37 8.64
CA THR F 93 7.61 41.60 9.75
C THR F 93 8.73 40.96 10.56
N GLY F 94 8.56 40.93 11.88
CA GLY F 94 9.56 40.39 12.77
C GLY F 94 10.56 41.38 13.31
N ASP F 95 10.43 42.67 12.97
CA ASP F 95 11.35 43.68 13.45
C ASP F 95 10.95 44.11 14.86
N THR F 96 11.84 43.90 15.82
CA THR F 96 11.57 44.40 17.17
C THR F 96 11.76 45.92 17.20
N ILE F 97 10.75 46.61 17.73
CA ILE F 97 10.67 48.06 17.65
C ILE F 97 10.24 48.61 19.00
N SER F 98 10.93 49.65 19.46
CA SER F 98 10.55 50.40 20.65
C SER F 98 10.42 51.87 20.28
N GLY F 99 9.37 52.50 20.79
CA GLY F 99 9.14 53.89 20.49
C GLY F 99 8.17 54.53 21.45
N LYS F 100 7.57 55.63 21.01
CA LYS F 100 6.59 56.37 21.79
C LYS F 100 5.21 56.09 21.23
N ILE F 101 4.26 55.76 22.12
CA ILE F 101 2.91 55.41 21.73
C ILE F 101 1.96 56.50 22.22
N ARG F 102 0.73 56.46 21.71
CA ARG F 102 -0.30 57.38 22.13
C ARG F 102 -1.57 56.61 22.44
N PRO F 103 -2.39 57.10 23.37
CA PRO F 103 -3.66 56.43 23.68
C PRO F 103 -4.56 56.40 22.45
N PRO F 104 -5.34 55.33 22.27
CA PRO F 104 -6.22 55.25 21.10
C PRO F 104 -7.28 56.34 21.12
N LYS F 105 -7.62 56.82 19.94
CA LYS F 105 -8.66 57.81 19.76
C LYS F 105 -9.94 57.14 19.27
N GLU F 106 -10.94 57.94 18.92
CA GLU F 106 -12.19 57.39 18.42
C GLU F 106 -11.97 56.69 17.08
N GLY F 107 -12.56 55.51 16.94
CA GLY F 107 -12.38 54.69 15.76
C GLY F 107 -11.26 53.69 15.84
N GLU F 108 -10.37 53.81 16.82
CA GLU F 108 -9.27 52.87 17.02
C GLU F 108 -9.37 52.28 18.42
N ARG F 109 -9.40 50.95 18.48
CA ARG F 109 -9.51 50.23 19.75
C ARG F 109 -8.16 49.82 20.31
N TYR F 110 -7.06 50.10 19.61
CA TYR F 110 -5.73 49.70 20.04
C TYR F 110 -4.81 50.91 20.05
N PHE F 111 -3.75 50.81 20.85
CA PHE F 111 -2.76 51.87 20.90
C PHE F 111 -2.02 51.97 19.57
N ALA F 112 -1.53 53.17 19.28
CA ALA F 112 -0.81 53.43 18.04
C ALA F 112 0.56 54.03 18.35
N LEU F 113 1.52 53.76 17.47
CA LEU F 113 2.87 54.25 17.62
C LEU F 113 3.05 55.50 16.76
N LEU F 114 3.60 56.55 17.36
CA LEU F 114 3.85 57.81 16.68
C LEU F 114 5.31 58.04 16.37
N LYS F 115 6.18 57.92 17.37
CA LYS F 115 7.62 58.09 17.20
C LYS F 115 8.32 56.82 17.65
N VAL F 116 9.20 56.30 16.79
CA VAL F 116 9.97 55.10 17.08
C VAL F 116 11.43 55.50 17.23
N ASN F 117 12.03 55.11 18.36
CA ASN F 117 13.41 55.52 18.66
C ASN F 117 14.36 54.34 18.76
N GLU F 118 13.89 53.11 18.48
CA GLU F 118 14.81 51.98 18.39
C GLU F 118 14.20 50.93 17.50
N VAL F 119 14.98 50.43 16.54
CA VAL F 119 14.58 49.35 15.65
C VAL F 119 15.68 48.30 15.69
N ASN F 120 15.33 47.10 16.17
CA ASN F 120 16.27 45.99 16.28
C ASN F 120 17.52 46.38 17.08
N PHE F 121 17.28 47.03 18.21
CA PHE F 121 18.33 47.34 19.20
C PHE F 121 19.42 48.22 18.62
N ASP F 122 19.06 49.12 17.70
CA ASP F 122 19.98 50.13 17.22
C ASP F 122 19.19 51.27 16.60
N LYS F 123 19.91 52.31 16.18
CA LYS F 123 19.30 53.49 15.59
C LYS F 123 18.51 53.11 14.34
N PRO F 124 17.25 53.53 14.22
CA PRO F 124 16.44 53.12 13.06
C PRO F 124 17.03 53.53 11.72
N GLU F 125 17.83 54.59 11.70
CA GLU F 125 18.46 55.03 10.46
C GLU F 125 19.32 53.93 9.85
N ASN F 126 20.09 53.24 10.69
CA ASN F 126 20.93 52.15 10.21
C ASN F 126 20.11 51.01 9.63
N ALA F 127 18.81 50.96 9.93
CA ALA F 127 17.93 49.93 9.37
C ALA F 127 17.41 50.30 7.99
N ARG F 128 17.75 51.48 7.47
CA ARG F 128 17.26 51.90 6.17
C ARG F 128 18.20 51.51 5.02
N ASN F 129 19.36 50.94 5.32
CA ASN F 129 20.31 50.55 4.28
C ASN F 129 20.88 49.15 4.49
N LYS F 130 20.27 48.35 5.37
CA LYS F 130 20.77 47.01 5.63
C LYS F 130 20.49 46.09 4.44
N ILE F 131 21.44 45.20 4.16
CA ILE F 131 21.25 44.22 3.10
C ILE F 131 20.19 43.21 3.53
N LEU F 132 19.31 42.85 2.59
CA LEU F 132 18.22 41.95 2.91
C LEU F 132 18.74 40.55 3.20
N PHE F 133 17.93 39.77 3.92
CA PHE F 133 18.35 38.43 4.31
C PHE F 133 18.58 37.53 3.10
N GLU F 134 17.68 37.59 2.12
CA GLU F 134 17.82 36.74 0.94
C GLU F 134 19.03 37.11 0.10
N ASN F 135 19.54 38.32 0.23
CA ASN F 135 20.69 38.76 -0.55
C ASN F 135 22.03 38.50 0.15
N LEU F 136 22.01 38.02 1.39
CA LEU F 136 23.25 37.68 2.07
C LEU F 136 23.85 36.41 1.47
N THR F 137 25.18 36.37 1.43
CA THR F 137 25.88 35.24 0.84
C THR F 137 26.15 34.20 1.91
N PRO F 138 25.52 33.03 1.87
CA PRO F 138 25.77 32.01 2.89
C PRO F 138 27.17 31.43 2.77
N LEU F 139 27.71 31.03 3.91
CA LEU F 139 29.01 30.40 3.99
C LEU F 139 28.91 29.14 4.84
N HIS F 140 30.02 28.44 4.97
CA HIS F 140 30.10 27.33 5.90
C HIS F 140 30.42 27.84 7.30
N ALA F 141 30.05 27.03 8.30
CA ALA F 141 30.29 27.41 9.68
C ALA F 141 31.79 27.56 9.93
N ASN F 142 32.16 28.66 10.58
CA ASN F 142 33.57 28.98 10.84
C ASN F 142 33.90 29.03 12.32
N SER F 143 33.12 29.76 13.11
CA SER F 143 33.39 29.92 14.53
C SER F 143 32.65 28.84 15.31
N ARG F 144 33.39 28.06 16.07
CA ARG F 144 32.80 26.94 16.81
C ARG F 144 32.11 27.43 18.07
N LEU F 145 30.97 26.82 18.37
CA LEU F 145 30.27 27.04 19.64
C LEU F 145 30.57 25.85 20.54
N ARG F 146 31.43 26.07 21.53
CA ARG F 146 31.85 25.01 22.44
C ARG F 146 30.84 24.90 23.58
N MET F 147 30.12 23.78 23.62
CA MET F 147 29.17 23.53 24.70
C MET F 147 29.82 22.98 25.96
N GLU F 148 31.10 22.61 25.89
CA GLU F 148 31.78 22.05 27.05
C GLU F 148 31.93 23.10 28.14
N ARG F 149 31.73 22.68 29.39
CA ARG F 149 31.87 23.54 30.55
C ARG F 149 32.99 23.01 31.43
N GLY F 150 33.59 23.91 32.21
CA GLY F 150 34.63 23.52 33.13
C GLY F 150 34.16 22.90 34.42
N ASN F 151 32.85 22.82 34.63
CA ASN F 151 32.32 22.26 35.87
C ASN F 151 32.71 20.80 36.04
N GLY F 152 32.62 20.02 34.98
CA GLY F 152 32.90 18.61 35.08
C GLY F 152 31.84 17.78 35.76
N SER F 153 30.64 18.34 35.95
CA SER F 153 29.57 17.65 36.66
C SER F 153 28.88 16.66 35.71
N THR F 154 27.76 16.10 36.16
CA THR F 154 27.05 15.10 35.36
C THR F 154 26.39 15.74 34.14
N GLU F 155 25.69 16.86 34.34
CA GLU F 155 24.98 17.49 33.23
C GLU F 155 25.95 18.03 32.18
N ASP F 156 27.21 18.25 32.54
CA ASP F 156 28.20 18.63 31.53
C ASP F 156 28.59 17.46 30.65
N LEU F 157 28.52 16.24 31.18
CA LEU F 157 28.98 15.05 30.47
C LEU F 157 28.43 15.02 29.04
N THR F 158 27.10 15.05 28.92
CA THR F 158 26.47 15.00 27.60
C THR F 158 27.05 16.08 26.68
N ALA F 159 27.14 17.31 27.19
CA ALA F 159 27.71 18.40 26.39
C ALA F 159 29.08 18.00 25.87
N ARG F 160 29.94 17.51 26.76
CA ARG F 160 31.27 17.07 26.35
C ARG F 160 31.18 16.03 25.24
N VAL F 161 30.29 15.04 25.42
CA VAL F 161 30.15 14.01 24.39
C VAL F 161 29.75 14.63 23.06
N LEU F 162 28.84 15.60 23.10
CA LEU F 162 28.46 16.28 21.87
C LEU F 162 29.67 16.98 21.25
N ASP F 163 30.47 17.63 22.08
CA ASP F 163 31.66 18.32 21.58
C ASP F 163 32.62 17.34 20.90
N LEU F 164 32.51 16.06 21.21
CA LEU F 164 33.33 15.05 20.55
C LEU F 164 32.65 14.47 19.32
N ALA F 165 31.32 14.37 19.33
CA ALA F 165 30.63 13.69 18.23
C ALA F 165 30.41 14.64 17.06
N SER F 166 29.66 15.71 17.29
CA SER F 166 29.30 16.67 16.24
C SER F 166 29.62 18.07 16.73
N PRO F 167 30.80 18.60 16.40
CA PRO F 167 31.09 20.00 16.72
C PRO F 167 30.07 20.92 16.07
N ILE F 168 29.70 21.97 16.80
CA ILE F 168 28.67 22.90 16.37
C ILE F 168 29.30 24.27 16.22
N GLY F 169 29.09 24.89 15.06
CA GLY F 169 29.56 26.23 14.79
C GLY F 169 28.41 27.19 14.57
N ARG F 170 28.75 28.47 14.47
CA ARG F 170 27.73 29.48 14.20
C ARG F 170 27.20 29.31 12.79
N GLY F 171 25.88 29.43 12.65
CA GLY F 171 25.25 29.20 11.37
C GLY F 171 25.06 27.75 11.01
N GLN F 172 25.12 26.85 11.99
CA GLN F 172 24.96 25.43 11.71
C GLN F 172 23.52 25.11 11.37
N ARG F 173 23.33 23.92 10.80
CA ARG F 173 22.00 23.36 10.54
C ARG F 173 22.04 21.94 11.10
N GLY F 174 21.63 21.81 12.36
CA GLY F 174 21.78 20.56 13.10
C GLY F 174 20.46 19.84 13.22
N LEU F 175 20.54 18.52 13.35
CA LEU F 175 19.36 17.68 13.52
C LEU F 175 19.65 16.65 14.59
N ILE F 176 18.88 16.67 15.67
CA ILE F 176 18.93 15.64 16.71
C ILE F 176 17.87 14.61 16.34
N VAL F 177 18.31 13.44 15.91
CA VAL F 177 17.43 12.41 15.36
C VAL F 177 17.41 11.23 16.32
N ALA F 178 16.22 10.82 16.74
CA ALA F 178 16.09 9.77 17.72
C ALA F 178 14.65 9.28 17.73
N PRO F 179 14.39 8.07 18.21
CA PRO F 179 13.01 7.64 18.48
C PRO F 179 12.49 8.29 19.74
N PRO F 180 11.20 8.13 20.05
CA PRO F 180 10.67 8.72 21.28
C PRO F 180 11.35 8.14 22.52
N LYS F 181 11.41 8.97 23.57
CA LYS F 181 11.98 8.60 24.86
C LYS F 181 13.46 8.22 24.75
N ALA F 182 14.21 8.93 23.90
CA ALA F 182 15.63 8.67 23.72
C ALA F 182 16.51 9.77 24.28
N GLY F 183 15.93 10.84 24.80
CA GLY F 183 16.69 11.91 25.41
C GLY F 183 16.90 13.14 24.57
N LYS F 184 16.01 13.42 23.61
CA LYS F 184 16.18 14.58 22.75
C LYS F 184 15.98 15.89 23.52
N THR F 185 14.89 15.97 24.29
CA THR F 185 14.57 17.22 24.97
C THR F 185 15.59 17.54 26.05
N MET F 186 16.05 16.54 26.78
CA MET F 186 17.08 16.78 27.79
C MET F 186 18.38 17.26 27.14
N LEU F 187 18.73 16.67 26.00
CA LEU F 187 19.91 17.13 25.28
C LEU F 187 19.75 18.57 24.81
N LEU F 188 18.56 18.92 24.33
CA LEU F 188 18.31 20.29 23.92
C LEU F 188 18.41 21.26 25.10
N GLN F 189 17.92 20.85 26.27
CA GLN F 189 18.05 21.67 27.46
C GLN F 189 19.52 21.85 27.84
N ASN F 190 20.31 20.78 27.75
CA ASN F 190 21.74 20.89 28.02
C ASN F 190 22.41 21.85 27.05
N ILE F 191 22.05 21.76 25.77
CA ILE F 191 22.61 22.66 24.77
C ILE F 191 22.24 24.10 25.08
N ALA F 192 20.98 24.34 25.47
CA ALA F 192 20.55 25.69 25.79
C ALA F 192 21.32 26.24 26.99
N GLN F 193 21.50 25.43 28.03
CA GLN F 193 22.23 25.90 29.19
C GLN F 193 23.69 26.20 28.85
N SER F 194 24.32 25.32 28.06
CA SER F 194 25.71 25.54 27.66
C SER F 194 25.84 26.79 26.81
N ILE F 195 24.87 27.05 25.93
CA ILE F 195 24.90 28.26 25.12
C ILE F 195 24.74 29.49 26.00
N ALA F 196 23.80 29.46 26.95
CA ALA F 196 23.57 30.61 27.80
C ALA F 196 24.78 30.89 28.68
N TYR F 197 25.53 29.86 29.07
CA TYR F 197 26.70 30.08 29.92
C TYR F 197 27.92 30.51 29.10
N ASN F 198 28.22 29.77 28.03
CA ASN F 198 29.44 30.01 27.27
C ASN F 198 29.34 31.23 26.38
N HIS F 199 28.18 31.46 25.76
CA HIS F 199 28.02 32.50 24.74
C HIS F 199 26.85 33.41 25.11
N PRO F 200 27.04 34.30 26.09
CA PRO F 200 25.98 35.27 26.41
C PRO F 200 25.68 36.23 25.28
N ASP F 201 26.63 36.47 24.38
CA ASP F 201 26.41 37.43 23.29
C ASP F 201 25.32 36.95 22.33
N CYS F 202 25.30 35.65 22.04
CA CYS F 202 24.36 35.12 21.07
C CYS F 202 22.93 35.24 21.58
N VAL F 203 22.00 35.47 20.66
CA VAL F 203 20.58 35.56 20.98
C VAL F 203 19.99 34.16 20.91
N LEU F 204 19.50 33.68 22.05
CA LEU F 204 18.95 32.33 22.16
C LEU F 204 17.44 32.39 22.16
N MET F 205 16.82 31.65 21.24
CA MET F 205 15.37 31.51 21.19
C MET F 205 15.03 30.03 21.14
N VAL F 206 14.13 29.60 22.02
CA VAL F 206 13.71 28.21 22.11
C VAL F 206 12.27 28.12 21.64
N LEU F 207 12.04 27.29 20.62
CA LEU F 207 10.71 27.13 20.03
C LEU F 207 10.27 25.69 20.24
N LEU F 208 9.18 25.50 20.98
CA LEU F 208 8.61 24.19 21.24
C LEU F 208 7.26 24.11 20.55
N ILE F 209 7.10 23.11 19.68
CA ILE F 209 5.88 22.94 18.90
C ILE F 209 5.29 21.57 19.21
N ASP F 210 4.02 21.55 19.61
CA ASP F 210 3.30 20.32 19.92
C ASP F 210 4.03 19.49 20.97
N GLU F 211 4.44 20.15 22.04
CA GLU F 211 5.15 19.50 23.14
C GLU F 211 4.28 19.46 24.38
N ARG F 212 4.69 18.62 25.33
CA ARG F 212 3.96 18.51 26.58
C ARG F 212 4.04 19.83 27.35
N PRO F 213 2.93 20.26 27.96
CA PRO F 213 2.96 21.54 28.70
C PRO F 213 3.93 21.56 29.86
N GLU F 214 4.15 20.42 30.52
CA GLU F 214 5.12 20.38 31.61
C GLU F 214 6.52 20.66 31.10
N GLU F 215 6.86 20.16 29.92
CA GLU F 215 8.14 20.47 29.31
C GLU F 215 8.23 21.96 28.99
N VAL F 216 7.11 22.56 28.57
CA VAL F 216 7.10 24.00 28.30
C VAL F 216 7.42 24.77 29.57
N THR F 217 6.79 24.40 30.68
CA THR F 217 7.06 25.08 31.94
C THR F 217 8.51 24.89 32.39
N GLU F 218 9.02 23.66 32.27
CA GLU F 218 10.40 23.40 32.66
C GLU F 218 11.37 24.23 31.81
N MET F 219 11.15 24.27 30.50
CA MET F 219 12.02 25.05 29.62
C MET F 219 11.95 26.53 29.96
N GLN F 220 10.74 27.04 30.21
CA GLN F 220 10.60 28.44 30.59
C GLN F 220 11.32 28.74 31.90
N ARG F 221 11.41 27.75 32.79
CA ARG F 221 12.03 28.02 34.08
C ARG F 221 13.55 27.90 34.04
N LEU F 222 14.09 26.96 33.27
CA LEU F 222 15.52 26.67 33.33
C LEU F 222 16.33 27.30 32.20
N VAL F 223 15.72 28.08 31.32
CA VAL F 223 16.42 28.67 30.18
C VAL F 223 16.58 30.16 30.41
N LYS F 224 17.81 30.65 30.32
CA LYS F 224 18.12 32.07 30.46
C LYS F 224 18.08 32.75 29.10
N GLY F 225 16.92 32.68 28.47
CA GLY F 225 16.70 33.30 27.18
C GLY F 225 15.23 33.58 27.00
N GLU F 226 14.77 33.45 25.76
CA GLU F 226 13.37 33.62 25.41
C GLU F 226 12.81 32.28 24.96
N VAL F 227 11.75 31.83 25.62
CA VAL F 227 11.10 30.56 25.30
C VAL F 227 9.69 30.88 24.83
N VAL F 228 9.37 30.47 23.61
CA VAL F 228 8.04 30.63 23.04
C VAL F 228 7.58 29.26 22.58
N ALA F 229 6.42 28.83 23.05
CA ALA F 229 5.98 27.45 22.85
C ALA F 229 4.49 27.41 22.54
N SER F 230 4.08 26.29 21.96
CA SER F 230 2.66 26.04 21.67
C SER F 230 2.43 24.54 21.84
N THR F 231 1.71 24.19 22.90
CA THR F 231 1.50 22.78 23.24
C THR F 231 0.50 22.14 22.28
N PHE F 232 0.22 20.85 22.51
CA PHE F 232 -0.69 20.12 21.65
C PHE F 232 -2.15 20.48 21.88
N ASP F 233 -2.46 21.25 22.92
CA ASP F 233 -3.81 21.71 23.19
C ASP F 233 -4.23 22.86 22.29
N GLU F 234 -3.46 23.16 21.25
CA GLU F 234 -3.66 24.33 20.41
C GLU F 234 -3.71 23.91 18.95
N PRO F 235 -4.45 24.66 18.12
CA PRO F 235 -4.58 24.27 16.72
C PRO F 235 -3.27 24.38 15.96
N ALA F 236 -3.17 23.57 14.89
CA ALA F 236 -1.96 23.60 14.07
C ALA F 236 -1.74 24.96 13.43
N SER F 237 -2.81 25.70 13.17
CA SER F 237 -2.68 27.04 12.61
C SER F 237 -1.89 27.94 13.56
N ARG F 238 -2.17 27.85 14.86
CA ARG F 238 -1.42 28.63 15.83
C ARG F 238 0.05 28.26 15.83
N HIS F 239 0.34 26.96 15.73
CA HIS F 239 1.74 26.53 15.61
C HIS F 239 2.40 27.18 14.41
N VAL F 240 1.69 27.23 13.28
CA VAL F 240 2.26 27.81 12.07
C VAL F 240 2.54 29.29 12.27
N GLN F 241 1.59 30.04 12.84
CA GLN F 241 1.81 31.47 13.05
C GLN F 241 2.99 31.71 13.99
N VAL F 242 3.09 30.92 15.06
CA VAL F 242 4.21 31.09 15.98
C VAL F 242 5.53 30.80 15.28
N ALA F 243 5.57 29.74 14.46
CA ALA F 243 6.81 29.41 13.76
C ALA F 243 7.21 30.51 12.80
N GLU F 244 6.25 31.05 12.04
CA GLU F 244 6.57 32.15 11.12
C GLU F 244 7.07 33.37 11.87
N MET F 245 6.42 33.71 12.99
CA MET F 245 6.86 34.88 13.74
C MET F 245 8.28 34.70 14.26
N VAL F 246 8.58 33.51 14.80
CA VAL F 246 9.92 33.25 15.34
C VAL F 246 10.96 33.32 14.24
N ILE F 247 10.69 32.68 13.10
CA ILE F 247 11.68 32.65 12.04
C ILE F 247 11.89 34.04 11.44
N GLU F 248 10.83 34.84 11.37
CA GLU F 248 10.98 36.20 10.85
C GLU F 248 11.79 37.07 11.80
N LYS F 249 11.53 36.94 13.11
CA LYS F 249 12.32 37.69 14.08
C LYS F 249 13.79 37.30 14.00
N ALA F 250 14.07 36.00 13.87
CA ALA F 250 15.44 35.55 13.73
C ALA F 250 16.08 36.12 12.47
N LYS F 251 15.33 36.12 11.36
CA LYS F 251 15.87 36.65 10.12
C LYS F 251 16.20 38.13 10.24
N ARG F 252 15.34 38.91 10.88
CA ARG F 252 15.62 40.33 11.07
C ARG F 252 16.86 40.53 11.95
N LEU F 253 16.95 39.78 13.04
CA LEU F 253 18.11 39.91 13.92
C LEU F 253 19.40 39.55 13.19
N VAL F 254 19.34 38.54 12.31
CA VAL F 254 20.50 38.20 11.49
C VAL F 254 20.82 39.33 10.51
N GLU F 255 19.78 39.92 9.92
CA GLU F 255 19.99 41.08 9.04
C GLU F 255 20.73 42.19 9.76
N HIS F 256 20.49 42.34 11.06
CA HIS F 256 21.18 43.35 11.85
C HIS F 256 22.51 42.86 12.42
N LYS F 257 23.12 41.86 11.79
CA LYS F 257 24.47 41.38 12.14
C LYS F 257 24.53 40.87 13.59
N LYS F 258 23.64 39.94 13.90
CA LYS F 258 23.61 39.31 15.22
C LYS F 258 23.63 37.80 15.06
N ASP F 259 24.39 37.13 15.92
CA ASP F 259 24.46 35.67 15.93
C ASP F 259 23.31 35.15 16.77
N VAL F 260 22.31 34.56 16.11
CA VAL F 260 21.13 34.07 16.81
C VAL F 260 21.09 32.55 16.70
N ILE F 261 20.51 31.92 17.72
CA ILE F 261 20.40 30.47 17.82
C ILE F 261 18.96 30.11 18.11
N ILE F 262 18.46 29.11 17.38
CA ILE F 262 17.12 28.59 17.56
C ILE F 262 17.22 27.12 17.92
N LEU F 263 16.54 26.72 18.99
CA LEU F 263 16.49 25.33 19.42
C LEU F 263 15.06 24.85 19.23
N LEU F 264 14.81 24.16 18.13
CA LEU F 264 13.47 23.74 17.75
C LEU F 264 13.23 22.31 18.22
N ASP F 265 12.19 22.12 19.00
CA ASP F 265 11.79 20.80 19.45
C ASP F 265 10.71 20.27 18.52
N SER F 266 10.91 19.05 18.02
CA SER F 266 9.97 18.37 17.14
C SER F 266 9.75 19.17 15.85
N ILE F 267 10.82 19.25 15.06
CA ILE F 267 10.68 19.72 13.68
C ILE F 267 9.73 18.80 12.92
N THR F 268 9.70 17.52 13.29
CA THR F 268 8.73 16.60 12.71
C THR F 268 7.31 17.10 12.95
N ARG F 269 7.00 17.46 14.20
CA ARG F 269 5.65 17.91 14.51
C ARG F 269 5.35 19.26 13.86
N LEU F 270 6.37 20.10 13.67
CA LEU F 270 6.17 21.31 12.88
C LEU F 270 5.77 20.98 11.45
N ALA F 271 6.41 19.95 10.87
CA ALA F 271 6.03 19.53 9.52
C ALA F 271 4.61 18.98 9.48
N ARG F 272 4.21 18.22 10.50
CA ARG F 272 2.83 17.73 10.55
C ARG F 272 1.85 18.88 10.67
N ALA F 273 2.17 19.89 11.48
CA ALA F 273 1.29 21.06 11.59
C ALA F 273 1.18 21.78 10.26
N TYR F 274 2.31 21.93 9.56
CA TYR F 274 2.28 22.56 8.24
C TYR F 274 1.41 21.77 7.27
N ASN F 275 1.52 20.45 7.29
CA ASN F 275 0.70 19.62 6.41
C ASN F 275 -0.78 19.75 6.75
N THR F 276 -1.10 19.77 8.03
CA THR F 276 -2.50 19.90 8.45
C THR F 276 -3.08 21.25 8.03
N VAL F 277 -2.32 22.32 8.20
CA VAL F 277 -2.87 23.65 7.94
C VAL F 277 -2.95 23.97 6.44
N VAL F 278 -2.18 23.29 5.61
CA VAL F 278 -2.15 23.63 4.18
C VAL F 278 -3.45 23.17 3.52
N PRO F 279 -4.00 23.93 2.57
CA PRO F 279 -5.15 23.43 1.82
C PRO F 279 -4.78 22.19 1.02
N ALA F 280 -5.73 21.26 0.92
CA ALA F 280 -5.50 20.03 0.18
C ALA F 280 -5.57 20.32 -1.31
N SER F 281 -4.45 20.11 -2.00
CA SER F 281 -4.38 20.39 -3.43
C SER F 281 -3.33 19.47 -4.05
N GLY F 282 -3.45 19.30 -5.37
CA GLY F 282 -2.49 18.48 -6.09
C GLY F 282 -2.53 17.03 -5.64
N LYS F 283 -1.35 16.42 -5.56
CA LYS F 283 -1.20 15.02 -5.20
C LYS F 283 -0.68 14.91 -3.76
N VAL F 284 -0.67 13.68 -3.27
CA VAL F 284 -0.17 13.35 -1.94
C VAL F 284 0.93 12.31 -2.07
N LEU F 285 1.98 12.45 -1.27
CA LEU F 285 3.12 11.56 -1.35
C LEU F 285 2.81 10.26 -0.60
N THR F 286 3.83 9.42 -0.43
CA THR F 286 3.68 8.21 0.36
C THR F 286 3.35 8.57 1.80
N GLY F 287 2.36 7.90 2.37
CA GLY F 287 1.87 8.26 3.67
C GLY F 287 0.76 9.29 3.59
N GLY F 288 0.60 10.04 4.68
CA GLY F 288 -0.43 11.06 4.74
C GLY F 288 0.11 12.47 4.55
N VAL F 289 1.32 12.58 4.02
CA VAL F 289 2.01 13.86 3.88
C VAL F 289 1.75 14.43 2.50
N ASP F 290 1.30 15.68 2.45
CA ASP F 290 1.09 16.36 1.19
C ASP F 290 2.42 16.69 0.52
N ALA F 291 2.37 16.90 -0.79
CA ALA F 291 3.59 17.17 -1.56
C ALA F 291 4.10 18.58 -1.30
N ASN F 292 3.30 19.58 -1.64
CA ASN F 292 3.71 20.97 -1.49
C ASN F 292 3.71 21.45 -0.04
N ALA F 293 3.11 20.69 0.87
CA ALA F 293 3.12 21.08 2.28
C ALA F 293 4.53 21.03 2.85
N LEU F 294 5.32 20.05 2.45
CA LEU F 294 6.66 19.86 3.00
C LEU F 294 7.62 20.97 2.59
N HIS F 295 7.26 21.81 1.62
CA HIS F 295 8.14 22.90 1.23
C HIS F 295 8.20 23.98 2.28
N ARG F 296 7.11 24.22 3.00
CA ARG F 296 7.09 25.27 4.03
C ARG F 296 8.10 25.02 5.15
N PRO F 297 8.19 23.84 5.77
CA PRO F 297 9.23 23.63 6.78
C PRO F 297 10.62 23.63 6.20
N LYS F 298 10.78 23.37 4.91
CA LYS F 298 12.11 23.41 4.31
C LYS F 298 12.70 24.81 4.38
N ARG F 299 11.88 25.85 4.13
CA ARG F 299 12.36 27.22 4.27
C ARG F 299 12.75 27.52 5.70
N PHE F 300 11.94 27.06 6.66
CA PHE F 300 12.25 27.28 8.07
C PHE F 300 13.60 26.67 8.43
N PHE F 301 13.82 25.42 8.04
CA PHE F 301 15.05 24.75 8.40
C PHE F 301 16.25 25.31 7.63
N GLY F 302 16.05 25.72 6.38
CA GLY F 302 17.12 26.25 5.57
C GLY F 302 17.41 27.70 5.76
N ALA F 303 16.64 28.41 6.59
CA ALA F 303 16.99 29.77 6.94
C ALA F 303 18.31 29.83 7.70
N ALA F 304 18.76 28.71 8.27
CA ALA F 304 20.00 28.68 9.02
C ALA F 304 21.19 28.75 8.08
N ARG F 305 22.02 29.78 8.25
CA ARG F 305 23.19 29.95 7.40
C ARG F 305 24.20 30.82 8.12
N ASN F 306 25.45 30.72 7.69
CA ASN F 306 26.53 31.56 8.20
C ASN F 306 26.76 32.68 7.18
N VAL F 307 26.37 33.89 7.53
CA VAL F 307 26.42 35.01 6.60
C VAL F 307 27.84 35.58 6.58
N GLU F 308 28.38 35.76 5.37
CA GLU F 308 29.71 36.32 5.23
C GLU F 308 29.77 37.78 5.68
N GLU F 309 28.69 38.52 5.45
CA GLU F 309 28.66 39.94 5.81
C GLU F 309 28.74 40.15 7.31
N GLY F 310 28.40 39.14 8.10
CA GLY F 310 28.38 39.27 9.54
C GLY F 310 27.10 38.76 10.16
N GLY F 311 27.20 38.07 11.28
CA GLY F 311 26.05 37.46 11.89
C GLY F 311 25.75 36.08 11.32
N SER F 312 25.00 35.30 12.08
CA SER F 312 24.68 33.94 11.68
C SER F 312 23.36 33.52 12.32
N LEU F 313 22.75 32.50 11.72
CA LEU F 313 21.53 31.90 12.24
C LEU F 313 21.79 30.41 12.40
N THR F 314 21.86 29.94 13.64
CA THR F 314 22.00 28.53 13.93
C THR F 314 20.64 27.96 14.26
N ILE F 315 20.36 26.75 13.76
CA ILE F 315 19.11 26.06 14.05
C ILE F 315 19.46 24.62 14.42
N ILE F 316 19.07 24.21 15.62
CA ILE F 316 19.23 22.84 16.07
C ILE F 316 17.84 22.30 16.33
N ALA F 317 17.41 21.33 15.53
CA ALA F 317 16.05 20.82 15.58
C ALA F 317 16.06 19.34 15.94
N THR F 318 15.03 18.92 16.67
CA THR F 318 14.88 17.53 17.07
C THR F 318 13.86 16.84 16.16
N ALA F 319 14.28 15.74 15.55
CA ALA F 319 13.43 14.98 14.64
C ALA F 319 13.08 13.63 15.26
N LEU F 320 12.16 12.92 14.60
CA LEU F 320 11.65 11.64 15.09
C LEU F 320 11.87 10.56 14.03
N ILE F 321 12.27 9.38 14.48
CA ILE F 321 12.44 8.20 13.63
C ILE F 321 12.00 6.98 14.43
N ASP F 322 12.10 5.81 13.78
CA ASP F 322 11.81 4.52 14.42
C ASP F 322 10.42 4.51 15.04
N THR F 323 9.46 5.11 14.35
CA THR F 323 8.07 5.14 14.78
C THR F 323 7.21 4.36 13.79
N GLY F 324 6.00 4.03 14.22
CA GLY F 324 5.08 3.30 13.37
C GLY F 324 4.40 4.12 12.31
N SER F 325 4.64 5.43 12.27
CA SER F 325 4.01 6.31 11.31
C SER F 325 4.94 6.54 10.13
N LYS F 326 4.43 6.33 8.92
CA LYS F 326 5.20 6.62 7.71
C LYS F 326 5.43 8.12 7.53
N MET F 327 4.57 8.96 8.10
CA MET F 327 4.69 10.39 7.91
C MET F 327 5.98 10.93 8.53
N ASP F 328 6.27 10.53 9.77
CA ASP F 328 7.47 11.01 10.43
C ASP F 328 8.73 10.56 9.70
N GLU F 329 8.75 9.30 9.26
CA GLU F 329 9.91 8.80 8.52
C GLU F 329 10.08 9.54 7.19
N VAL F 330 8.97 9.79 6.48
CA VAL F 330 9.05 10.50 5.22
C VAL F 330 9.60 11.91 5.45
N ILE F 331 9.12 12.57 6.51
CA ILE F 331 9.64 13.89 6.85
C ILE F 331 11.13 13.81 7.13
N TYR F 332 11.57 12.77 7.84
CA TYR F 332 12.99 12.65 8.15
C TYR F 332 13.83 12.50 6.89
N GLU F 333 13.43 11.60 5.98
CA GLU F 333 14.18 11.49 4.73
C GLU F 333 14.13 12.78 3.92
N GLU F 334 13.05 13.54 4.02
CA GLU F 334 13.03 14.84 3.34
C GLU F 334 13.94 15.85 4.01
N PHE F 335 14.25 15.67 5.29
CA PHE F 335 15.06 16.63 6.02
C PHE F 335 16.47 16.16 6.34
N LYS F 336 16.79 14.89 6.10
CA LYS F 336 18.10 14.38 6.49
C LYS F 336 19.22 14.93 5.62
N GLY F 337 18.93 15.21 4.35
CA GLY F 337 19.92 15.68 3.41
C GLY F 337 20.08 17.18 3.32
N THR F 338 19.46 17.94 4.22
CA THR F 338 19.54 19.39 4.18
C THR F 338 20.38 20.00 5.28
N GLY F 339 20.65 19.26 6.36
CA GLY F 339 21.39 19.80 7.48
C GLY F 339 22.88 19.54 7.39
N ASN F 340 23.65 20.43 7.98
CA ASN F 340 25.11 20.30 8.04
C ASN F 340 25.58 19.46 9.21
N MET F 341 24.70 19.13 10.15
CA MET F 341 25.10 18.37 11.33
C MET F 341 23.98 17.43 11.73
N GLU F 342 24.34 16.19 12.06
CA GLU F 342 23.38 15.21 12.55
C GLU F 342 23.92 14.56 13.81
N LEU F 343 23.04 14.35 14.77
CA LEU F 343 23.38 13.64 16.00
C LEU F 343 22.27 12.63 16.28
N HIS F 344 22.63 11.36 16.29
CA HIS F 344 21.67 10.28 16.43
C HIS F 344 21.68 9.75 17.86
N LEU F 345 20.50 9.60 18.44
CA LEU F 345 20.33 8.94 19.72
C LEU F 345 19.55 7.66 19.50
N SER F 346 20.09 6.54 19.98
CA SER F 346 19.48 5.23 19.81
C SER F 346 18.73 4.84 21.07
N ARG F 347 17.51 4.33 20.89
CA ARG F 347 16.69 3.96 22.04
C ARG F 347 17.27 2.78 22.81
N LYS F 348 18.14 1.98 22.19
CA LYS F 348 18.71 0.85 22.89
C LYS F 348 19.64 1.29 24.03
N ILE F 349 20.45 2.32 23.78
CA ILE F 349 21.29 2.85 24.84
C ILE F 349 20.44 3.52 25.92
N ALA F 350 19.35 4.16 25.51
CA ALA F 350 18.46 4.79 26.48
C ALA F 350 17.81 3.75 27.38
N GLU F 351 17.42 2.61 26.81
CA GLU F 351 16.85 1.54 27.62
C GLU F 351 17.83 1.01 28.65
N LYS F 352 19.13 1.10 28.35
CA LYS F 352 20.16 0.76 29.32
C LYS F 352 20.31 1.84 30.40
N ARG F 353 19.60 2.96 30.26
CA ARG F 353 19.73 4.11 31.16
C ARG F 353 21.17 4.62 31.17
N VAL F 354 21.81 4.59 30.01
CA VAL F 354 23.13 5.18 29.82
C VAL F 354 22.92 6.49 29.09
N PHE F 355 23.05 7.61 29.80
CA PHE F 355 22.79 8.90 29.20
C PHE F 355 24.06 9.73 29.14
N PRO F 356 24.31 10.42 28.00
CA PRO F 356 23.46 10.54 26.83
C PRO F 356 23.48 9.29 25.94
N ALA F 357 22.38 8.97 25.30
CA ALA F 357 22.27 7.77 24.46
C ALA F 357 22.66 8.06 23.02
N ILE F 358 23.84 8.67 22.83
CA ILE F 358 24.25 9.10 21.50
C ILE F 358 24.71 7.90 20.68
N ASP F 359 24.32 7.89 19.40
CA ASP F 359 24.85 6.92 18.44
C ASP F 359 26.09 7.55 17.81
N TYR F 360 27.26 7.20 18.35
CA TYR F 360 28.49 7.90 17.97
C TYR F 360 28.83 7.66 16.50
N ASN F 361 28.65 6.43 16.01
CA ASN F 361 29.04 6.12 14.65
C ASN F 361 28.21 6.89 13.63
N ARG F 362 26.92 7.04 13.89
CA ARG F 362 26.02 7.72 12.97
C ARG F 362 25.94 9.23 13.21
N SER F 363 26.71 9.76 14.16
CA SER F 363 26.68 11.17 14.49
C SER F 363 27.94 11.84 13.97
N GLY F 364 27.76 12.99 13.31
CA GLY F 364 28.90 13.73 12.81
C GLY F 364 28.42 15.04 12.22
N THR F 365 29.39 15.85 11.79
CA THR F 365 29.12 17.14 11.17
C THR F 365 29.92 17.27 9.90
N ARG F 366 29.40 18.08 8.98
CA ARG F 366 30.03 18.28 7.68
C ARG F 366 31.05 19.40 7.75
N LYS F 367 32.21 19.18 7.11
CA LYS F 367 33.28 20.17 7.05
C LYS F 367 33.71 20.61 8.44
N GLU F 368 33.99 19.62 9.30
CA GLU F 368 34.43 19.92 10.65
C GLU F 368 35.83 20.52 10.71
N GLU F 369 36.58 20.49 9.59
CA GLU F 369 37.90 21.09 9.58
C GLU F 369 37.85 22.61 9.75
N LEU F 370 36.71 23.22 9.48
CA LEU F 370 36.57 24.68 9.64
C LEU F 370 36.25 25.09 11.06
N LEU F 371 35.91 24.13 11.94
CA LEU F 371 35.54 24.45 13.31
C LEU F 371 36.56 23.99 14.35
N THR F 372 37.40 23.02 14.01
CA THR F 372 38.36 22.46 14.96
C THR F 372 39.78 22.71 14.48
N THR F 373 40.70 22.83 15.44
CA THR F 373 42.11 22.99 15.11
C THR F 373 42.72 21.64 14.73
N GLN F 374 43.97 21.67 14.31
CA GLN F 374 44.62 20.47 13.77
C GLN F 374 44.76 19.40 14.84
N GLU F 375 45.29 19.74 16.01
CA GLU F 375 45.50 18.75 17.06
C GLU F 375 44.19 18.19 17.56
N GLU F 376 43.19 19.05 17.77
CA GLU F 376 41.89 18.58 18.23
C GLU F 376 41.22 17.70 17.17
N LEU F 377 41.35 18.07 15.90
CA LEU F 377 40.83 17.23 14.83
C LEU F 377 41.50 15.86 14.84
N GLN F 378 42.83 15.83 15.02
CA GLN F 378 43.54 14.56 15.08
C GLN F 378 43.07 13.71 16.26
N LYS F 379 42.85 14.35 17.41
CA LYS F 379 42.40 13.60 18.59
C LYS F 379 41.02 13.02 18.38
N MET F 380 40.07 13.83 17.91
CA MET F 380 38.73 13.32 17.61
C MET F 380 38.80 12.24 16.54
N TRP F 381 39.73 12.37 15.61
CA TRP F 381 39.91 11.43 14.51
C TRP F 381 40.35 10.06 15.01
N ILE F 382 41.38 10.03 15.87
CA ILE F 382 41.82 8.77 16.43
C ILE F 382 40.77 8.21 17.39
N LEU F 383 40.04 9.08 18.10
CA LEU F 383 38.98 8.59 18.99
C LEU F 383 37.87 7.92 18.19
N ARG F 384 37.48 8.51 17.06
CA ARG F 384 36.48 7.89 16.21
C ARG F 384 36.99 6.57 15.65
N LYS F 385 38.27 6.53 15.28
CA LYS F 385 38.85 5.27 14.80
C LYS F 385 38.76 4.19 15.87
N ILE F 386 39.04 4.54 17.12
CA ILE F 386 38.97 3.57 18.21
C ILE F 386 37.52 3.13 18.44
N ILE F 387 36.59 4.09 18.42
CA ILE F 387 35.20 3.79 18.77
C ILE F 387 34.52 2.95 17.69
N HIS F 388 34.88 3.17 16.42
CA HIS F 388 34.14 2.59 15.31
C HIS F 388 33.91 1.08 15.40
N PRO F 389 34.89 0.25 15.76
CA PRO F 389 34.60 -1.19 15.85
C PRO F 389 33.55 -1.54 16.90
N MET F 390 33.47 -0.79 18.00
CA MET F 390 32.58 -1.17 19.09
C MET F 390 31.12 -0.93 18.73
N GLY F 391 30.24 -1.69 19.38
CA GLY F 391 28.82 -1.46 19.24
C GLY F 391 28.37 -0.19 19.95
N GLU F 392 27.18 0.28 19.58
CA GLU F 392 26.72 1.59 20.05
C GLU F 392 26.63 1.63 21.57
N ILE F 393 25.95 0.66 22.17
CA ILE F 393 25.82 0.64 23.63
C ILE F 393 27.18 0.51 24.28
N ASP F 394 28.01 -0.41 23.77
CA ASP F 394 29.36 -0.57 24.30
C ASP F 394 30.20 0.67 24.08
N ALA F 395 30.07 1.30 22.90
CA ALA F 395 30.85 2.50 22.62
C ALA F 395 30.52 3.62 23.59
N MET F 396 29.22 3.85 23.84
CA MET F 396 28.86 4.91 24.77
C MET F 396 29.16 4.56 26.23
N GLU F 397 29.04 3.29 26.62
CA GLU F 397 29.47 2.92 27.96
C GLU F 397 30.95 3.18 28.14
N PHE F 398 31.76 2.82 27.13
CA PHE F 398 33.19 3.08 27.18
C PHE F 398 33.46 4.58 27.26
N LEU F 399 32.79 5.37 26.42
CA LEU F 399 33.02 6.81 26.39
C LEU F 399 32.67 7.46 27.72
N ILE F 400 31.53 7.07 28.31
CA ILE F 400 31.15 7.61 29.61
C ILE F 400 32.17 7.19 30.67
N ASN F 401 32.60 5.93 30.64
CA ASN F 401 33.54 5.45 31.64
C ASN F 401 34.94 6.04 31.47
N LYS F 402 35.26 6.60 30.31
CA LYS F 402 36.61 7.11 30.08
C LYS F 402 36.75 8.61 30.32
N LEU F 403 35.68 9.39 30.21
CA LEU F 403 35.74 10.82 30.45
C LEU F 403 34.97 11.23 31.70
N ALA F 404 34.69 10.29 32.60
CA ALA F 404 33.97 10.62 33.82
C ALA F 404 34.86 11.32 34.84
N MET F 405 36.14 10.93 34.92
CA MET F 405 37.06 11.47 35.90
C MET F 405 37.82 12.69 35.42
N THR F 406 37.63 13.09 34.17
CA THR F 406 38.31 14.27 33.62
C THR F 406 37.31 15.42 33.54
N LYS F 407 37.76 16.60 33.93
CA LYS F 407 36.91 17.79 33.93
C LYS F 407 36.98 18.56 32.61
N THR F 408 37.86 18.17 31.69
CA THR F 408 38.00 18.89 30.43
C THR F 408 38.24 17.87 29.32
N ASN F 409 37.82 18.22 28.11
CA ASN F 409 38.03 17.34 26.96
C ASN F 409 39.51 17.17 26.65
N ASP F 410 40.29 18.24 26.81
CA ASP F 410 41.72 18.17 26.53
C ASP F 410 42.42 17.22 27.49
N ASP F 411 42.04 17.24 28.77
CA ASP F 411 42.62 16.32 29.74
C ASP F 411 42.30 14.88 29.38
N PHE F 412 41.05 14.61 28.98
CA PHE F 412 40.69 13.26 28.57
C PHE F 412 41.45 12.83 27.33
N PHE F 413 41.63 13.74 26.37
CA PHE F 413 42.41 13.42 25.18
C PHE F 413 43.86 13.08 25.54
N GLU F 414 44.47 13.87 26.41
CA GLU F 414 45.84 13.61 26.81
C GLU F 414 45.96 12.29 27.55
N MET F 415 45.01 11.99 28.43
CA MET F 415 45.06 10.73 29.17
C MET F 415 44.88 9.55 28.22
N MET F 416 43.99 9.68 27.25
CA MET F 416 43.81 8.62 26.26
C MET F 416 45.07 8.41 25.43
N LYS F 417 45.71 9.51 25.01
CA LYS F 417 46.90 9.40 24.18
C LYS F 417 48.11 8.89 24.97
N ARG F 418 48.13 9.08 26.28
CA ARG F 418 49.21 8.60 27.12
C ARG F 418 48.95 7.22 27.70
N SER F 419 47.77 6.65 27.45
CA SER F 419 47.43 5.33 27.98
C SER F 419 46.59 4.54 26.98
PB ADP H . -6.99 -8.08 27.45
O1B ADP H . -7.70 -7.09 28.35
O2B ADP H . -5.70 -7.53 26.89
O3B ADP H . -7.87 -8.76 26.45
PA ADP H . -7.04 -9.38 29.93
O1A ADP H . -6.13 -8.60 30.82
O2A ADP H . -8.53 -9.10 29.93
O3A ADP H . -6.52 -9.27 28.42
O5' ADP H . -6.87 -10.94 30.24
C5' ADP H . -5.85 -11.70 29.61
C4' ADP H . -5.86 -13.08 30.24
O4' ADP H . -4.62 -13.32 30.91
C3' ADP H . -6.97 -13.20 31.27
O3' ADP H . -7.99 -14.07 30.79
C2' ADP H . -6.33 -13.80 32.50
O2' ADP H . -6.81 -15.12 32.69
C1' ADP H . -4.84 -13.83 32.22
N9 ADP H . -4.16 -12.94 33.19
C8 ADP H . -3.77 -11.68 32.94
N7 ADP H . -3.18 -11.13 34.03
C5 ADP H . -3.19 -12.05 35.00
C6 ADP H . -2.73 -12.12 36.40
N6 ADP H . -2.12 -11.06 36.99
N1 ADP H . -2.93 -13.27 37.07
C2 ADP H . -3.54 -14.32 36.50
N3 ADP H . -3.98 -14.33 35.23
C4 ADP H . -3.83 -13.25 34.44
MG MG I . -9.21 -5.95 27.69
BE BEF J . -6.23 -7.16 25.36
F1 BEF J . -7.30 -7.81 24.47
F2 BEF J . -4.93 -6.83 24.56
F3 BEF J . -6.79 -5.83 25.93
PB ADP K . -10.75 -26.29 7.11
O1B ADP K . -9.99 -25.38 8.04
O2B ADP K . -10.41 -26.10 5.65
O3B ADP K . -12.22 -26.41 7.39
PA ADP K . -11.05 -29.05 7.17
O1A ADP K . -11.66 -29.52 8.46
O2A ADP K . -11.92 -28.77 5.97
O3A ADP K . -10.17 -27.74 7.46
O5' ADP K . -9.96 -30.14 6.73
C5' ADP K . -10.40 -31.28 6.01
C4' ADP K . -9.29 -32.32 5.94
O4' ADP K . -8.49 -32.29 7.12
C3' ADP K . -9.89 -33.70 5.83
O3' ADP K . -9.61 -34.27 4.57
C2' ADP K . -9.22 -34.53 6.90
O2' ADP K . -8.50 -35.60 6.29
C1' ADP K . -8.25 -33.60 7.61
N9 ADP K . -8.55 -33.65 9.06
C8 ADP K . -8.89 -32.59 9.81
N7 ADP K . -9.09 -32.95 11.10
C5 ADP K . -8.87 -34.28 11.18
C6 ADP K . -8.92 -35.29 12.25
N6 ADP K . -9.23 -34.96 13.53
N1 ADP K . -8.61 -36.56 11.92
C2 ADP K . -8.29 -36.91 10.66
N3 ADP K . -8.24 -36.04 9.64
C4 ADP K . -8.51 -34.73 9.83
MG MG L . -14.06 -26.06 6.31
BE BEF M . -10.78 -24.92 4.55
F1 BEF M . -10.54 -25.23 3.08
F2 BEF M . -9.91 -23.72 5.04
F3 BEF M . -12.26 -24.50 4.75
PB ADP N . 2.80 -24.31 -17.19
O1B ADP N . 2.77 -25.16 -15.96
O2B ADP N . 1.70 -24.60 -18.19
O3B ADP N . 3.03 -22.84 -16.94
PA ADP N . 4.08 -26.04 -18.94
O1A ADP N . 3.44 -27.21 -18.24
O2A ADP N . 3.51 -25.57 -20.25
O3A ADP N . 4.13 -24.80 -17.94
O5' ADP N . 5.64 -26.38 -19.15
C5' ADP N . 6.05 -26.96 -20.38
C4' ADP N . 7.51 -27.39 -20.29
O4' ADP N . 7.73 -28.12 -19.07
C3' ADP N . 7.82 -28.32 -21.44
O3' ADP N . 8.80 -27.74 -22.29
C2' ADP N . 8.41 -29.57 -20.82
O2' ADP N . 9.76 -29.74 -21.26
C1' ADP N . 8.39 -29.35 -19.32
N9 ADP N . 7.60 -30.45 -18.70
C8 ADP N . 6.54 -30.27 -17.91
N7 ADP N . 6.04 -31.46 -17.49
C5 ADP N . 6.80 -32.43 -18.05
C6 ADP N . 6.81 -33.90 -18.02
N6 ADP N . 5.89 -34.59 -17.32
N1 ADP N . 7.76 -34.53 -18.74
C2 ADP N . 8.68 -33.86 -19.45
N3 ADP N . 8.73 -32.51 -19.51
C4 ADP N . 7.82 -31.75 -18.85
MG MG O . -0.06 -23.70 -18.95
BE BEF P . 1.99 -21.55 -17.01
F1 BEF P . 2.84 -20.73 -17.98
F2 BEF P . 2.00 -20.94 -15.58
F3 BEF P . 0.52 -21.57 -17.49
PB ADP Q . 21.65 -3.88 -21.15
O1B ADP Q . 21.13 -3.44 -19.82
O2B ADP Q . 21.19 -3.06 -22.33
O3B ADP Q . 21.59 -5.37 -21.38
PA ADP Q . 24.14 -3.55 -22.39
O1A ADP Q . 23.88 -2.25 -23.09
O2A ADP Q . 23.96 -4.85 -23.15
O3A ADP Q . 23.22 -3.60 -21.07
O5' ADP Q . 25.62 -3.53 -21.76
C5' ADP Q . 26.68 -2.94 -22.50
C4' ADP Q . 28.00 -3.29 -21.84
O4' ADP Q . 28.07 -4.68 -21.59
C3' ADP Q . 29.15 -2.92 -22.76
O3' ADP Q . 30.00 -1.96 -22.13
C2' ADP Q . 29.94 -4.19 -22.97
O2' ADP Q . 31.30 -3.98 -22.59
C1' ADP Q . 29.31 -5.23 -22.06
N9 ADP Q . 29.05 -6.45 -22.84
C8 ADP Q . 27.85 -7.03 -23.02
N7 ADP Q . 27.95 -8.14 -23.79
C5 ADP Q . 29.24 -8.29 -24.11
C6 ADP Q . 30.03 -9.27 -24.89
N6 ADP Q . 29.43 -10.32 -25.50
N1 ADP Q . 31.36 -9.07 -24.98
C2 ADP Q . 31.96 -8.03 -24.38
N3 ADP Q . 31.30 -7.11 -23.65
C4 ADP Q . 29.96 -7.18 -23.48
MG MG R . 19.64 -2.21 -23.46
BE BEF S . 19.95 -2.30 -19.53
F1 BEF S . 20.84 -1.42 -18.66
F2 BEF S . 18.89 -3.06 -18.68
F3 BEF S . 19.16 -1.42 -20.54
PB ADP T . 27.94 14.75 -0.28
O1B ADP T . 27.77 15.94 0.62
O2B ADP T . 27.11 14.80 -1.54
O3B ADP T . 27.91 13.40 0.41
PA ADP T . 30.58 15.60 0.05
O1A ADP T . 30.35 17.09 -0.02
O2A ADP T . 31.91 15.01 -0.32
O3A ADP T . 29.44 14.89 -0.83
O5' ADP T . 30.30 15.15 1.57
C5' ADP T . 30.80 15.99 2.60
C4' ADP T . 31.94 15.32 3.38
O4' ADP T . 32.71 14.45 2.55
C3' ADP T . 32.89 16.37 3.92
O3' ADP T . 32.80 16.41 5.34
C2' ADP T . 34.27 15.92 3.49
O2' ADP T . 35.15 15.87 4.62
C1' ADP T . 34.08 14.53 2.92
N9 ADP T . 34.97 14.32 1.75
C8 ADP T . 34.57 13.99 0.52
N7 ADP T . 35.63 13.86 -0.33
C5 ADP T . 36.74 14.12 0.38
C6 ADP T . 38.19 14.16 0.10
N6 ADP T . 38.67 13.89 -1.14
N1 ADP T . 39.01 14.46 1.11
C2 ADP T . 38.55 14.73 2.35
N3 ADP T . 37.24 14.71 2.67
C4 ADP T . 36.31 14.41 1.75
MG MG U . 26.38 16.63 -1.49
BE BEF V . 26.39 12.88 0.82
F1 BEF V . 26.35 12.82 2.35
F2 BEF V . 26.64 11.48 0.19
F3 BEF V . 25.04 13.39 0.29
PB ADP W . 12.38 12.56 24.02
O1B ADP W . 13.78 12.07 24.22
O2B ADP W . 12.25 13.89 23.32
O3B ADP W . 11.45 11.49 23.49
PA ADP W . 12.69 13.40 26.73
O1A ADP W . 11.95 14.56 27.33
O2A ADP W . 14.13 13.60 26.31
O3A ADP W . 11.80 12.88 25.48
O5' ADP W . 12.63 12.21 27.81
C5' ADP W . 13.56 11.13 27.77
C4' ADP W . 13.69 10.56 29.18
O4' ADP W . 15.00 10.04 29.36
C3' ADP W . 13.50 11.65 30.22
O3' ADP W . 12.27 11.46 30.92
C2' ADP W . 14.66 11.51 31.19
O2' ADP W . 14.18 11.04 32.45
C1' ADP W . 15.59 10.49 30.58
N9 ADP W . 16.86 11.17 30.26
C8 ADP W . 17.24 11.61 29.05
N7 ADP W . 18.46 12.18 29.09
C5 ADP W . 18.89 12.12 30.36
C6 ADP W . 20.11 12.53 31.10
N6 ADP W . 21.13 13.16 30.46
N1 ADP W . 20.16 12.27 32.42
C2 ADP W . 19.15 11.65 33.06
N3 ADP W . 18.03 11.24 32.45
C4 ADP W . 17.84 11.44 31.13
MG MG X . 10.87 15.65 23.44
BE BEF Y . 9.98 11.94 22.85
F1 BEF Y . 8.54 11.49 23.11
F2 BEF Y . 10.45 11.54 21.42
F3 BEF Y . 10.08 13.48 22.95
#